data_7XHA
#
_entry.id   7XHA
#
_cell.length_a   1.00
_cell.length_b   1.00
_cell.length_c   1.00
_cell.angle_alpha   90.00
_cell.angle_beta   90.00
_cell.angle_gamma   90.00
#
_symmetry.space_group_name_H-M   'P 1'
#
loop_
_entity.id
_entity.type
_entity.pdbx_description
1 polymer 'Protein translocase subunit SecA'
2 polymer 'Protein translocase subunit SecY'
3 polymer 'Protein translocase subunit SecE'
4 polymer 'Translocating polypeptide'
5 non-polymer 'MAGNESIUM ION'
6 non-polymer 'BERYLLIUM TRIFLUORIDE ION'
7 non-polymer "ADENOSINE-5'-DIPHOSPHATE"
#
loop_
_entity_poly.entity_id
_entity_poly.type
_entity_poly.pdbx_seq_one_letter_code
_entity_poly.pdbx_strand_id
1 'polypeptide(L)'
;MLGILNKMFDPTKRTLNRYEKIANDIDAIRGDYENLSDDALKHKTIEFKERLEKGATTDDLLVEAFAVVREASRRVTGMF
PFKVQLMGGVALHDGNIAEMKTGEGKTLTSTLPVYLNALTGKGVHVVTVNEYLASRDAEQMGKIFEFLGLTVGLNLNSMS
KDEKREAYAADITYSTNNELGFDYLRDNMVLYKEQMVQRPLHFAVIDEVDSILIDEARTPLIISGQAAKSTKLYVQANAF
VRTLKAEKDYTYDIKTKAVQLTEEGMTKAEKAFGIDNLFDVKHVALNHHINQALKAHVAMQKDVDYVVEDGQVVIVDSFT
GRLMKGRRYSEGLHQAIEAKEGLEIQNESMTLATITFQNYFRMYEKLAGMTGTAKTEEEEFRNIYNMQVVTIPTNRPVVR
DDRPDLIYRTMEGKFKAVAEDVAQRYMTGQPVLVGTVAVETSELISKLLKNKGIPHQVLNAKNHEREAQIIEEAGQKGAV
TIATNMAGRGTDIKLGEGVKELGGLAVVGTERHESRRIDNQLRGRSGRQGDPGITQFYLSMEDELMRRFGAERTMAMLDR
FGMDDSTPIQSKMVSRAVESSQKRVEGNNFDSRKQLLQYDDVLRQQREVIYKQRFEVIDSENLREIVENMIKSSLERAIA
AYTPREELPEEWKLDGLVDLINTTYLDEGALEKSDIFGKEPDEMLELIMDRIITKYNEKEEQFGKEQMREFEKVIVLRAV
DSKWMDHIDAMDQLRQGIHLRAYAQTNPLREYQMEGFAMFEHMIESIEDEVAKFVMKA
;
A
2 'polypeptide(L)'
;MFRTISNFMRVSDIRNKIIFTLLMLIVFRIGTFIPVPSVNTDVLKLQDQLNAFGVLNIFCGGALQNFSIFAMGVMPYITA
SIIVQLLQMDVVPKFAEWSKQGEMGRRKLAQFTRYFTIVLGFIQALGMSYGFNNLAGGMLIQNPGIGTYLLIAVVLTAGT
AFLMWLGEQITAKGVGNGISIIIFAGIVSGIPTILNQIYAQQFENVGEDLFLRIVRLLLVALAVVAVIVGVIYIQQAFRK
IPIQYAKRLEGRNPVGGHSTHLPLKVNPAGVIPVIFAVSFLIAPPTIASFFGTNDVTLWIRRTFDYTHPVGMTIYVVLII
AFTYFYAFVQVNPEQMADNLKKQGGYIPGIRPGKNTQEYVTRILYRLTLVGSLFLAFIAVLPVFFVNFANLPPSAQIGGT
SLLIVVGVALETMKQLESQLVKRHYRGFIK
;
Y
3 'polypeptide(L)' MQRVTNFFKEVVRELKKVSWPNRKELVNYTAVVLATVAFFTVFFAVIDLGISQLIRLVFE E
4 'polypeptide(L)'
;MAKKTAIAIAVALAGFATVASYAQYEDGCSGELERQHTFAGGARSIASGYYYYSGDKLPEGVLQSGGSGSKGEELFTGVV
PILVELDGDVNGHKFSVRGEGEGDATNGKLTLKFICTTGKLPVPWPTLVTTLTYGVQCFSRYPDHMKRHDFFKSAMPEGY
VQERTISFKDDGTYKTRAEVKFEGDTLVNRIELKGIDFKEDGNILGHKLEYNFNSHNVYITADKQKNGIKANFKIRHNVE
DGSVQLADHYQQNTPIGDGPVLLPDNHYLSTQSVLSKDPNEKRDHMVLLEFVTAAGITHGSAG
;
B
#
loop_
_chem_comp.id
_chem_comp.type
_chem_comp.name
_chem_comp.formula
ADP non-polymer ADENOSINE-5'-DIPHOSPHATE 'C10 H15 N5 O10 P2'
BEF non-polymer 'BERYLLIUM TRIFLUORIDE ION' 'Be F3 -1'
MG non-polymer 'MAGNESIUM ION' 'Mg 2'
#
# COMPACT_ATOMS: atom_id res chain seq x y z
N ARG A 14 20.08 -27.95 -4.15
CA ARG A 14 21.20 -27.13 -3.72
C ARG A 14 21.15 -26.91 -2.20
N THR A 15 19.96 -27.03 -1.63
CA THR A 15 19.75 -26.98 -0.19
C THR A 15 19.06 -28.22 0.36
N LEU A 16 18.21 -28.87 -0.45
CA LEU A 16 17.50 -30.06 0.02
C LEU A 16 18.46 -31.23 0.20
N ASN A 17 19.45 -31.35 -0.68
CA ASN A 17 20.46 -32.40 -0.53
C ASN A 17 21.39 -32.10 0.64
N ARG A 18 21.60 -30.81 0.93
CA ARG A 18 22.34 -30.43 2.14
C ARG A 18 21.58 -30.83 3.40
N TYR A 19 20.27 -30.63 3.40
CA TYR A 19 19.43 -31.04 4.53
C TYR A 19 19.43 -32.54 4.69
N GLU A 20 19.38 -33.27 3.57
CA GLU A 20 19.46 -34.73 3.62
C GLU A 20 20.81 -35.20 4.13
N LYS A 21 21.88 -34.51 3.75
CA LYS A 21 23.22 -34.87 4.22
C LYS A 21 23.36 -34.68 5.72
N ILE A 22 22.85 -33.57 6.25
CA ILE A 22 22.93 -33.32 7.69
C ILE A 22 22.02 -34.30 8.44
N ALA A 23 20.87 -34.65 7.86
CA ALA A 23 19.98 -35.63 8.48
C ALA A 23 20.61 -37.01 8.52
N ASN A 24 21.32 -37.40 7.46
CA ASN A 24 22.04 -38.67 7.49
C ASN A 24 23.21 -38.63 8.46
N ASP A 25 23.81 -37.46 8.68
CA ASP A 25 24.86 -37.35 9.69
C ASP A 25 24.32 -37.55 11.10
N ILE A 26 23.14 -36.96 11.38
CA ILE A 26 22.52 -37.12 12.70
C ILE A 26 22.08 -38.57 12.90
N ASP A 27 21.52 -39.19 11.85
CA ASP A 27 21.15 -40.60 11.92
C ASP A 27 22.37 -41.51 12.02
N ALA A 28 23.53 -41.06 11.53
CA ALA A 28 24.76 -41.83 11.69
C ALA A 28 25.27 -41.77 13.12
N ILE A 29 25.20 -40.60 13.76
CA ILE A 29 25.73 -40.50 15.12
C ILE A 29 24.63 -40.77 16.15
N ARG A 30 23.46 -41.22 15.67
CA ARG A 30 22.40 -41.74 16.55
C ARG A 30 22.90 -42.83 17.51
N GLY A 31 23.74 -43.74 17.03
CA GLY A 31 24.17 -44.88 17.82
C GLY A 31 25.11 -44.56 18.96
N ASP A 32 25.69 -43.36 18.99
CA ASP A 32 26.60 -43.01 20.07
C ASP A 32 25.87 -42.55 21.32
N TYR A 33 24.72 -41.89 21.17
CA TYR A 33 24.00 -41.29 22.28
C TYR A 33 22.85 -42.16 22.79
N GLU A 34 22.71 -43.38 22.26
CA GLU A 34 21.58 -44.22 22.64
C GLU A 34 21.82 -45.03 23.90
N ASN A 35 23.07 -45.17 24.34
CA ASN A 35 23.39 -45.97 25.51
C ASN A 35 23.95 -45.12 26.65
N LEU A 36 23.51 -43.88 26.75
CA LEU A 36 23.95 -42.98 27.82
C LEU A 36 22.90 -42.92 28.93
N SER A 37 23.35 -42.48 30.09
CA SER A 37 22.46 -42.38 31.25
C SER A 37 21.64 -41.10 31.18
N ASP A 38 20.68 -40.99 32.11
CA ASP A 38 19.83 -39.81 32.17
C ASP A 38 20.60 -38.60 32.67
N ASP A 39 21.56 -38.80 33.57
CA ASP A 39 22.39 -37.70 34.04
C ASP A 39 23.45 -37.29 33.03
N ALA A 40 23.75 -38.14 32.05
CA ALA A 40 24.67 -37.75 31.00
C ALA A 40 24.05 -36.71 30.07
N LEU A 41 22.78 -36.90 29.73
CA LEU A 41 22.09 -35.93 28.88
C LEU A 41 21.74 -34.64 29.62
N LYS A 42 21.61 -34.70 30.94
CA LYS A 42 21.43 -33.46 31.70
C LYS A 42 22.74 -32.71 31.86
N HIS A 43 23.87 -33.42 31.88
CA HIS A 43 25.18 -32.79 31.84
C HIS A 43 25.55 -32.33 30.44
N LYS A 44 24.87 -32.87 29.43
CA LYS A 44 25.22 -32.59 28.04
C LYS A 44 24.88 -31.15 27.65
N THR A 45 23.83 -30.57 28.23
CA THR A 45 23.52 -29.17 27.95
C THR A 45 24.54 -28.22 28.59
N ILE A 46 25.07 -28.59 29.76
CA ILE A 46 26.16 -27.82 30.36
C ILE A 46 27.43 -27.95 29.50
N GLU A 47 27.65 -29.15 28.94
CA GLU A 47 28.78 -29.34 28.02
C GLU A 47 28.64 -28.49 26.77
N PHE A 48 27.44 -28.42 26.19
CA PHE A 48 27.23 -27.56 25.02
C PHE A 48 27.37 -26.09 25.36
N LYS A 49 26.93 -25.68 26.55
CA LYS A 49 27.02 -24.27 26.90
C LYS A 49 28.45 -23.86 27.20
N GLU A 50 29.23 -24.75 27.82
CA GLU A 50 30.66 -24.51 27.99
C GLU A 50 31.39 -24.53 26.65
N ARG A 51 30.90 -25.29 25.67
CA ARG A 51 31.52 -25.28 24.36
C ARG A 51 31.18 -24.00 23.58
N LEU A 52 29.95 -23.48 23.74
CA LEU A 52 29.63 -22.17 23.17
C LEU A 52 30.33 -21.04 23.89
N GLU A 53 30.72 -21.21 25.16
CA GLU A 53 31.49 -20.22 25.89
C GLU A 53 33.00 -20.35 25.60
N LYS A 54 33.37 -21.09 24.56
CA LYS A 54 34.76 -21.31 24.19
C LYS A 54 35.12 -20.71 22.84
N GLY A 55 34.14 -20.55 21.94
CA GLY A 55 34.42 -19.94 20.65
C GLY A 55 33.79 -20.67 19.48
N ALA A 56 32.92 -21.63 19.76
CA ALA A 56 32.23 -22.38 18.72
C ALA A 56 30.92 -21.70 18.35
N THR A 57 30.60 -21.70 17.06
CA THR A 57 29.34 -21.15 16.59
C THR A 57 28.23 -22.18 16.72
N THR A 58 26.98 -21.70 16.57
CA THR A 58 25.84 -22.60 16.68
C THR A 58 25.74 -23.55 15.50
N ASP A 59 26.26 -23.15 14.33
CA ASP A 59 26.13 -23.98 13.14
C ASP A 59 27.08 -25.17 13.15
N ASP A 60 28.19 -25.08 13.88
CA ASP A 60 29.17 -26.17 13.93
C ASP A 60 28.76 -27.28 14.89
N LEU A 61 27.67 -27.11 15.63
CA LEU A 61 27.27 -28.04 16.68
C LEU A 61 25.83 -28.52 16.45
N LEU A 62 25.33 -28.28 15.22
CA LEU A 62 23.97 -28.63 14.83
C LEU A 62 23.74 -30.13 14.92
N VAL A 63 24.71 -30.93 14.48
CA VAL A 63 24.53 -32.37 14.38
C VAL A 63 24.51 -33.02 15.77
N GLU A 64 25.38 -32.56 16.68
CA GLU A 64 25.37 -33.10 18.04
C GLU A 64 24.15 -32.62 18.81
N ALA A 65 23.73 -31.37 18.60
CA ALA A 65 22.54 -30.85 19.28
C ALA A 65 21.29 -31.60 18.86
N PHE A 66 21.14 -31.87 17.56
CA PHE A 66 19.95 -32.58 17.11
C PHE A 66 20.00 -34.05 17.50
N ALA A 67 21.20 -34.64 17.60
CA ALA A 67 21.27 -36.02 18.09
C ALA A 67 20.87 -36.11 19.55
N VAL A 68 21.24 -35.10 20.36
CA VAL A 68 20.87 -35.10 21.77
C VAL A 68 19.36 -34.90 21.95
N VAL A 69 18.77 -33.99 21.18
CA VAL A 69 17.31 -33.80 21.27
C VAL A 69 16.57 -35.02 20.72
N ARG A 70 17.12 -35.65 19.68
CA ARG A 70 16.48 -36.81 19.07
C ARG A 70 16.53 -38.03 19.98
N GLU A 71 17.53 -38.10 20.86
CA GLU A 71 17.49 -39.13 21.90
C GLU A 71 16.57 -38.75 23.05
N ALA A 72 16.62 -37.47 23.46
CA ALA A 72 15.90 -37.04 24.66
C ALA A 72 14.39 -37.06 24.48
N SER A 73 13.90 -36.76 23.28
CA SER A 73 12.46 -36.79 23.05
C SER A 73 11.92 -38.21 23.10
N ARG A 74 12.71 -39.19 22.65
CA ARG A 74 12.32 -40.59 22.81
C ARG A 74 12.34 -40.99 24.28
N ARG A 75 13.36 -40.53 25.03
CA ARG A 75 13.43 -40.81 26.46
C ARG A 75 12.23 -40.24 27.21
N VAL A 76 11.72 -39.09 26.79
CA VAL A 76 10.57 -38.50 27.48
C VAL A 76 9.27 -39.15 27.02
N THR A 77 8.93 -39.00 25.75
CA THR A 77 7.58 -39.30 25.28
C THR A 77 7.45 -40.60 24.50
N GLY A 78 8.55 -41.32 24.23
CA GLY A 78 8.48 -42.52 23.45
C GLY A 78 8.45 -42.33 21.94
N MET A 79 8.01 -41.17 21.45
CA MET A 79 8.05 -40.91 20.02
C MET A 79 9.47 -40.51 19.63
N PHE A 80 9.87 -40.93 18.43
CA PHE A 80 11.22 -40.73 17.97
C PHE A 80 11.18 -39.85 16.71
N PRO A 81 12.05 -38.86 16.61
CA PRO A 81 11.99 -37.95 15.45
C PRO A 81 12.40 -38.64 14.15
N PHE A 82 11.76 -38.22 13.07
CA PHE A 82 12.02 -38.76 11.75
C PHE A 82 13.12 -37.95 11.06
N LYS A 83 13.66 -38.52 9.98
CA LYS A 83 14.71 -37.84 9.22
C LYS A 83 14.15 -36.63 8.50
N VAL A 84 12.88 -36.69 8.09
CA VAL A 84 12.17 -35.55 7.54
C VAL A 84 12.08 -34.43 8.57
N GLN A 85 11.82 -34.78 9.83
CA GLN A 85 11.77 -33.79 10.90
C GLN A 85 13.13 -33.17 11.18
N LEU A 86 14.20 -33.93 10.93
CA LEU A 86 15.55 -33.39 11.07
C LEU A 86 15.88 -32.43 9.94
N MET A 87 15.43 -32.76 8.72
CA MET A 87 15.50 -31.83 7.59
C MET A 87 14.78 -30.52 7.91
N GLY A 88 13.59 -30.63 8.51
CA GLY A 88 12.86 -29.43 8.91
C GLY A 88 13.53 -28.66 10.03
N GLY A 89 14.20 -29.36 10.94
CA GLY A 89 14.93 -28.67 12.00
C GLY A 89 16.12 -27.89 11.48
N VAL A 90 16.87 -28.49 10.54
CA VAL A 90 17.99 -27.76 9.93
C VAL A 90 17.48 -26.59 9.10
N ALA A 91 16.37 -26.78 8.39
CA ALA A 91 15.80 -25.68 7.60
C ALA A 91 15.19 -24.59 8.47
N LEU A 92 14.84 -24.89 9.72
CA LEU A 92 14.48 -23.82 10.65
C LEU A 92 15.71 -23.13 11.21
N HIS A 93 16.78 -23.89 11.47
CA HIS A 93 17.97 -23.27 12.03
C HIS A 93 18.70 -22.39 11.02
N ASP A 94 18.52 -22.65 9.73
CA ASP A 94 19.13 -21.76 8.74
C ASP A 94 18.39 -20.43 8.58
N GLY A 95 17.24 -20.26 9.21
CA GLY A 95 16.59 -18.98 9.26
C GLY A 95 15.54 -18.70 8.19
N ASN A 96 14.95 -19.73 7.59
CA ASN A 96 13.92 -19.54 6.58
C ASN A 96 12.81 -20.57 6.80
N ILE A 97 11.72 -20.39 6.05
CA ILE A 97 10.47 -21.08 6.36
C ILE A 97 10.53 -22.52 5.84
N ALA A 98 10.19 -23.46 6.72
CA ALA A 98 10.28 -24.90 6.45
C ALA A 98 8.87 -25.46 6.32
N GLU A 99 8.35 -25.46 5.10
CA GLU A 99 7.01 -25.99 4.84
C GLU A 99 6.99 -27.50 4.91
N MET A 100 6.18 -28.04 5.81
CA MET A 100 5.91 -29.47 5.89
C MET A 100 4.41 -29.65 5.76
N LYS A 101 4.00 -30.78 5.18
CA LYS A 101 2.58 -31.01 4.92
C LYS A 101 1.82 -31.17 6.23
N THR A 102 0.51 -30.90 6.16
CA THR A 102 -0.29 -30.64 7.35
C THR A 102 -0.55 -31.93 8.10
N GLY A 103 0.24 -32.19 9.13
CA GLY A 103 0.01 -33.35 9.97
C GLY A 103 1.23 -34.24 10.15
N GLU A 104 2.41 -33.74 9.79
CA GLU A 104 3.59 -34.57 9.69
C GLU A 104 4.53 -34.48 10.89
N GLY A 105 4.22 -33.66 11.89
CA GLY A 105 5.06 -33.65 13.06
C GLY A 105 5.80 -32.35 13.32
N LYS A 106 5.12 -31.26 13.03
CA LYS A 106 5.65 -29.94 13.10
C LYS A 106 5.79 -29.25 14.39
N THR A 107 5.60 -29.93 15.47
CA THR A 107 5.99 -29.46 16.80
C THR A 107 7.29 -30.10 17.28
N LEU A 108 7.65 -31.28 16.79
CA LEU A 108 8.95 -31.83 17.14
C LEU A 108 10.05 -31.22 16.27
N THR A 109 9.69 -30.79 15.06
CA THR A 109 10.59 -29.94 14.29
C THR A 109 10.71 -28.56 14.89
N SER A 110 9.77 -28.14 15.74
CA SER A 110 10.01 -26.97 16.57
C SER A 110 10.90 -27.30 17.76
N THR A 111 10.78 -28.52 18.29
CA THR A 111 11.59 -28.95 19.42
C THR A 111 13.08 -28.96 19.07
N LEU A 112 13.42 -29.23 17.80
CA LEU A 112 14.83 -29.41 17.45
C LEU A 112 15.66 -28.12 17.52
N PRO A 113 15.37 -27.04 16.77
CA PRO A 113 16.34 -25.92 16.74
C PRO A 113 16.27 -25.00 17.94
N VAL A 114 15.15 -25.02 18.68
CA VAL A 114 14.97 -24.14 19.83
C VAL A 114 15.94 -24.51 20.94
N TYR A 115 16.28 -25.80 21.06
CA TYR A 115 17.32 -26.23 21.98
C TYR A 115 18.67 -25.63 21.61
N LEU A 116 19.02 -25.67 20.32
CA LEU A 116 20.33 -25.19 19.91
C LEU A 116 20.43 -23.67 20.01
N ASN A 117 19.35 -22.97 19.69
CA ASN A 117 19.38 -21.51 19.76
C ASN A 117 19.06 -20.97 21.15
N ALA A 118 18.68 -21.84 22.09
CA ALA A 118 18.56 -21.44 23.48
C ALA A 118 19.82 -21.72 24.30
N LEU A 119 20.82 -22.36 23.70
CA LEU A 119 22.09 -22.60 24.38
C LEU A 119 22.90 -21.32 24.56
N THR A 120 22.67 -20.30 23.74
CA THR A 120 23.46 -19.07 23.77
C THR A 120 23.21 -18.24 25.02
N GLY A 121 22.19 -18.55 25.81
CA GLY A 121 21.82 -17.78 26.97
C GLY A 121 20.71 -16.78 26.71
N LYS A 122 20.58 -16.32 25.47
CA LYS A 122 19.49 -15.43 25.13
C LYS A 122 18.20 -16.20 24.94
N GLY A 123 17.09 -15.51 25.09
CA GLY A 123 15.79 -16.16 25.06
C GLY A 123 15.36 -16.54 23.66
N VAL A 124 14.56 -17.59 23.58
CA VAL A 124 13.98 -18.05 22.32
C VAL A 124 12.47 -18.06 22.48
N HIS A 125 11.79 -17.25 21.70
CA HIS A 125 10.34 -17.21 21.70
C HIS A 125 9.83 -18.22 20.70
N VAL A 126 8.74 -18.90 21.03
CA VAL A 126 8.04 -19.75 20.07
C VAL A 126 6.62 -19.22 19.93
N VAL A 127 6.24 -18.87 18.72
CA VAL A 127 4.99 -18.18 18.44
C VAL A 127 3.99 -19.19 17.89
N THR A 128 2.73 -19.02 18.23
CA THR A 128 1.65 -19.84 17.67
C THR A 128 0.39 -18.99 17.63
N VAL A 129 -0.69 -19.55 17.10
CA VAL A 129 -1.85 -18.71 16.80
C VAL A 129 -2.77 -18.53 17.99
N ASN A 130 -2.85 -19.49 18.90
CA ASN A 130 -3.84 -19.41 19.97
C ASN A 130 -3.36 -20.16 21.21
N GLU A 131 -4.06 -19.89 22.31
CA GLU A 131 -3.60 -20.33 23.62
C GLU A 131 -3.71 -21.83 23.84
N TYR A 132 -4.63 -22.51 23.13
CA TYR A 132 -4.71 -23.96 23.24
C TYR A 132 -3.48 -24.64 22.65
N LEU A 133 -3.06 -24.21 21.45
CA LEU A 133 -1.86 -24.77 20.85
C LEU A 133 -0.61 -24.35 21.63
N ALA A 134 -0.61 -23.13 22.16
CA ALA A 134 0.48 -22.67 23.02
C ALA A 134 0.62 -23.55 24.26
N SER A 135 -0.50 -23.84 24.92
CA SER A 135 -0.46 -24.66 26.13
C SER A 135 -0.06 -26.10 25.82
N ARG A 136 -0.61 -26.67 24.75
CA ARG A 136 -0.32 -28.07 24.40
C ARG A 136 1.15 -28.26 24.04
N ASP A 137 1.66 -27.42 23.13
CA ASP A 137 3.08 -27.47 22.77
C ASP A 137 3.96 -27.14 23.96
N ALA A 138 3.50 -26.25 24.84
CA ALA A 138 4.32 -25.85 25.98
C ALA A 138 4.45 -26.98 27.00
N GLU A 139 3.37 -27.71 27.29
CA GLU A 139 3.51 -28.83 28.23
C GLU A 139 4.33 -29.97 27.64
N GLN A 140 4.09 -30.35 26.38
CA GLN A 140 4.82 -31.48 25.81
C GLN A 140 6.31 -31.18 25.64
N MET A 141 6.62 -30.06 24.99
CA MET A 141 8.01 -29.66 24.84
C MET A 141 8.63 -29.20 26.15
N GLY A 142 7.83 -28.82 27.14
CA GLY A 142 8.38 -28.54 28.45
C GLY A 142 8.84 -29.78 29.16
N LYS A 143 8.09 -30.88 28.99
CA LYS A 143 8.57 -32.17 29.48
C LYS A 143 9.88 -32.56 28.83
N ILE A 144 9.98 -32.38 27.49
CA ILE A 144 11.21 -32.74 26.77
C ILE A 144 12.39 -31.87 27.23
N PHE A 145 12.21 -30.55 27.23
CA PHE A 145 13.31 -29.63 27.53
C PHE A 145 13.70 -29.66 29.00
N GLU A 146 12.73 -29.78 29.91
CA GLU A 146 13.07 -29.82 31.33
C GLU A 146 13.58 -31.18 31.78
N PHE A 147 13.35 -32.23 30.99
CA PHE A 147 14.19 -33.43 31.16
C PHE A 147 15.59 -33.17 30.61
N LEU A 148 15.70 -32.41 29.54
CA LEU A 148 16.99 -32.27 28.88
C LEU A 148 17.88 -31.24 29.60
N GLY A 149 17.30 -30.25 30.27
CA GLY A 149 18.11 -29.39 31.10
C GLY A 149 17.74 -27.92 31.10
N LEU A 150 17.10 -27.44 30.04
CA LEU A 150 16.75 -26.03 29.94
C LEU A 150 15.52 -25.73 30.78
N THR A 151 15.14 -24.46 30.83
CA THR A 151 13.93 -24.02 31.50
C THR A 151 12.97 -23.42 30.47
N VAL A 152 11.68 -23.66 30.68
CA VAL A 152 10.64 -23.35 29.70
C VAL A 152 9.63 -22.42 30.35
N GLY A 153 9.39 -21.26 29.75
CA GLY A 153 8.35 -20.37 30.18
C GLY A 153 7.05 -20.64 29.45
N LEU A 154 6.07 -19.77 29.70
CA LEU A 154 4.76 -19.84 29.07
C LEU A 154 4.12 -18.48 29.26
N ASN A 155 3.55 -17.92 28.20
CA ASN A 155 2.99 -16.58 28.26
C ASN A 155 1.51 -16.67 27.92
N LEU A 156 0.68 -15.98 28.71
CA LEU A 156 -0.77 -16.00 28.54
C LEU A 156 -1.31 -14.59 28.66
N ASN A 157 -2.60 -14.46 28.36
CA ASN A 157 -3.29 -13.18 28.55
C ASN A 157 -3.58 -12.93 30.03
N SER A 158 -3.76 -13.98 30.81
CA SER A 158 -4.20 -13.88 32.19
C SER A 158 -3.08 -13.59 33.18
N MET A 159 -1.82 -13.68 32.75
CA MET A 159 -0.70 -13.55 33.67
C MET A 159 -0.46 -12.09 34.04
N SER A 160 -0.02 -11.90 35.28
CA SER A 160 0.46 -10.60 35.74
C SER A 160 1.85 -10.34 35.18
N LYS A 161 2.34 -9.10 35.40
CA LYS A 161 3.62 -8.70 34.83
C LYS A 161 4.79 -9.43 35.49
N ASP A 162 4.65 -9.81 36.77
CA ASP A 162 5.70 -10.57 37.43
C ASP A 162 5.80 -11.98 36.86
N GLU A 163 4.65 -12.63 36.63
CA GLU A 163 4.66 -13.95 36.01
C GLU A 163 5.13 -13.89 34.56
N LYS A 164 4.81 -12.81 33.84
CA LYS A 164 5.33 -12.65 32.49
C LYS A 164 6.83 -12.42 32.49
N ARG A 165 7.35 -11.70 33.48
CA ARG A 165 8.79 -11.46 33.54
C ARG A 165 9.54 -12.74 33.91
N GLU A 166 8.95 -13.55 34.78
CA GLU A 166 9.52 -14.88 35.06
C GLU A 166 9.37 -15.82 33.86
N ALA A 167 8.37 -15.57 33.01
CA ALA A 167 8.19 -16.40 31.82
C ALA A 167 9.23 -16.08 30.75
N TYR A 168 9.40 -14.80 30.43
CA TYR A 168 10.43 -14.40 29.48
C TYR A 168 11.84 -14.62 30.04
N ALA A 169 11.99 -14.59 31.37
CA ALA A 169 13.29 -14.82 31.98
C ALA A 169 13.76 -16.25 31.86
N ALA A 170 12.86 -17.18 31.56
CA ALA A 170 13.26 -18.53 31.22
C ALA A 170 13.91 -18.56 29.83
N ASP A 171 14.51 -19.70 29.50
CA ASP A 171 15.27 -19.80 28.26
C ASP A 171 14.35 -19.81 27.05
N ILE A 172 13.21 -20.49 27.16
CA ILE A 172 12.31 -20.75 26.03
C ILE A 172 10.91 -20.31 26.44
N THR A 173 10.30 -19.47 25.62
CA THR A 173 8.98 -18.91 25.92
C THR A 173 7.99 -19.33 24.84
N TYR A 174 6.93 -20.02 25.25
CA TYR A 174 5.81 -20.36 24.38
C TYR A 174 4.71 -19.33 24.57
N SER A 175 4.23 -18.78 23.46
CA SER A 175 3.31 -17.65 23.54
C SER A 175 2.51 -17.58 22.24
N THR A 176 1.55 -16.67 22.23
CA THR A 176 0.80 -16.37 21.01
C THR A 176 1.43 -15.14 20.36
N ASN A 177 0.81 -14.64 19.30
CA ASN A 177 1.35 -13.46 18.62
C ASN A 177 0.83 -12.15 19.22
N ASN A 178 -0.45 -12.14 19.61
CA ASN A 178 -1.07 -10.96 20.16
C ASN A 178 -0.43 -10.56 21.49
N GLU A 179 -0.03 -11.54 22.29
CA GLU A 179 0.57 -11.21 23.58
C GLU A 179 2.01 -10.77 23.44
N LEU A 180 2.74 -11.26 22.44
CA LEU A 180 4.07 -10.72 22.17
C LEU A 180 3.99 -9.28 21.71
N GLY A 181 3.03 -8.97 20.82
CA GLY A 181 2.89 -7.59 20.37
C GLY A 181 2.43 -6.66 21.46
N PHE A 182 1.52 -7.14 22.31
CA PHE A 182 1.03 -6.28 23.39
C PHE A 182 2.07 -6.13 24.50
N ASP A 183 2.93 -7.13 24.72
CA ASP A 183 4.00 -6.96 25.68
C ASP A 183 5.06 -6.00 25.17
N TYR A 184 5.36 -6.04 23.87
CA TYR A 184 6.28 -5.06 23.29
C TYR A 184 5.72 -3.65 23.40
N LEU A 185 4.43 -3.48 23.14
CA LEU A 185 3.84 -2.15 23.19
C LEU A 185 3.65 -1.66 24.62
N ARG A 186 3.50 -2.56 25.59
CA ARG A 186 3.45 -2.14 26.98
C ARG A 186 4.84 -2.06 27.62
N ASP A 187 5.89 -2.49 26.92
CA ASP A 187 7.24 -2.20 27.35
C ASP A 187 7.80 -0.94 26.73
N ASN A 188 7.27 -0.48 25.60
CA ASN A 188 7.58 0.86 25.12
C ASN A 188 6.60 1.90 25.61
N MET A 189 5.97 1.65 26.76
CA MET A 189 5.10 2.59 27.46
C MET A 189 5.40 2.56 28.96
N VAL A 190 6.64 2.28 29.32
CA VAL A 190 7.03 2.02 30.68
C VAL A 190 7.76 3.26 31.22
N LEU A 191 7.83 3.36 32.54
CA LEU A 191 8.52 4.46 33.19
C LEU A 191 9.89 4.08 33.74
N TYR A 192 10.13 2.79 34.02
CA TYR A 192 11.39 2.32 34.57
C TYR A 192 12.02 1.31 33.63
N LYS A 193 13.35 1.21 33.67
CA LYS A 193 14.04 0.22 32.87
C LYS A 193 13.93 -1.18 33.45
N GLU A 194 13.63 -1.31 34.75
CA GLU A 194 13.46 -2.60 35.39
C GLU A 194 12.01 -3.00 35.56
N GLN A 195 11.08 -2.17 35.08
CA GLN A 195 9.67 -2.49 35.14
C GLN A 195 9.18 -3.17 33.85
N MET A 196 9.91 -3.00 32.75
CA MET A 196 9.49 -3.59 31.50
C MET A 196 9.74 -5.10 31.51
N VAL A 197 9.03 -5.79 30.63
CA VAL A 197 8.84 -7.23 30.72
C VAL A 197 9.79 -7.97 29.79
N GLN A 198 9.70 -7.68 28.50
CA GLN A 198 10.30 -8.52 27.48
C GLN A 198 11.80 -8.26 27.37
N ARG A 199 12.55 -9.33 27.14
CA ARG A 199 13.99 -9.24 26.97
C ARG A 199 14.31 -8.66 25.59
N PRO A 200 15.57 -8.27 25.33
CA PRO A 200 15.95 -7.97 23.95
C PRO A 200 15.80 -9.17 23.03
N LEU A 201 15.23 -8.92 21.87
CA LEU A 201 14.67 -9.97 21.03
C LEU A 201 15.76 -10.72 20.30
N HIS A 202 15.68 -12.05 20.31
CA HIS A 202 16.73 -12.88 19.70
C HIS A 202 16.23 -13.74 18.57
N PHE A 203 15.20 -14.55 18.79
CA PHE A 203 14.88 -15.62 17.84
C PHE A 203 13.45 -16.09 18.10
N ALA A 204 12.67 -16.20 17.03
CA ALA A 204 11.24 -16.49 17.12
C ALA A 204 10.86 -17.56 16.10
N VAL A 205 10.71 -18.80 16.56
CA VAL A 205 10.21 -19.85 15.68
C VAL A 205 8.70 -19.69 15.60
N ILE A 206 8.25 -19.01 14.56
CA ILE A 206 6.83 -18.72 14.42
C ILE A 206 6.14 -19.91 13.76
N ASP A 207 5.05 -20.36 14.35
CA ASP A 207 4.28 -21.49 13.84
C ASP A 207 2.97 -20.97 13.25
N GLU A 208 2.53 -21.64 12.18
CA GLU A 208 1.44 -21.18 11.31
C GLU A 208 1.74 -19.80 10.76
N VAL A 209 2.80 -19.75 9.95
CA VAL A 209 3.31 -18.49 9.43
C VAL A 209 2.35 -17.90 8.42
N ASP A 210 1.68 -18.74 7.64
CA ASP A 210 0.67 -18.23 6.71
C ASP A 210 -0.55 -17.68 7.44
N SER A 211 -0.77 -18.07 8.69
CA SER A 211 -1.78 -17.40 9.48
C SER A 211 -1.27 -16.07 10.02
N ILE A 212 -0.07 -16.06 10.61
CA ILE A 212 0.33 -14.89 11.38
C ILE A 212 0.90 -13.78 10.49
N LEU A 213 1.87 -14.12 9.64
CA LEU A 213 2.55 -13.10 8.84
C LEU A 213 1.91 -12.86 7.48
N ILE A 214 0.88 -13.61 7.11
CA ILE A 214 0.21 -13.49 5.83
C ILE A 214 -1.25 -13.07 5.99
N ASP A 215 -2.01 -13.83 6.79
CA ASP A 215 -3.43 -13.54 6.91
C ASP A 215 -3.68 -12.37 7.85
N GLU A 216 -3.04 -12.40 9.00
CA GLU A 216 -3.13 -11.32 9.95
C GLU A 216 -2.11 -10.22 9.94
N ALA A 217 -1.23 -10.11 8.95
CA ALA A 217 -0.27 -9.00 8.91
C ALA A 217 -0.96 -7.70 8.71
N ARG A 218 -2.10 -7.73 8.08
CA ARG A 218 -2.87 -6.52 7.86
C ARG A 218 -3.13 -5.87 9.20
N THR A 219 -3.72 -6.65 10.06
CA THR A 219 -4.19 -6.11 11.30
C THR A 219 -3.09 -5.95 12.23
N PRO A 220 -3.00 -4.78 12.83
CA PRO A 220 -2.03 -4.41 13.85
C PRO A 220 -2.49 -4.70 15.27
N LEU A 221 -1.54 -4.90 16.17
CA LEU A 221 -1.83 -4.91 17.59
C LEU A 221 -1.79 -3.50 18.11
N ILE A 222 -2.79 -3.13 18.91
CA ILE A 222 -2.96 -1.76 19.36
C ILE A 222 -3.29 -1.82 20.84
N ILE A 223 -2.47 -1.18 21.66
CA ILE A 223 -2.76 -1.04 23.09
C ILE A 223 -3.38 0.33 23.26
N SER A 224 -4.54 0.49 23.83
CA SER A 224 -5.12 1.80 23.94
C SER A 224 -5.34 2.18 25.29
N GLY A 225 -5.28 3.44 25.57
CA GLY A 225 -5.46 3.91 26.90
C GLY A 225 -6.83 4.44 26.98
N GLN A 226 -7.22 4.74 28.18
CA GLN A 226 -8.52 5.27 28.54
C GLN A 226 -8.81 6.63 28.00
N ALA A 227 -10.07 6.95 27.90
CA ALA A 227 -10.41 8.31 27.53
C ALA A 227 -11.58 8.75 28.31
N ALA A 228 -11.97 10.00 28.11
CA ALA A 228 -13.20 10.43 28.75
C ALA A 228 -14.41 9.79 28.10
N LYS A 229 -15.47 9.68 28.87
CA LYS A 229 -16.69 9.01 28.43
C LYS A 229 -17.66 10.03 27.87
N SER A 230 -18.23 9.72 26.72
CA SER A 230 -19.44 10.35 26.24
C SER A 230 -20.48 9.27 26.01
N THR A 231 -21.73 9.62 26.23
CA THR A 231 -22.81 8.66 26.07
C THR A 231 -24.03 9.23 25.36
N LYS A 232 -24.25 10.55 25.37
CA LYS A 232 -25.54 11.06 24.90
C LYS A 232 -25.67 10.98 23.39
N LEU A 233 -24.58 10.74 22.66
CA LEU A 233 -24.80 10.49 21.22
C LEU A 233 -25.20 9.07 20.85
N TYR A 234 -24.58 8.04 21.40
CA TYR A 234 -24.90 6.69 20.95
C TYR A 234 -26.27 6.30 21.14
N VAL A 235 -26.86 6.55 22.28
CA VAL A 235 -28.22 6.13 22.46
C VAL A 235 -29.12 6.84 21.51
N GLN A 236 -28.97 8.14 21.33
CA GLN A 236 -29.85 8.82 20.41
C GLN A 236 -29.68 8.31 19.02
N ALA A 237 -28.45 8.08 18.58
CA ALA A 237 -28.25 7.60 17.23
C ALA A 237 -28.79 6.27 17.05
N ASN A 238 -28.62 5.40 18.02
CA ASN A 238 -29.20 4.10 17.86
C ASN A 238 -30.66 4.12 17.90
N ALA A 239 -31.26 5.00 18.67
CA ALA A 239 -32.71 5.12 18.72
C ALA A 239 -33.18 5.55 17.37
N PHE A 240 -32.51 6.49 16.74
CA PHE A 240 -32.89 6.84 15.42
C PHE A 240 -32.68 5.75 14.42
N VAL A 241 -31.64 4.90 14.48
CA VAL A 241 -31.50 3.92 13.40
C VAL A 241 -32.41 2.74 13.44
N ARG A 242 -32.86 2.37 14.61
CA ARG A 242 -33.85 1.34 14.87
C ARG A 242 -35.11 1.49 14.01
N THR A 243 -35.40 2.70 13.55
CA THR A 243 -36.61 2.96 12.78
C THR A 243 -36.33 3.34 11.33
N LEU A 244 -35.42 2.61 10.67
CA LEU A 244 -35.14 2.83 9.26
C LEU A 244 -35.52 1.61 8.44
N LYS A 245 -35.84 1.85 7.17
CA LYS A 245 -36.30 0.81 6.27
C LYS A 245 -35.15 0.23 5.46
N ALA A 246 -35.17 -1.10 5.29
CA ALA A 246 -33.98 -1.90 5.00
C ALA A 246 -33.34 -1.59 3.65
N GLU A 247 -34.10 -1.07 2.68
CA GLU A 247 -33.47 -0.67 1.42
C GLU A 247 -33.97 0.70 0.96
N LYS A 248 -35.04 1.22 1.53
CA LYS A 248 -35.45 2.58 1.22
C LYS A 248 -34.58 3.62 1.93
N ASP A 249 -34.22 3.37 3.19
CA ASP A 249 -33.50 4.38 3.96
C ASP A 249 -31.99 4.20 3.85
N TYR A 250 -31.49 3.00 4.08
CA TYR A 250 -30.07 2.71 3.94
C TYR A 250 -29.85 1.65 2.88
N THR A 251 -28.71 1.74 2.20
CA THR A 251 -28.30 0.75 1.20
C THR A 251 -27.15 -0.06 1.76
N TYR A 252 -27.41 -1.32 2.10
CA TYR A 252 -26.37 -2.21 2.57
C TYR A 252 -25.69 -2.85 1.36
N ASP A 253 -24.50 -2.38 1.04
CA ASP A 253 -23.69 -3.00 0.00
C ASP A 253 -23.20 -4.36 0.48
N ILE A 254 -23.49 -5.40 -0.30
CA ILE A 254 -23.13 -6.74 0.11
C ILE A 254 -21.64 -6.97 -0.03
N LYS A 255 -21.00 -6.33 -1.02
CA LYS A 255 -19.63 -6.67 -1.38
C LYS A 255 -18.63 -6.15 -0.36
N THR A 256 -18.59 -4.83 -0.17
CA THR A 256 -17.60 -4.22 0.69
C THR A 256 -18.10 -3.97 2.11
N LYS A 257 -19.36 -4.35 2.40
CA LYS A 257 -20.02 -4.17 3.70
C LYS A 257 -20.00 -2.71 4.15
N ALA A 258 -20.30 -1.81 3.23
CA ALA A 258 -20.34 -0.39 3.49
C ALA A 258 -21.77 0.10 3.42
N VAL A 259 -22.18 0.89 4.40
CA VAL A 259 -23.56 1.36 4.51
C VAL A 259 -23.59 2.88 4.34
N GLN A 260 -24.59 3.35 3.61
CA GLN A 260 -24.81 4.78 3.44
C GLN A 260 -26.31 5.03 3.51
N LEU A 261 -26.68 6.18 4.02
CA LEU A 261 -28.08 6.57 3.98
C LEU A 261 -28.43 7.04 2.58
N THR A 262 -29.67 6.78 2.17
CA THR A 262 -30.19 7.35 0.94
C THR A 262 -30.59 8.80 1.19
N GLU A 263 -31.07 9.48 0.15
CA GLU A 263 -31.48 10.88 0.34
C GLU A 263 -32.74 10.99 1.19
N GLU A 264 -33.62 10.00 1.10
CA GLU A 264 -34.76 9.93 2.02
C GLU A 264 -34.29 9.72 3.45
N GLY A 265 -33.23 8.91 3.64
CA GLY A 265 -32.69 8.71 4.96
C GLY A 265 -32.01 9.95 5.52
N MET A 266 -31.34 10.72 4.65
CA MET A 266 -30.74 11.98 5.06
C MET A 266 -31.80 13.00 5.45
N THR A 267 -32.91 13.02 4.70
CA THR A 267 -34.02 13.90 5.05
C THR A 267 -34.66 13.49 6.38
N LYS A 268 -34.79 12.18 6.61
CA LYS A 268 -35.31 11.69 7.88
C LYS A 268 -34.36 11.99 9.04
N ALA A 269 -33.05 11.97 8.80
CA ALA A 269 -32.09 12.32 9.84
C ALA A 269 -32.17 13.78 10.19
N GLU A 270 -32.22 14.65 9.18
CA GLU A 270 -32.34 16.09 9.42
C GLU A 270 -33.69 16.45 10.03
N LYS A 271 -34.72 15.64 9.79
CA LYS A 271 -36.02 15.84 10.42
C LYS A 271 -36.02 15.38 11.88
N ALA A 272 -35.39 14.23 12.15
CA ALA A 272 -35.42 13.66 13.49
C ALA A 272 -34.54 14.45 14.45
N PHE A 273 -33.38 14.92 14.00
CA PHE A 273 -32.49 15.66 14.88
C PHE A 273 -32.72 17.16 14.83
N GLY A 274 -33.67 17.64 14.03
CA GLY A 274 -34.00 19.05 13.98
C GLY A 274 -32.98 19.94 13.32
N ILE A 275 -31.96 19.36 12.70
CA ILE A 275 -30.88 20.14 12.10
C ILE A 275 -31.26 20.53 10.69
N ASP A 276 -30.53 21.49 10.13
CA ASP A 276 -30.82 22.01 8.80
C ASP A 276 -30.03 21.31 7.70
N ASN A 277 -28.92 20.67 8.04
CA ASN A 277 -28.07 20.00 7.05
C ASN A 277 -27.24 18.96 7.78
N LEU A 278 -27.36 17.70 7.35
CA LEU A 278 -26.61 16.64 8.03
C LEU A 278 -25.13 16.73 7.73
N PHE A 279 -24.77 16.89 6.46
CA PHE A 279 -23.38 16.87 6.01
C PHE A 279 -22.84 18.30 6.12
N ASP A 280 -22.02 18.53 7.14
CA ASP A 280 -21.57 19.88 7.47
C ASP A 280 -20.32 19.73 8.34
N VAL A 281 -19.73 20.87 8.72
CA VAL A 281 -18.66 20.84 9.71
C VAL A 281 -19.20 20.93 11.13
N LYS A 282 -20.45 21.35 11.29
CA LYS A 282 -21.03 21.51 12.62
C LYS A 282 -21.56 20.17 13.17
N HIS A 283 -21.94 19.26 12.29
CA HIS A 283 -22.62 18.03 12.69
C HIS A 283 -21.83 16.80 12.27
N VAL A 284 -20.49 16.91 12.29
CA VAL A 284 -19.65 15.77 11.94
C VAL A 284 -19.71 14.72 13.05
N ALA A 285 -19.96 15.12 14.29
CA ALA A 285 -20.03 14.17 15.39
C ALA A 285 -21.28 13.29 15.30
N LEU A 286 -22.44 13.91 15.11
CA LEU A 286 -23.65 13.11 14.99
C LEU A 286 -23.76 12.43 13.64
N ASN A 287 -23.09 12.95 12.60
CA ASN A 287 -22.95 12.19 11.36
C ASN A 287 -22.15 10.92 11.58
N HIS A 288 -21.08 11.01 12.38
CA HIS A 288 -20.30 9.83 12.73
C HIS A 288 -21.11 8.85 13.56
N HIS A 289 -21.94 9.35 14.45
CA HIS A 289 -22.72 8.45 15.30
C HIS A 289 -23.84 7.78 14.52
N ILE A 290 -24.41 8.45 13.51
CA ILE A 290 -25.39 7.79 12.65
C ILE A 290 -24.70 6.73 11.79
N ASN A 291 -23.50 7.02 11.28
CA ASN A 291 -22.76 6.04 10.49
C ASN A 291 -22.37 4.82 11.31
N GLN A 292 -21.94 5.03 12.56
CA GLN A 292 -21.53 3.90 13.38
C GLN A 292 -22.72 3.11 13.93
N ALA A 293 -23.85 3.78 14.23
CA ALA A 293 -25.04 3.04 14.61
C ALA A 293 -25.60 2.25 13.45
N LEU A 294 -25.51 2.79 12.23
CA LEU A 294 -25.95 2.05 11.05
C LEU A 294 -25.07 0.85 10.78
N LYS A 295 -23.75 1.03 10.92
CA LYS A 295 -22.80 -0.07 10.76
C LYS A 295 -23.01 -1.15 11.82
N ALA A 296 -23.30 -0.75 13.06
CA ALA A 296 -23.49 -1.73 14.12
C ALA A 296 -24.83 -2.44 14.01
N HIS A 297 -25.85 -1.79 13.42
CA HIS A 297 -27.12 -2.48 13.22
C HIS A 297 -27.05 -3.47 12.07
N VAL A 298 -26.60 -3.05 10.89
CA VAL A 298 -26.79 -3.90 9.72
C VAL A 298 -25.49 -4.44 9.12
N ALA A 299 -24.33 -3.86 9.43
CA ALA A 299 -23.11 -4.37 8.82
C ALA A 299 -22.66 -5.66 9.48
N MET A 300 -22.60 -5.69 10.81
CA MET A 300 -22.18 -6.86 11.56
C MET A 300 -23.33 -7.42 12.37
N GLN A 301 -23.49 -8.74 12.29
CA GLN A 301 -24.56 -9.45 12.97
C GLN A 301 -24.05 -10.09 14.25
N LYS A 302 -25.00 -10.47 15.11
CA LYS A 302 -24.76 -10.74 16.52
C LYS A 302 -23.78 -11.87 16.79
N ASP A 303 -24.16 -13.11 16.48
CA ASP A 303 -23.26 -14.22 16.72
C ASP A 303 -22.24 -14.38 15.60
N VAL A 304 -22.46 -13.74 14.45
CA VAL A 304 -21.48 -13.81 13.37
C VAL A 304 -20.21 -13.07 13.75
N ASP A 305 -20.33 -11.88 14.33
CA ASP A 305 -19.16 -11.07 14.60
C ASP A 305 -18.87 -10.76 16.06
N TYR A 306 -19.73 -11.15 17.01
CA TYR A 306 -19.37 -11.05 18.42
C TYR A 306 -20.15 -12.11 19.20
N VAL A 307 -20.08 -12.02 20.54
CA VAL A 307 -20.77 -12.91 21.47
C VAL A 307 -21.14 -12.08 22.69
N VAL A 308 -22.39 -12.19 23.14
CA VAL A 308 -22.86 -11.42 24.28
C VAL A 308 -22.78 -12.32 25.51
N GLU A 309 -21.70 -12.20 26.26
CA GLU A 309 -21.54 -12.89 27.54
C GLU A 309 -21.61 -11.90 28.69
N ASP A 310 -22.33 -12.31 29.75
CA ASP A 310 -22.53 -11.71 31.07
C ASP A 310 -22.55 -10.18 31.10
N GLY A 311 -23.29 -9.58 30.17
CA GLY A 311 -23.51 -8.15 30.18
C GLY A 311 -22.50 -7.32 29.43
N GLN A 312 -21.64 -7.92 28.62
CA GLN A 312 -20.71 -7.15 27.81
C GLN A 312 -20.50 -7.81 26.46
N VAL A 313 -20.35 -7.00 25.42
CA VAL A 313 -20.12 -7.49 24.07
C VAL A 313 -18.70 -8.01 23.99
N VAL A 314 -18.55 -9.31 23.77
CA VAL A 314 -17.24 -9.96 23.75
C VAL A 314 -17.04 -10.49 22.35
N ILE A 315 -16.13 -9.87 21.61
CA ILE A 315 -16.05 -10.10 20.18
C ILE A 315 -15.30 -11.41 19.90
N VAL A 316 -15.54 -11.95 18.71
CA VAL A 316 -14.82 -13.12 18.23
C VAL A 316 -13.71 -12.64 17.29
N ASP A 317 -12.61 -13.36 17.29
CA ASP A 317 -11.54 -13.04 16.35
C ASP A 317 -11.95 -13.50 14.96
N SER A 318 -11.51 -12.74 13.95
CA SER A 318 -11.93 -13.02 12.58
C SER A 318 -11.21 -14.23 12.00
N PHE A 319 -9.98 -14.49 12.43
CA PHE A 319 -9.14 -15.50 11.78
C PHE A 319 -9.11 -16.82 12.54
N THR A 320 -9.06 -16.79 13.86
CA THR A 320 -9.01 -18.02 14.64
C THR A 320 -10.33 -18.35 15.33
N GLY A 321 -11.33 -17.47 15.23
CA GLY A 321 -12.65 -17.76 15.73
C GLY A 321 -12.80 -17.89 17.22
N ARG A 322 -11.82 -17.38 17.98
CA ARG A 322 -11.85 -17.48 19.43
C ARG A 322 -12.32 -16.17 20.06
N LEU A 323 -12.53 -16.23 21.36
CA LEU A 323 -13.31 -15.23 22.08
C LEU A 323 -12.34 -14.24 22.73
N MET A 324 -12.08 -13.14 22.02
CA MET A 324 -11.16 -12.10 22.50
C MET A 324 -11.84 -11.31 23.61
N LYS A 325 -11.55 -11.65 24.85
CA LYS A 325 -12.28 -11.12 26.00
C LYS A 325 -11.74 -9.79 26.50
N GLY A 326 -10.77 -9.20 25.82
CA GLY A 326 -10.21 -7.95 26.28
C GLY A 326 -10.28 -6.82 25.27
N ARG A 327 -10.55 -7.15 24.01
CA ARG A 327 -10.37 -6.18 22.95
C ARG A 327 -11.67 -5.49 22.59
N ARG A 328 -11.55 -4.25 22.09
CA ARG A 328 -12.66 -3.34 21.89
C ARG A 328 -12.55 -2.76 20.49
N TYR A 329 -13.66 -2.57 19.77
CA TYR A 329 -13.60 -2.02 18.42
C TYR A 329 -13.19 -0.59 18.46
N SER A 330 -12.53 -0.14 17.41
CA SER A 330 -12.11 1.24 17.41
C SER A 330 -13.01 2.08 16.65
N GLU A 331 -12.84 3.38 16.80
CA GLU A 331 -13.65 4.44 16.23
C GLU A 331 -15.05 4.42 16.70
N GLY A 332 -15.24 4.13 17.95
CA GLY A 332 -16.56 4.20 18.48
C GLY A 332 -17.61 3.37 17.86
N LEU A 333 -17.29 2.14 17.51
CA LEU A 333 -18.16 1.09 16.98
C LEU A 333 -18.63 0.14 18.08
N HIS A 334 -17.76 -0.17 19.04
CA HIS A 334 -18.12 -1.07 20.11
C HIS A 334 -19.16 -0.44 21.04
N GLN A 335 -19.07 0.87 21.22
CA GLN A 335 -20.10 1.61 21.96
C GLN A 335 -21.42 1.62 21.19
N ALA A 336 -21.36 1.65 19.86
CA ALA A 336 -22.59 1.58 19.07
C ALA A 336 -23.22 0.20 19.15
N ILE A 337 -22.42 -0.86 19.26
CA ILE A 337 -22.95 -2.21 19.46
C ILE A 337 -23.61 -2.32 20.83
N GLU A 338 -22.92 -1.84 21.88
CA GLU A 338 -23.46 -1.85 23.22
C GLU A 338 -24.68 -0.95 23.38
N ALA A 339 -24.84 0.06 22.53
CA ALA A 339 -26.07 0.83 22.50
C ALA A 339 -27.14 0.16 21.67
N LYS A 340 -26.76 -0.65 20.68
CA LYS A 340 -27.73 -1.42 19.90
C LYS A 340 -28.44 -2.44 20.77
N GLU A 341 -27.68 -3.22 21.53
CA GLU A 341 -28.26 -4.33 22.26
C GLU A 341 -28.72 -3.96 23.66
N GLY A 342 -28.83 -2.67 23.97
CA GLY A 342 -29.41 -2.26 25.24
C GLY A 342 -28.54 -2.53 26.44
N LEU A 343 -27.23 -2.47 26.29
CA LEU A 343 -26.28 -2.67 27.38
C LEU A 343 -25.88 -1.32 27.95
N GLU A 344 -24.88 -1.32 28.83
CA GLU A 344 -24.32 -0.08 29.33
C GLU A 344 -23.13 0.33 28.48
N ILE A 345 -22.93 1.63 28.35
CA ILE A 345 -21.94 2.18 27.44
C ILE A 345 -20.68 2.47 28.24
N GLN A 346 -19.67 1.62 28.06
CA GLN A 346 -18.37 1.88 28.66
C GLN A 346 -17.68 3.01 27.92
N ASN A 347 -16.75 3.68 28.62
CA ASN A 347 -16.16 4.90 28.11
C ASN A 347 -15.20 4.62 26.96
N GLU A 348 -15.13 5.59 26.05
CA GLU A 348 -14.39 5.42 24.81
C GLU A 348 -12.91 5.72 25.04
N SER A 349 -12.07 5.11 24.19
CA SER A 349 -10.63 5.14 24.39
C SER A 349 -9.98 5.83 23.20
N MET A 350 -8.66 6.03 23.32
CA MET A 350 -7.89 6.63 22.24
C MET A 350 -6.53 5.94 22.20
N THR A 351 -5.94 5.92 21.00
CA THR A 351 -4.79 5.07 20.70
C THR A 351 -3.53 5.58 21.37
N LEU A 352 -2.90 4.71 22.17
CA LEU A 352 -1.62 5.03 22.80
C LEU A 352 -0.42 4.47 22.06
N ALA A 353 -0.57 3.36 21.37
CA ALA A 353 0.53 2.74 20.63
C ALA A 353 -0.04 1.85 19.54
N THR A 354 0.77 1.63 18.50
CA THR A 354 0.32 0.88 17.33
C THR A 354 1.52 0.20 16.66
N ILE A 355 1.37 -1.09 16.36
CA ILE A 355 2.34 -1.82 15.55
C ILE A 355 1.55 -2.78 14.66
N THR A 356 2.21 -3.29 13.63
CA THR A 356 1.70 -4.40 12.85
C THR A 356 2.53 -5.64 13.16
N PHE A 357 2.06 -6.80 12.70
CA PHE A 357 2.82 -8.03 12.92
C PHE A 357 4.03 -8.10 12.01
N GLN A 358 3.93 -7.50 10.83
CA GLN A 358 5.08 -7.38 9.94
C GLN A 358 6.19 -6.57 10.59
N ASN A 359 5.85 -5.39 11.08
CA ASN A 359 6.85 -4.51 11.69
C ASN A 359 7.28 -4.99 13.06
N TYR A 360 6.49 -5.85 13.70
CA TYR A 360 6.96 -6.46 14.95
C TYR A 360 7.95 -7.58 14.68
N PHE A 361 7.60 -8.52 13.81
CA PHE A 361 8.50 -9.64 13.56
C PHE A 361 9.68 -9.27 12.67
N ARG A 362 9.71 -8.06 12.10
CA ARG A 362 10.95 -7.57 11.52
C ARG A 362 11.93 -7.02 12.56
N MET A 363 11.63 -7.10 13.85
CA MET A 363 12.53 -6.63 14.88
C MET A 363 13.33 -7.74 15.53
N TYR A 364 13.01 -8.99 15.25
CA TYR A 364 13.81 -10.09 15.76
C TYR A 364 15.12 -10.18 15.02
N GLU A 365 16.16 -10.58 15.76
CA GLU A 365 17.49 -10.76 15.18
C GLU A 365 17.50 -11.91 14.18
N LYS A 366 16.63 -12.90 14.36
CA LYS A 366 16.59 -14.06 13.48
C LYS A 366 15.18 -14.62 13.49
N LEU A 367 14.53 -14.66 12.33
CA LEU A 367 13.25 -15.31 12.19
C LEU A 367 13.41 -16.72 11.64
N ALA A 368 12.44 -17.57 11.96
CA ALA A 368 12.36 -18.92 11.45
C ALA A 368 10.91 -19.34 11.54
N GLY A 369 10.43 -20.12 10.57
CA GLY A 369 9.02 -20.44 10.57
C GLY A 369 8.68 -21.74 9.89
N MET A 370 7.44 -22.18 10.12
CA MET A 370 6.92 -23.39 9.51
C MET A 370 5.41 -23.31 9.44
N THR A 371 4.84 -23.99 8.45
CA THR A 371 3.40 -24.02 8.26
C THR A 371 3.06 -25.25 7.41
N GLY A 372 1.81 -25.33 6.96
CA GLY A 372 1.37 -26.46 6.17
C GLY A 372 1.22 -26.13 4.70
N THR A 373 1.02 -24.85 4.40
CA THR A 373 0.79 -24.37 3.04
C THR A 373 1.50 -23.03 2.88
N ALA A 374 2.59 -23.01 2.12
CA ALA A 374 3.40 -21.80 1.97
C ALA A 374 3.82 -21.48 0.54
N LYS A 375 3.80 -22.44 -0.38
CA LYS A 375 4.23 -22.17 -1.75
C LYS A 375 3.27 -21.26 -2.51
N THR A 376 2.05 -21.07 -1.99
CA THR A 376 1.17 -20.04 -2.51
C THR A 376 1.73 -18.64 -2.21
N GLU A 377 2.41 -18.47 -1.08
CA GLU A 377 2.85 -17.16 -0.62
C GLU A 377 4.37 -17.07 -0.50
N GLU A 378 5.10 -17.96 -1.18
CA GLU A 378 6.57 -17.94 -1.18
C GLU A 378 7.11 -16.63 -1.75
N GLU A 379 6.44 -16.09 -2.77
CA GLU A 379 6.87 -14.83 -3.39
C GLU A 379 6.76 -13.67 -2.41
N GLU A 380 5.67 -13.61 -1.64
CA GLU A 380 5.50 -12.52 -0.69
C GLU A 380 6.39 -12.70 0.52
N PHE A 381 6.69 -13.96 0.88
CA PHE A 381 7.69 -14.24 1.93
C PHE A 381 9.06 -13.72 1.54
N ARG A 382 9.50 -14.01 0.30
CA ARG A 382 10.80 -13.52 -0.16
C ARG A 382 10.81 -12.00 -0.30
N ASN A 383 9.70 -11.41 -0.73
CA ASN A 383 9.68 -9.97 -0.95
C ASN A 383 9.53 -9.17 0.33
N ILE A 384 9.01 -9.74 1.40
CA ILE A 384 8.89 -9.00 2.64
C ILE A 384 9.96 -9.41 3.64
N TYR A 385 9.94 -10.67 4.07
CA TYR A 385 10.71 -11.08 5.23
C TYR A 385 12.09 -11.59 4.88
N ASN A 386 12.44 -11.62 3.59
CA ASN A 386 13.68 -12.18 3.06
C ASN A 386 13.85 -13.64 3.50
N MET A 387 12.76 -14.39 3.45
CA MET A 387 12.73 -15.78 3.87
C MET A 387 12.16 -16.62 2.74
N GLN A 388 12.88 -17.65 2.33
CA GLN A 388 12.44 -18.51 1.26
C GLN A 388 11.88 -19.81 1.82
N VAL A 389 10.90 -20.36 1.11
CA VAL A 389 10.16 -21.53 1.59
C VAL A 389 10.84 -22.79 1.09
N VAL A 390 11.27 -23.64 2.02
CA VAL A 390 11.81 -24.95 1.70
C VAL A 390 10.67 -25.95 1.69
N THR A 391 10.53 -26.70 0.61
CA THR A 391 9.52 -27.74 0.51
C THR A 391 10.13 -29.06 0.99
N ILE A 392 9.45 -29.71 1.94
CA ILE A 392 9.99 -30.84 2.68
C ILE A 392 9.05 -32.04 2.50
N PRO A 393 9.58 -33.25 2.27
CA PRO A 393 8.72 -34.44 2.08
C PRO A 393 7.96 -34.89 3.32
N THR A 394 7.29 -36.04 3.23
CA THR A 394 6.46 -36.54 4.31
C THR A 394 6.93 -37.87 4.90
N ASN A 395 7.62 -38.70 4.11
CA ASN A 395 8.21 -40.04 4.31
C ASN A 395 7.17 -41.15 4.36
N ARG A 396 5.88 -40.79 4.37
CA ARG A 396 4.79 -41.73 4.23
C ARG A 396 3.75 -40.98 3.40
N PRO A 397 3.32 -41.53 2.27
CA PRO A 397 2.38 -40.81 1.41
C PRO A 397 0.99 -40.75 2.03
N VAL A 398 0.30 -39.67 1.76
CA VAL A 398 -1.02 -39.45 2.35
C VAL A 398 -2.05 -40.32 1.63
N VAL A 399 -2.95 -40.90 2.42
CA VAL A 399 -4.03 -41.73 1.90
C VAL A 399 -5.35 -40.94 1.88
N ARG A 400 -5.32 -39.70 2.37
CA ARG A 400 -6.46 -38.79 2.30
C ARG A 400 -6.87 -38.52 0.86
N ASP A 401 -8.16 -38.71 0.58
CA ASP A 401 -8.72 -38.48 -0.75
C ASP A 401 -9.61 -37.23 -0.71
N ASP A 402 -9.08 -36.13 -1.23
CA ASP A 402 -9.80 -34.87 -1.28
C ASP A 402 -10.82 -34.96 -2.40
N ARG A 403 -12.04 -35.36 -2.04
CA ARG A 403 -13.11 -35.49 -3.02
C ARG A 403 -13.58 -34.11 -3.47
N PRO A 404 -14.07 -33.98 -4.71
CA PRO A 404 -14.51 -32.67 -5.19
C PRO A 404 -15.75 -32.18 -4.47
N ASP A 405 -15.91 -30.87 -4.43
CA ASP A 405 -16.90 -30.23 -3.57
C ASP A 405 -18.30 -30.34 -4.18
N LEU A 406 -19.22 -30.95 -3.43
CA LEU A 406 -20.58 -31.13 -3.89
C LEU A 406 -21.34 -29.81 -3.80
N ILE A 407 -21.38 -29.06 -4.90
CA ILE A 407 -21.96 -27.73 -4.87
C ILE A 407 -23.48 -27.81 -5.04
N TYR A 408 -24.21 -27.41 -3.99
CA TYR A 408 -25.66 -27.41 -4.01
C TYR A 408 -26.18 -26.05 -4.44
N ARG A 409 -27.48 -25.83 -4.24
CA ARG A 409 -28.17 -24.68 -4.80
C ARG A 409 -28.65 -23.70 -3.73
N THR A 410 -29.26 -24.19 -2.67
CA THR A 410 -29.77 -23.34 -1.60
C THR A 410 -29.14 -23.73 -0.27
N MET A 411 -29.24 -22.81 0.70
CA MET A 411 -28.72 -23.05 2.04
C MET A 411 -29.47 -24.18 2.73
N GLU A 412 -30.79 -24.24 2.56
CA GLU A 412 -31.60 -25.24 3.23
C GLU A 412 -31.29 -26.64 2.72
N GLY A 413 -31.21 -26.79 1.38
CA GLY A 413 -30.81 -28.07 0.81
C GLY A 413 -29.37 -28.44 1.12
N LYS A 414 -28.51 -27.43 1.23
CA LYS A 414 -27.11 -27.66 1.60
C LYS A 414 -26.99 -28.26 3.00
N PHE A 415 -27.63 -27.62 3.98
CA PHE A 415 -27.56 -28.15 5.35
C PHE A 415 -28.33 -29.45 5.49
N LYS A 416 -29.36 -29.66 4.68
CA LYS A 416 -30.05 -30.95 4.64
C LYS A 416 -29.11 -32.05 4.18
N ALA A 417 -28.31 -31.78 3.14
CA ALA A 417 -27.34 -32.77 2.68
C ALA A 417 -26.21 -32.98 3.67
N VAL A 418 -25.81 -31.92 4.39
CA VAL A 418 -24.82 -32.06 5.46
C VAL A 418 -25.32 -33.00 6.55
N ALA A 419 -26.58 -32.80 6.96
CA ALA A 419 -27.18 -33.64 7.99
C ALA A 419 -27.33 -35.09 7.52
N GLU A 420 -27.67 -35.28 6.24
CA GLU A 420 -27.78 -36.64 5.71
C GLU A 420 -26.42 -37.33 5.65
N ASP A 421 -25.35 -36.58 5.30
CA ASP A 421 -24.01 -37.15 5.26
C ASP A 421 -23.53 -37.53 6.66
N VAL A 422 -23.78 -36.66 7.65
CA VAL A 422 -23.36 -36.97 9.02
C VAL A 422 -24.16 -38.13 9.59
N ALA A 423 -25.45 -38.25 9.24
CA ALA A 423 -26.23 -39.39 9.68
C ALA A 423 -25.75 -40.69 9.03
N GLN A 424 -25.44 -40.64 7.73
CA GLN A 424 -24.96 -41.82 7.02
C GLN A 424 -23.62 -42.30 7.54
N ARG A 425 -22.75 -41.37 7.95
CA ARG A 425 -21.47 -41.75 8.51
C ARG A 425 -21.52 -42.04 10.00
N TYR A 426 -22.55 -41.58 10.70
CA TYR A 426 -22.73 -41.98 12.09
C TYR A 426 -23.32 -43.38 12.21
N MET A 427 -24.15 -43.79 11.25
CA MET A 427 -24.73 -45.13 11.33
C MET A 427 -23.73 -46.23 11.03
N THR A 428 -22.57 -45.90 10.46
CA THR A 428 -21.52 -46.89 10.25
C THR A 428 -20.41 -46.85 11.29
N GLY A 429 -20.30 -45.75 12.04
CA GLY A 429 -19.40 -45.71 13.18
C GLY A 429 -18.04 -45.10 12.95
N GLN A 430 -17.97 -43.99 12.21
CA GLN A 430 -16.72 -43.26 12.10
C GLN A 430 -16.93 -41.81 12.54
N PRO A 431 -15.89 -41.14 13.01
CA PRO A 431 -16.06 -39.73 13.42
C PRO A 431 -16.29 -38.82 12.24
N VAL A 432 -17.03 -37.75 12.49
CA VAL A 432 -17.25 -36.68 11.52
C VAL A 432 -16.97 -35.35 12.22
N LEU A 433 -16.11 -34.54 11.63
CA LEU A 433 -15.96 -33.15 12.03
C LEU A 433 -16.60 -32.28 10.97
N VAL A 434 -17.39 -31.30 11.39
CA VAL A 434 -18.11 -30.43 10.49
C VAL A 434 -17.50 -29.04 10.61
N GLY A 435 -16.76 -28.64 9.59
CA GLY A 435 -16.20 -27.30 9.56
C GLY A 435 -17.28 -26.25 9.43
N THR A 436 -16.96 -25.04 9.89
CA THR A 436 -17.88 -23.91 9.87
C THR A 436 -17.01 -22.67 9.71
N VAL A 437 -17.62 -21.48 9.70
CA VAL A 437 -16.87 -20.24 9.81
C VAL A 437 -17.44 -19.43 10.97
N ALA A 438 -18.74 -19.14 10.92
CA ALA A 438 -19.40 -18.41 11.99
C ALA A 438 -19.82 -19.37 13.10
N VAL A 439 -20.50 -18.85 14.11
CA VAL A 439 -20.93 -19.69 15.23
C VAL A 439 -22.45 -19.85 15.29
N GLU A 440 -23.23 -18.94 14.70
CA GLU A 440 -24.66 -19.18 14.60
C GLU A 440 -24.97 -20.21 13.52
N THR A 441 -24.10 -20.32 12.50
CA THR A 441 -24.18 -21.43 11.57
C THR A 441 -23.90 -22.76 12.28
N SER A 442 -22.98 -22.74 13.26
CA SER A 442 -22.70 -23.93 14.05
C SER A 442 -23.89 -24.30 14.94
N GLU A 443 -24.55 -23.30 15.52
CA GLU A 443 -25.76 -23.58 16.29
C GLU A 443 -26.90 -24.06 15.39
N LEU A 444 -26.94 -23.59 14.14
CA LEU A 444 -27.93 -24.06 13.18
C LEU A 444 -27.72 -25.54 12.84
N ILE A 445 -26.47 -25.93 12.56
CA ILE A 445 -26.16 -27.33 12.31
C ILE A 445 -26.38 -28.17 13.56
N SER A 446 -26.17 -27.60 14.74
CA SER A 446 -26.37 -28.35 15.98
C SER A 446 -27.84 -28.63 16.22
N LYS A 447 -28.71 -27.64 16.07
CA LYS A 447 -30.14 -27.90 16.25
C LYS A 447 -30.75 -28.59 15.03
N LEU A 448 -30.04 -28.67 13.91
CA LEU A 448 -30.48 -29.51 12.81
C LEU A 448 -30.16 -30.98 13.04
N LEU A 449 -28.99 -31.26 13.62
CA LEU A 449 -28.63 -32.62 14.00
C LEU A 449 -29.23 -33.03 15.33
N LYS A 450 -29.88 -32.10 16.05
CA LYS A 450 -30.54 -32.47 17.30
C LYS A 450 -31.81 -33.29 17.05
N ASN A 451 -32.66 -32.81 16.13
CA ASN A 451 -33.91 -33.51 15.84
C ASN A 451 -33.75 -34.52 14.70
N LYS A 452 -32.72 -35.35 14.79
CA LYS A 452 -32.55 -36.52 13.93
C LYS A 452 -32.14 -37.76 14.69
N GLY A 453 -31.49 -37.64 15.84
CA GLY A 453 -31.06 -38.76 16.62
C GLY A 453 -29.55 -38.94 16.72
N ILE A 454 -28.77 -37.89 16.47
CA ILE A 454 -27.32 -37.96 16.42
C ILE A 454 -26.77 -37.30 17.68
N PRO A 455 -26.07 -38.02 18.55
CA PRO A 455 -25.42 -37.38 19.69
C PRO A 455 -24.19 -36.58 19.26
N HIS A 456 -24.40 -35.38 18.74
CA HIS A 456 -23.29 -34.54 18.31
C HIS A 456 -22.70 -33.84 19.53
N GLN A 457 -21.67 -33.02 19.28
CA GLN A 457 -20.98 -32.35 20.38
C GLN A 457 -20.40 -31.05 19.80
N VAL A 458 -21.10 -29.95 20.04
CA VAL A 458 -20.84 -28.69 19.34
C VAL A 458 -19.59 -28.04 19.90
N LEU A 459 -18.83 -27.38 19.04
CA LEU A 459 -17.57 -26.73 19.40
C LEU A 459 -17.67 -25.27 18.97
N ASN A 460 -18.22 -24.44 19.86
CA ASN A 460 -18.55 -23.07 19.53
C ASN A 460 -17.40 -22.13 19.88
N ALA A 461 -17.65 -20.83 19.81
CA ALA A 461 -16.72 -19.80 20.26
C ALA A 461 -16.89 -19.47 21.74
N LYS A 462 -17.62 -20.30 22.47
CA LYS A 462 -17.89 -20.07 23.88
C LYS A 462 -17.73 -21.36 24.70
N ASN A 463 -16.95 -22.32 24.19
CA ASN A 463 -16.85 -23.65 24.74
C ASN A 463 -15.40 -24.14 24.74
N HIS A 464 -14.47 -23.40 25.37
CA HIS A 464 -13.05 -23.74 25.27
C HIS A 464 -12.55 -24.81 26.27
N GLU A 465 -13.13 -24.91 27.47
CA GLU A 465 -12.86 -26.10 28.28
C GLU A 465 -13.46 -27.33 27.59
N ARG A 466 -14.55 -27.14 26.92
CA ARG A 466 -15.07 -28.24 26.18
C ARG A 466 -14.28 -28.42 24.86
N GLU A 467 -13.50 -27.40 24.41
CA GLU A 467 -12.54 -27.63 23.33
C GLU A 467 -11.47 -28.62 23.74
N ALA A 468 -10.95 -28.45 24.96
CA ALA A 468 -9.99 -29.42 25.50
C ALA A 468 -10.59 -30.83 25.58
N GLN A 469 -11.72 -31.03 26.21
CA GLN A 469 -12.26 -32.38 26.23
C GLN A 469 -12.69 -32.88 24.89
N ILE A 470 -13.35 -32.07 24.06
CA ILE A 470 -13.79 -32.56 22.76
C ILE A 470 -12.62 -33.07 21.95
N ILE A 471 -11.51 -32.32 21.91
CA ILE A 471 -10.36 -32.79 21.15
C ILE A 471 -9.70 -33.98 21.84
N GLU A 472 -9.90 -34.15 23.15
CA GLU A 472 -9.53 -35.43 23.75
C GLU A 472 -10.46 -36.56 23.29
N GLU A 473 -11.76 -36.32 23.21
CA GLU A 473 -12.76 -37.36 22.98
C GLU A 473 -13.50 -37.20 21.67
N ALA A 474 -12.77 -36.90 20.59
CA ALA A 474 -13.40 -36.69 19.28
C ALA A 474 -12.79 -37.59 18.20
N GLY A 475 -12.02 -38.59 18.57
CA GLY A 475 -11.51 -39.55 17.62
C GLY A 475 -11.90 -40.95 18.04
N GLN A 476 -13.02 -41.04 18.76
CA GLN A 476 -13.49 -42.30 19.31
C GLN A 476 -14.39 -43.00 18.28
N LYS A 477 -15.16 -43.99 18.72
CA LYS A 477 -15.92 -44.83 17.79
C LYS A 477 -17.09 -44.07 17.18
N GLY A 478 -17.77 -43.24 17.97
CA GLY A 478 -18.99 -42.63 17.47
C GLY A 478 -19.19 -41.16 17.78
N ALA A 479 -18.11 -40.38 17.80
CA ALA A 479 -18.21 -38.97 18.16
C ALA A 479 -18.44 -38.11 16.92
N VAL A 480 -19.21 -37.04 17.09
CA VAL A 480 -19.49 -36.06 16.04
C VAL A 480 -19.19 -34.68 16.59
N THR A 481 -18.41 -33.90 15.84
CA THR A 481 -17.97 -32.58 16.28
C THR A 481 -18.35 -31.54 15.23
N ILE A 482 -18.83 -30.38 15.69
CA ILE A 482 -19.17 -29.26 14.82
C ILE A 482 -18.30 -28.09 15.26
N ALA A 483 -17.25 -27.80 14.49
CA ALA A 483 -16.20 -26.86 14.90
C ALA A 483 -16.24 -25.61 14.06
N THR A 484 -16.27 -24.45 14.71
CA THR A 484 -16.30 -23.19 13.96
C THR A 484 -14.92 -22.81 13.42
N ASN A 485 -13.98 -22.49 14.27
CA ASN A 485 -12.59 -22.30 13.86
C ASN A 485 -11.61 -22.77 14.91
N MET A 486 -12.07 -23.31 16.04
CA MET A 486 -11.17 -23.76 17.08
C MET A 486 -10.49 -25.08 16.72
N ALA A 487 -11.05 -25.83 15.77
CA ALA A 487 -10.41 -27.02 15.24
C ALA A 487 -10.23 -26.88 13.74
N GLY A 488 -9.82 -25.69 13.30
CA GLY A 488 -9.64 -25.43 11.90
C GLY A 488 -8.20 -25.10 11.54
N ARG A 489 -7.31 -25.07 12.52
CA ARG A 489 -5.89 -24.87 12.29
C ARG A 489 -5.10 -25.37 13.48
N GLY A 490 -4.12 -26.24 13.23
CA GLY A 490 -3.21 -26.70 14.24
C GLY A 490 -3.72 -27.81 15.16
N THR A 491 -5.03 -27.99 15.24
CA THR A 491 -5.60 -28.95 16.17
C THR A 491 -5.41 -30.38 15.66
N ASP A 492 -4.82 -31.24 16.49
CA ASP A 492 -4.66 -32.65 16.13
C ASP A 492 -5.71 -33.50 16.82
N ILE A 493 -6.16 -34.54 16.13
CA ILE A 493 -7.13 -35.48 16.67
C ILE A 493 -6.55 -36.89 16.52
N LYS A 494 -6.40 -37.59 17.64
CA LYS A 494 -5.85 -38.93 17.64
C LYS A 494 -6.97 -39.94 17.43
N LEU A 495 -6.77 -40.86 16.49
CA LEU A 495 -7.78 -41.85 16.18
C LEU A 495 -7.79 -42.94 17.23
N GLY A 496 -8.98 -43.31 17.70
CA GLY A 496 -9.13 -44.32 18.72
C GLY A 496 -8.94 -45.73 18.21
N GLU A 497 -9.46 -46.69 18.98
CA GLU A 497 -9.29 -48.09 18.63
C GLU A 497 -10.25 -48.47 17.50
N GLY A 498 -9.72 -49.18 16.50
CA GLY A 498 -10.50 -49.64 15.38
C GLY A 498 -11.02 -48.57 14.44
N VAL A 499 -10.63 -47.32 14.63
CA VAL A 499 -11.21 -46.21 13.87
C VAL A 499 -10.58 -46.08 12.49
N LYS A 500 -9.26 -46.21 12.39
CA LYS A 500 -8.59 -46.08 11.10
C LYS A 500 -8.80 -47.28 10.20
N GLU A 501 -9.41 -48.36 10.70
CA GLU A 501 -9.91 -49.43 9.83
C GLU A 501 -11.22 -49.05 9.15
N LEU A 502 -11.88 -47.98 9.61
CA LEU A 502 -13.12 -47.51 9.01
C LEU A 502 -12.95 -46.23 8.21
N GLY A 503 -11.87 -45.49 8.40
CA GLY A 503 -11.64 -44.29 7.60
C GLY A 503 -11.17 -43.10 8.40
N GLY A 504 -11.31 -43.15 9.72
CA GLY A 504 -10.87 -42.05 10.54
C GLY A 504 -11.84 -40.88 10.51
N LEU A 505 -11.29 -39.69 10.79
CA LEU A 505 -12.06 -38.46 10.71
C LEU A 505 -12.53 -38.20 9.28
N ALA A 506 -13.79 -37.82 9.15
CA ALA A 506 -14.40 -37.48 7.87
C ALA A 506 -14.82 -36.02 7.97
N VAL A 507 -13.95 -35.11 7.51
CA VAL A 507 -14.25 -33.69 7.59
C VAL A 507 -15.28 -33.33 6.53
N VAL A 508 -16.44 -32.87 6.98
CA VAL A 508 -17.49 -32.36 6.11
C VAL A 508 -17.47 -30.85 6.25
N GLY A 509 -16.78 -30.17 5.35
CA GLY A 509 -16.74 -28.72 5.40
C GLY A 509 -18.05 -28.11 4.96
N THR A 510 -18.25 -26.86 5.34
CA THR A 510 -19.48 -26.15 5.06
C THR A 510 -19.30 -24.95 4.15
N GLU A 511 -18.41 -24.03 4.50
CA GLU A 511 -18.24 -22.81 3.73
C GLU A 511 -16.87 -22.79 3.09
N ARG A 512 -16.81 -22.38 1.83
CA ARG A 512 -15.54 -22.17 1.14
C ARG A 512 -14.89 -20.90 1.70
N HIS A 513 -13.67 -21.04 2.21
CA HIS A 513 -13.02 -19.97 2.95
C HIS A 513 -12.42 -18.95 1.99
N GLU A 514 -11.63 -18.02 2.52
CA GLU A 514 -11.04 -16.97 1.72
C GLU A 514 -9.66 -17.34 1.18
N SER A 515 -9.23 -18.60 1.33
CA SER A 515 -7.94 -19.02 0.82
C SER A 515 -7.90 -20.54 0.69
N ARG A 516 -7.13 -21.01 -0.28
CA ARG A 516 -6.83 -22.43 -0.41
C ARG A 516 -6.07 -22.95 0.80
N ARG A 517 -5.30 -22.09 1.47
CA ARG A 517 -4.60 -22.47 2.69
C ARG A 517 -5.58 -22.82 3.80
N ILE A 518 -6.55 -21.93 4.04
CA ILE A 518 -7.57 -22.14 5.07
C ILE A 518 -8.48 -23.31 4.68
N ASP A 519 -8.64 -23.55 3.37
CA ASP A 519 -9.36 -24.75 2.94
C ASP A 519 -8.58 -26.01 3.29
N ASN A 520 -7.28 -26.04 2.99
CA ASN A 520 -6.48 -27.25 3.16
C ASN A 520 -6.16 -27.56 4.61
N GLN A 521 -6.30 -26.60 5.51
CA GLN A 521 -6.10 -26.91 6.93
C GLN A 521 -7.14 -27.89 7.48
N LEU A 522 -8.40 -27.84 7.01
CA LEU A 522 -9.41 -28.81 7.42
C LEU A 522 -9.09 -30.21 6.90
N ARG A 523 -8.60 -30.28 5.65
CA ARG A 523 -8.11 -31.54 5.10
C ARG A 523 -6.99 -32.10 5.96
N GLY A 524 -6.10 -31.23 6.43
CA GLY A 524 -5.08 -31.64 7.38
C GLY A 524 -5.62 -32.13 8.71
N ARG A 525 -6.89 -31.83 9.04
CA ARG A 525 -7.39 -32.30 10.35
C ARG A 525 -7.80 -33.63 10.09
N SER A 526 -8.35 -33.82 8.92
CA SER A 526 -8.79 -35.18 8.62
C SER A 526 -7.61 -36.15 8.57
N GLY A 527 -6.66 -35.92 7.68
CA GLY A 527 -5.66 -36.94 7.40
C GLY A 527 -4.28 -36.70 7.96
N ARG A 528 -3.85 -37.50 8.92
CA ARG A 528 -2.57 -37.27 9.56
C ARG A 528 -1.81 -38.50 9.83
N GLN A 529 -0.50 -38.49 9.59
CA GLN A 529 0.46 -39.58 9.82
C GLN A 529 0.21 -40.79 8.91
N GLY A 530 -0.28 -40.55 7.71
CA GLY A 530 -0.58 -41.63 6.79
C GLY A 530 -1.87 -42.37 7.05
N ASP A 531 -2.63 -41.97 8.06
CA ASP A 531 -3.93 -42.59 8.31
C ASP A 531 -4.94 -42.08 7.27
N PRO A 532 -5.93 -42.89 6.92
CA PRO A 532 -6.92 -42.44 5.93
C PRO A 532 -7.86 -41.39 6.48
N GLY A 533 -8.60 -40.76 5.57
CA GLY A 533 -9.52 -39.69 5.90
C GLY A 533 -10.19 -39.11 4.67
N ILE A 534 -11.45 -38.71 4.79
CA ILE A 534 -12.27 -38.30 3.65
C ILE A 534 -12.73 -36.87 3.88
N THR A 535 -12.56 -36.01 2.88
CA THR A 535 -12.99 -34.62 2.94
C THR A 535 -13.94 -34.31 1.80
N GLN A 536 -15.04 -33.63 2.11
CA GLN A 536 -15.99 -33.14 1.12
C GLN A 536 -16.49 -31.78 1.58
N PHE A 537 -16.19 -30.73 0.82
CA PHE A 537 -16.86 -29.45 1.05
C PHE A 537 -18.26 -29.49 0.47
N TYR A 538 -19.22 -29.02 1.25
CA TYR A 538 -20.61 -28.89 0.82
C TYR A 538 -20.94 -27.41 0.82
N LEU A 539 -20.65 -26.72 -0.27
CA LEU A 539 -20.95 -25.29 -0.37
C LEU A 539 -22.11 -25.05 -1.31
N SER A 540 -22.81 -23.94 -1.08
CA SER A 540 -23.99 -23.58 -1.85
C SER A 540 -23.60 -22.67 -3.00
N MET A 541 -24.60 -22.03 -3.61
CA MET A 541 -24.39 -20.96 -4.56
C MET A 541 -24.93 -19.63 -4.01
N GLU A 542 -25.54 -19.66 -2.83
CA GLU A 542 -25.94 -18.45 -2.14
C GLU A 542 -25.21 -18.30 -0.79
N ASP A 543 -23.97 -18.78 -0.74
CA ASP A 543 -23.11 -18.55 0.42
C ASP A 543 -22.71 -17.07 0.50
N GLU A 544 -22.06 -16.72 1.62
CA GLU A 544 -21.61 -15.36 1.81
C GLU A 544 -20.50 -15.02 0.83
N LEU A 545 -19.63 -16.00 0.52
CA LEU A 545 -18.55 -15.81 -0.44
C LEU A 545 -19.09 -15.50 -1.84
N MET A 546 -20.06 -16.30 -2.30
CA MET A 546 -20.60 -16.10 -3.64
C MET A 546 -21.46 -14.86 -3.71
N ARG A 547 -22.28 -14.61 -2.67
CA ARG A 547 -23.15 -13.44 -2.66
C ARG A 547 -22.36 -12.15 -2.58
N ARG A 548 -21.18 -12.15 -1.95
CA ARG A 548 -20.33 -10.97 -2.01
C ARG A 548 -19.58 -10.89 -3.33
N PHE A 549 -18.71 -11.86 -3.60
CA PHE A 549 -17.69 -11.71 -4.64
C PHE A 549 -17.92 -12.67 -5.80
N GLY A 550 -19.19 -12.88 -6.17
CA GLY A 550 -19.51 -13.71 -7.32
C GLY A 550 -19.64 -12.88 -8.59
N ALA A 551 -19.35 -13.53 -9.72
CA ALA A 551 -19.50 -12.88 -11.02
C ALA A 551 -20.97 -12.66 -11.33
N GLU A 552 -21.26 -11.51 -11.96
CA GLU A 552 -22.64 -11.14 -12.24
C GLU A 552 -23.27 -12.02 -13.31
N ARG A 553 -22.47 -12.45 -14.30
CA ARG A 553 -23.00 -13.31 -15.36
C ARG A 553 -23.35 -14.70 -14.85
N THR A 554 -22.64 -15.21 -13.85
CA THR A 554 -22.98 -16.51 -13.30
C THR A 554 -24.23 -16.41 -12.43
N MET A 555 -24.40 -15.31 -11.71
CA MET A 555 -25.63 -15.08 -10.96
C MET A 555 -26.81 -14.85 -11.88
N ALA A 556 -26.57 -14.36 -13.09
CA ALA A 556 -27.64 -14.24 -14.07
C ALA A 556 -28.00 -15.61 -14.66
N MET A 557 -27.00 -16.40 -15.01
CA MET A 557 -27.21 -17.66 -15.70
C MET A 557 -27.47 -18.83 -14.75
N LEU A 558 -27.51 -18.57 -13.44
CA LEU A 558 -27.87 -19.58 -12.45
C LEU A 558 -29.34 -20.00 -12.51
N ASP A 559 -30.17 -19.30 -13.28
CA ASP A 559 -31.61 -19.58 -13.35
C ASP A 559 -31.91 -20.93 -14.02
N ARG A 560 -30.99 -21.47 -14.82
CA ARG A 560 -31.28 -22.65 -15.63
C ARG A 560 -31.20 -23.97 -14.85
N PHE A 561 -31.19 -23.95 -13.52
CA PHE A 561 -31.03 -25.17 -12.75
C PHE A 561 -32.28 -25.57 -11.97
N GLY A 562 -33.39 -24.85 -12.14
CA GLY A 562 -34.63 -25.26 -11.49
C GLY A 562 -34.67 -24.88 -10.02
N MET A 563 -35.47 -25.64 -9.26
CA MET A 563 -35.66 -25.39 -7.85
C MET A 563 -35.51 -26.61 -6.96
N ASP A 564 -35.42 -27.82 -7.52
CA ASP A 564 -35.31 -29.04 -6.73
C ASP A 564 -33.89 -29.16 -6.21
N ASP A 565 -33.67 -28.76 -4.95
CA ASP A 565 -32.35 -28.78 -4.33
C ASP A 565 -32.09 -30.08 -3.57
N SER A 566 -32.33 -31.21 -4.23
CA SER A 566 -32.05 -32.52 -3.65
C SER A 566 -30.77 -33.13 -4.19
N THR A 567 -30.29 -32.66 -5.36
CA THR A 567 -29.08 -33.13 -6.00
C THR A 567 -28.13 -31.96 -6.21
N PRO A 568 -26.82 -32.19 -6.13
CA PRO A 568 -25.87 -31.10 -6.34
C PRO A 568 -25.81 -30.68 -7.81
N ILE A 569 -25.46 -29.41 -8.01
CA ILE A 569 -25.33 -28.86 -9.36
C ILE A 569 -24.09 -29.45 -10.01
N GLN A 570 -24.28 -30.08 -11.17
CA GLN A 570 -23.24 -30.88 -11.78
C GLN A 570 -22.39 -30.10 -12.79
N SER A 571 -22.93 -29.02 -13.36
CA SER A 571 -22.29 -28.31 -14.46
C SER A 571 -21.02 -27.60 -14.01
N LYS A 572 -20.10 -27.44 -14.96
CA LYS A 572 -18.77 -26.91 -14.67
C LYS A 572 -18.70 -25.39 -14.63
N MET A 573 -19.80 -24.69 -14.95
CA MET A 573 -19.79 -23.23 -14.88
C MET A 573 -19.67 -22.75 -13.44
N VAL A 574 -20.44 -23.35 -12.53
CA VAL A 574 -20.29 -23.00 -11.12
C VAL A 574 -18.99 -23.55 -10.55
N SER A 575 -18.51 -24.69 -11.07
CA SER A 575 -17.24 -25.24 -10.62
C SER A 575 -16.04 -24.48 -11.16
N ARG A 576 -16.26 -23.54 -12.07
CA ARG A 576 -15.27 -22.52 -12.41
C ARG A 576 -15.47 -21.24 -11.61
N ALA A 577 -16.74 -20.89 -11.35
CA ALA A 577 -17.07 -19.65 -10.65
C ALA A 577 -16.62 -19.68 -9.19
N VAL A 578 -16.59 -20.86 -8.56
CA VAL A 578 -16.14 -20.96 -7.17
C VAL A 578 -14.68 -20.57 -7.03
N GLU A 579 -13.80 -21.19 -7.83
CA GLU A 579 -12.39 -20.84 -7.81
C GLU A 579 -12.15 -19.42 -8.31
N SER A 580 -12.97 -18.93 -9.25
CA SER A 580 -12.84 -17.53 -9.68
C SER A 580 -13.14 -16.57 -8.54
N SER A 581 -14.18 -16.86 -7.74
CA SER A 581 -14.54 -15.98 -6.64
C SER A 581 -13.50 -16.01 -5.52
N GLN A 582 -12.97 -17.20 -5.20
CA GLN A 582 -12.00 -17.20 -4.12
C GLN A 582 -10.63 -16.70 -4.55
N LYS A 583 -10.27 -16.84 -5.83
CA LYS A 583 -9.06 -16.18 -6.31
C LYS A 583 -9.24 -14.67 -6.35
N ARG A 584 -10.48 -14.21 -6.59
CA ARG A 584 -10.75 -12.77 -6.52
C ARG A 584 -10.61 -12.24 -5.10
N VAL A 585 -11.11 -12.97 -4.09
CA VAL A 585 -11.01 -12.44 -2.73
C VAL A 585 -9.57 -12.53 -2.20
N GLU A 586 -8.80 -13.55 -2.60
CA GLU A 586 -7.42 -13.58 -2.13
C GLU A 586 -6.55 -12.58 -2.88
N GLY A 587 -6.89 -12.25 -4.12
CA GLY A 587 -6.20 -11.16 -4.80
C GLY A 587 -6.52 -9.80 -4.20
N ASN A 588 -7.76 -9.62 -3.74
CA ASN A 588 -8.12 -8.37 -3.09
C ASN A 588 -7.41 -8.21 -1.75
N ASN A 589 -7.25 -9.31 -1.00
CA ASN A 589 -6.50 -9.25 0.25
C ASN A 589 -5.02 -8.98 -0.01
N PHE A 590 -4.46 -9.59 -1.06
CA PHE A 590 -3.06 -9.35 -1.43
C PHE A 590 -2.82 -7.90 -1.81
N ASP A 591 -3.74 -7.30 -2.56
CA ASP A 591 -3.61 -5.90 -2.95
C ASP A 591 -3.80 -4.96 -1.76
N SER A 592 -4.70 -5.30 -0.83
CA SER A 592 -4.87 -4.50 0.37
C SER A 592 -3.64 -4.55 1.27
N ARG A 593 -2.98 -5.71 1.34
CA ARG A 593 -1.73 -5.79 2.09
C ARG A 593 -0.64 -4.94 1.43
N LYS A 594 -0.44 -5.08 0.12
CA LYS A 594 0.58 -4.27 -0.56
C LYS A 594 0.22 -2.78 -0.63
N GLN A 595 -0.98 -2.38 -0.27
CA GLN A 595 -1.22 -0.98 0.02
C GLN A 595 -0.88 -0.62 1.47
N LEU A 596 -1.06 -1.56 2.40
CA LEU A 596 -0.83 -1.24 3.82
C LEU A 596 0.66 -1.23 4.18
N LEU A 597 1.47 -2.06 3.52
CA LEU A 597 2.90 -2.20 3.83
C LEU A 597 3.65 -0.88 3.68
N GLN A 598 3.62 -0.31 2.47
CA GLN A 598 4.38 0.88 2.17
C GLN A 598 3.80 2.14 2.80
N TYR A 599 2.56 2.08 3.27
CA TYR A 599 2.04 3.19 4.07
C TYR A 599 2.34 3.05 5.55
N ASP A 600 2.66 1.85 6.03
CA ASP A 600 3.06 1.74 7.41
C ASP A 600 4.58 1.76 7.60
N ASP A 601 5.35 1.72 6.50
CA ASP A 601 6.80 1.88 6.62
C ASP A 601 7.19 3.28 7.12
N VAL A 602 6.37 4.29 6.84
CA VAL A 602 6.62 5.64 7.34
C VAL A 602 6.53 5.68 8.86
N LEU A 603 5.45 5.13 9.41
CA LEU A 603 5.30 5.07 10.86
C LEU A 603 6.26 4.06 11.47
N ARG A 604 6.76 3.10 10.69
CA ARG A 604 7.84 2.22 11.16
C ARG A 604 9.10 3.01 11.44
N GLN A 605 9.52 3.85 10.48
CA GLN A 605 10.68 4.72 10.66
C GLN A 605 10.50 5.64 11.86
N GLN A 606 9.36 6.34 11.90
CA GLN A 606 9.11 7.31 12.97
C GLN A 606 9.01 6.66 14.34
N ARG A 607 8.43 5.46 14.40
CA ARG A 607 8.23 4.77 15.66
C ARG A 607 9.54 4.21 16.19
N GLU A 608 10.39 3.68 15.30
CA GLU A 608 11.70 3.20 15.75
C GLU A 608 12.55 4.34 16.27
N VAL A 609 12.49 5.51 15.61
CA VAL A 609 13.21 6.70 16.09
C VAL A 609 12.73 7.11 17.47
N ILE A 610 11.41 7.28 17.63
CA ILE A 610 10.89 7.83 18.88
C ILE A 610 11.00 6.81 20.02
N TYR A 611 10.94 5.50 19.73
CA TYR A 611 11.06 4.51 20.79
C TYR A 611 12.49 4.29 21.21
N LYS A 612 13.44 4.31 20.27
CA LYS A 612 14.86 4.21 20.63
C LYS A 612 15.28 5.40 21.47
N GLN A 613 14.83 6.60 21.11
CA GLN A 613 15.21 7.77 21.89
C GLN A 613 14.50 7.82 23.23
N ARG A 614 13.26 7.32 23.31
CA ARG A 614 12.59 7.23 24.61
C ARG A 614 13.27 6.22 25.53
N PHE A 615 13.73 5.09 24.98
CA PHE A 615 14.42 4.09 25.80
C PHE A 615 15.76 4.62 26.30
N GLU A 616 16.50 5.36 25.46
CA GLU A 616 17.74 5.92 25.96
C GLU A 616 17.53 7.11 26.89
N VAL A 617 16.34 7.73 26.87
CA VAL A 617 15.96 8.61 27.96
C VAL A 617 15.76 7.81 29.25
N ILE A 618 15.08 6.67 29.15
CA ILE A 618 14.71 5.90 30.34
C ILE A 618 15.93 5.35 31.06
N ASP A 619 16.82 4.65 30.34
CA ASP A 619 17.93 4.00 31.03
C ASP A 619 19.15 4.90 31.22
N SER A 620 18.97 6.21 31.22
CA SER A 620 20.04 7.15 31.52
C SER A 620 19.91 7.66 32.95
N GLU A 621 21.04 8.04 33.54
CA GLU A 621 21.08 8.52 34.91
C GLU A 621 21.26 10.03 35.04
N ASN A 622 21.76 10.70 34.00
CA ASN A 622 21.94 12.15 34.02
C ASN A 622 21.31 12.72 32.77
N LEU A 623 20.15 13.37 32.93
CA LEU A 623 19.41 13.95 31.81
C LEU A 623 19.72 15.44 31.63
N ARG A 624 20.80 15.93 32.24
CA ARG A 624 21.09 17.35 32.26
C ARG A 624 21.43 17.87 30.87
N GLU A 625 22.34 17.20 30.17
CA GLU A 625 22.77 17.69 28.87
C GLU A 625 21.70 17.49 27.81
N ILE A 626 20.86 16.46 27.95
CA ILE A 626 19.82 16.24 26.94
C ILE A 626 18.66 17.23 27.12
N VAL A 627 18.33 17.58 28.38
CA VAL A 627 17.31 18.60 28.60
C VAL A 627 17.83 19.97 28.20
N GLU A 628 19.12 20.25 28.46
CA GLU A 628 19.70 21.50 27.99
C GLU A 628 19.77 21.58 26.47
N ASN A 629 19.98 20.46 25.78
CA ASN A 629 19.96 20.50 24.32
C ASN A 629 18.56 20.71 23.77
N MET A 630 17.54 20.15 24.44
CA MET A 630 16.16 20.44 24.07
C MET A 630 15.85 21.92 24.23
N ILE A 631 16.33 22.53 25.33
CA ILE A 631 16.11 23.96 25.55
C ILE A 631 16.90 24.80 24.55
N LYS A 632 18.09 24.34 24.15
CA LYS A 632 18.87 25.05 23.13
C LYS A 632 18.16 25.02 21.78
N SER A 633 17.61 23.88 21.38
CA SER A 633 16.90 23.79 20.11
C SER A 633 15.63 24.63 20.13
N SER A 634 14.88 24.59 21.23
CA SER A 634 13.68 25.41 21.36
C SER A 634 14.00 26.89 21.32
N LEU A 635 15.09 27.29 22.00
CA LEU A 635 15.42 28.71 22.08
C LEU A 635 15.98 29.23 20.77
N GLU A 636 16.76 28.40 20.05
CA GLU A 636 17.26 28.84 18.75
C GLU A 636 16.16 28.90 17.71
N ARG A 637 15.15 28.02 17.81
CA ARG A 637 14.00 28.17 16.92
C ARG A 637 13.17 29.40 17.26
N ALA A 638 13.09 29.75 18.54
CA ALA A 638 12.37 30.97 18.93
C ALA A 638 13.06 32.23 18.41
N ILE A 639 14.38 32.32 18.57
CA ILE A 639 15.07 33.53 18.11
C ILE A 639 15.17 33.55 16.59
N ALA A 640 15.20 32.38 15.94
CA ALA A 640 15.19 32.37 14.48
C ALA A 640 13.81 32.71 13.93
N ALA A 641 12.75 32.44 14.69
CA ALA A 641 11.42 32.84 14.25
C ALA A 641 11.16 34.32 14.49
N TYR A 642 11.76 34.91 15.52
CA TYR A 642 11.54 36.33 15.75
C TYR A 642 12.58 37.24 15.11
N THR A 643 13.72 36.71 14.64
CA THR A 643 14.75 37.52 13.99
C THR A 643 14.96 36.98 12.58
N PRO A 644 14.20 37.47 11.59
CA PRO A 644 14.41 37.01 10.21
C PRO A 644 15.71 37.52 9.62
N ARG A 645 16.22 36.78 8.64
CA ARG A 645 17.53 37.07 8.06
C ARG A 645 17.46 37.84 6.75
N GLU A 646 16.42 37.64 5.94
CA GLU A 646 16.27 38.44 4.73
C GLU A 646 15.67 39.81 5.01
N GLU A 647 15.12 40.01 6.20
CA GLU A 647 14.57 41.28 6.66
C GLU A 647 15.67 42.09 7.34
N LEU A 648 15.45 43.40 7.44
CA LEU A 648 16.46 44.33 7.94
C LEU A 648 16.76 44.06 9.42
N PRO A 649 18.05 44.06 9.81
CA PRO A 649 18.40 43.75 11.20
C PRO A 649 18.03 44.83 12.22
N GLU A 650 17.50 45.98 11.80
CA GLU A 650 17.13 47.02 12.75
C GLU A 650 15.72 46.84 13.32
N GLU A 651 14.84 46.16 12.60
CA GLU A 651 13.46 45.94 13.03
C GLU A 651 13.25 44.45 13.27
N TRP A 652 13.44 44.01 14.52
CA TRP A 652 13.32 42.61 14.87
C TRP A 652 12.26 42.30 15.92
N LYS A 653 11.59 43.32 16.48
CA LYS A 653 10.60 43.17 17.56
C LYS A 653 11.21 42.44 18.77
N LEU A 654 12.36 42.95 19.21
CA LEU A 654 13.07 42.36 20.34
C LEU A 654 12.32 42.54 21.65
N ASP A 655 11.39 43.51 21.72
CA ASP A 655 10.49 43.59 22.86
C ASP A 655 9.57 42.37 22.91
N GLY A 656 9.05 41.94 21.77
CA GLY A 656 8.28 40.71 21.73
C GLY A 656 9.12 39.48 21.99
N LEU A 657 10.39 39.51 21.56
CA LEU A 657 11.30 38.41 21.85
C LEU A 657 11.57 38.28 23.35
N VAL A 658 11.86 39.39 24.04
CA VAL A 658 12.12 39.31 25.46
C VAL A 658 10.83 39.07 26.24
N ASP A 659 9.66 39.44 25.68
CA ASP A 659 8.40 39.06 26.32
C ASP A 659 8.18 37.55 26.24
N LEU A 660 8.48 36.93 25.10
CA LEU A 660 8.33 35.48 24.99
C LEU A 660 9.33 34.75 25.89
N ILE A 661 10.56 35.27 25.98
CA ILE A 661 11.57 34.62 26.82
C ILE A 661 11.23 34.78 28.30
N ASN A 662 10.80 35.98 28.71
CA ASN A 662 10.39 36.22 30.09
C ASN A 662 9.11 35.49 30.46
N THR A 663 8.27 35.14 29.48
CA THR A 663 7.07 34.38 29.79
C THR A 663 7.37 32.89 29.88
N THR A 664 8.09 32.35 28.91
CA THR A 664 8.34 30.91 28.85
C THR A 664 9.45 30.48 29.79
N TYR A 665 10.66 31.02 29.60
CA TYR A 665 11.84 30.47 30.24
C TYR A 665 12.15 31.11 31.58
N LEU A 666 12.40 32.42 31.59
CA LEU A 666 12.90 33.12 32.75
C LEU A 666 11.75 33.75 33.53
N ASP A 667 12.09 34.60 34.50
CA ASP A 667 11.10 35.32 35.29
C ASP A 667 10.69 36.59 34.54
N GLU A 668 9.95 37.47 35.22
CA GLU A 668 9.39 38.64 34.56
C GLU A 668 10.44 39.71 34.26
N GLY A 669 11.10 40.21 35.30
CA GLY A 669 12.06 41.28 35.12
C GLY A 669 13.50 40.81 34.94
N ALA A 670 13.67 39.54 34.55
CA ALA A 670 15.00 38.98 34.40
C ALA A 670 15.64 39.29 33.05
N LEU A 671 14.88 39.86 32.11
CA LEU A 671 15.42 40.19 30.80
C LEU A 671 14.62 41.33 30.19
N GLU A 672 15.31 42.31 29.62
CA GLU A 672 14.68 43.40 28.90
C GLU A 672 15.51 43.70 27.65
N LYS A 673 15.03 44.68 26.87
CA LYS A 673 15.68 45.00 25.60
C LYS A 673 17.03 45.67 25.81
N SER A 674 17.19 46.43 26.90
CA SER A 674 18.45 47.14 27.13
C SER A 674 19.58 46.21 27.57
N ASP A 675 19.27 44.96 27.92
CA ASP A 675 20.32 44.00 28.23
C ASP A 675 21.11 43.62 27.00
N ILE A 676 20.43 43.29 25.90
CA ILE A 676 21.08 42.97 24.64
C ILE A 676 20.23 43.52 23.49
N PHE A 677 20.87 44.25 22.58
CA PHE A 677 20.16 44.94 21.51
C PHE A 677 21.08 45.10 20.33
N GLY A 678 20.64 44.64 19.16
CA GLY A 678 21.39 44.78 17.93
C GLY A 678 22.55 43.81 17.77
N LYS A 679 22.73 42.88 18.69
CA LYS A 679 23.84 41.94 18.60
C LYS A 679 23.50 40.80 17.66
N GLU A 680 24.49 39.95 17.42
CA GLU A 680 24.31 38.81 16.54
C GLU A 680 23.51 37.72 17.24
N PRO A 681 22.65 36.98 16.51
CA PRO A 681 21.67 36.11 17.18
C PRO A 681 22.26 34.88 17.83
N ASP A 682 23.41 34.38 17.36
CA ASP A 682 24.00 33.22 18.03
C ASP A 682 24.64 33.61 19.36
N GLU A 683 25.25 34.80 19.43
CA GLU A 683 25.73 35.28 20.72
C GLU A 683 24.57 35.64 21.65
N MET A 684 23.46 36.10 21.08
CA MET A 684 22.25 36.31 21.86
C MET A 684 21.73 34.99 22.42
N LEU A 685 21.76 33.94 21.61
CA LEU A 685 21.42 32.58 22.04
C LEU A 685 22.34 32.12 23.17
N GLU A 686 23.64 32.42 23.06
CA GLU A 686 24.57 32.00 24.10
C GLU A 686 24.36 32.77 25.41
N LEU A 687 24.00 34.05 25.31
CA LEU A 687 23.70 34.82 26.52
C LEU A 687 22.44 34.33 27.22
N ILE A 688 21.38 34.06 26.45
CA ILE A 688 20.15 33.57 27.06
C ILE A 688 20.34 32.15 27.59
N MET A 689 21.18 31.34 26.94
CA MET A 689 21.49 30.03 27.51
C MET A 689 22.36 30.12 28.74
N ASP A 690 23.19 31.17 28.87
CA ASP A 690 23.89 31.39 30.12
C ASP A 690 22.91 31.69 31.25
N ARG A 691 21.90 32.51 30.96
CA ARG A 691 20.83 32.76 31.93
C ARG A 691 20.07 31.48 32.27
N ILE A 692 19.84 30.63 31.26
CA ILE A 692 19.15 29.36 31.45
C ILE A 692 19.95 28.43 32.35
N ILE A 693 21.27 28.34 32.13
CA ILE A 693 22.10 27.45 32.93
C ILE A 693 22.23 27.96 34.36
N THR A 694 22.27 29.29 34.56
CA THR A 694 22.28 29.82 35.93
C THR A 694 20.97 29.55 36.65
N LYS A 695 19.83 29.72 35.97
CA LYS A 695 18.53 29.42 36.60
C LYS A 695 18.38 27.92 36.86
N TYR A 696 18.91 27.09 35.96
CA TYR A 696 18.84 25.65 36.13
C TYR A 696 19.66 25.18 37.32
N ASN A 697 20.87 25.74 37.47
CA ASN A 697 21.70 25.40 38.63
C ASN A 697 21.11 25.93 39.93
N GLU A 698 20.45 27.10 39.87
CA GLU A 698 19.80 27.63 41.07
C GLU A 698 18.62 26.75 41.48
N LYS A 699 17.84 26.25 40.52
CA LYS A 699 16.71 25.37 40.85
C LYS A 699 17.20 24.00 41.32
N GLU A 700 18.26 23.48 40.69
CA GLU A 700 18.84 22.20 41.08
C GLU A 700 19.41 22.26 42.49
N GLU A 701 20.00 23.39 42.87
CA GLU A 701 20.39 23.56 44.26
C GLU A 701 19.22 23.96 45.16
N GLN A 702 18.11 24.41 44.57
CA GLN A 702 16.96 24.80 45.37
C GLN A 702 16.21 23.59 45.92
N PHE A 703 16.07 22.51 45.14
CA PHE A 703 15.48 21.33 45.77
C PHE A 703 16.29 20.05 45.50
N GLY A 704 17.60 20.17 45.35
CA GLY A 704 18.44 18.98 45.36
C GLY A 704 18.62 18.33 44.00
N LYS A 705 19.81 17.80 43.74
CA LYS A 705 20.14 17.18 42.47
C LYS A 705 19.75 15.71 42.41
N GLU A 706 18.88 15.25 43.30
CA GLU A 706 18.30 13.92 43.22
C GLU A 706 16.87 13.94 42.70
N GLN A 707 16.05 14.85 43.22
CA GLN A 707 14.67 14.98 42.76
C GLN A 707 14.57 15.67 41.41
N MET A 708 15.59 16.44 41.01
CA MET A 708 15.55 17.19 39.76
C MET A 708 15.56 16.25 38.56
N ARG A 709 16.37 15.20 38.60
CA ARG A 709 16.44 14.27 37.48
C ARG A 709 15.17 13.45 37.35
N GLU A 710 14.56 13.09 38.49
CA GLU A 710 13.28 12.39 38.46
C GLU A 710 12.17 13.29 37.92
N PHE A 711 12.19 14.57 38.30
CA PHE A 711 11.20 15.54 37.85
C PHE A 711 11.29 15.76 36.34
N GLU A 712 12.51 15.96 35.84
CA GLU A 712 12.67 16.17 34.41
C GLU A 712 12.45 14.88 33.63
N LYS A 713 12.68 13.71 34.23
CA LYS A 713 12.41 12.46 33.54
C LYS A 713 10.90 12.23 33.41
N VAL A 714 10.14 12.56 34.45
CA VAL A 714 8.67 12.50 34.37
C VAL A 714 8.15 13.45 33.28
N ILE A 715 8.71 14.66 33.21
CA ILE A 715 8.26 15.61 32.19
C ILE A 715 8.61 15.15 30.78
N VAL A 716 9.83 14.61 30.57
CA VAL A 716 10.24 14.16 29.25
C VAL A 716 9.41 12.95 28.80
N LEU A 717 9.19 11.98 29.69
CA LEU A 717 8.44 10.79 29.31
C LEU A 717 6.97 11.11 29.06
N ARG A 718 6.39 12.01 29.86
CA ARG A 718 5.01 12.43 29.63
C ARG A 718 4.87 13.19 28.32
N ALA A 719 5.88 14.00 27.97
CA ALA A 719 5.86 14.73 26.71
C ALA A 719 5.94 13.80 25.52
N VAL A 720 6.84 12.82 25.56
CA VAL A 720 7.01 11.86 24.47
C VAL A 720 5.74 11.04 24.28
N ASP A 721 5.16 10.54 25.38
CA ASP A 721 3.98 9.70 25.27
C ASP A 721 2.77 10.48 24.75
N SER A 722 2.57 11.72 25.24
CA SER A 722 1.42 12.51 24.82
C SER A 722 1.52 12.94 23.36
N LYS A 723 2.69 13.46 22.95
CA LYS A 723 2.82 13.89 21.57
C LYS A 723 2.89 12.72 20.60
N TRP A 724 3.31 11.54 21.06
CA TRP A 724 3.27 10.38 20.17
C TRP A 724 1.86 9.85 20.00
N MET A 725 1.05 9.89 21.07
CA MET A 725 -0.39 9.61 20.96
C MET A 725 -1.05 10.53 19.94
N ASP A 726 -0.82 11.84 20.08
CA ASP A 726 -1.42 12.82 19.19
C ASP A 726 -0.91 12.66 17.75
N HIS A 727 0.34 12.24 17.58
CA HIS A 727 0.86 12.06 16.23
C HIS A 727 0.35 10.79 15.57
N ILE A 728 0.11 9.72 16.33
CA ILE A 728 -0.55 8.54 15.76
C ILE A 728 -1.94 8.91 15.27
N ASP A 729 -2.67 9.71 16.05
CA ASP A 729 -4.01 10.13 15.63
C ASP A 729 -3.98 11.00 14.38
N ALA A 730 -3.06 11.97 14.31
CA ALA A 730 -2.99 12.82 13.12
C ALA A 730 -2.47 12.07 11.90
N MET A 731 -1.56 11.10 12.11
CA MET A 731 -1.04 10.30 11.02
C MET A 731 -2.12 9.41 10.42
N ASP A 732 -3.00 8.87 11.27
CA ASP A 732 -4.11 8.06 10.77
C ASP A 732 -5.15 8.92 10.05
N GLN A 733 -5.41 10.13 10.57
CA GLN A 733 -6.32 11.05 9.87
C GLN A 733 -5.78 11.46 8.51
N LEU A 734 -4.47 11.57 8.35
CA LEU A 734 -3.93 11.86 7.02
C LEU A 734 -3.90 10.63 6.12
N ARG A 735 -3.70 9.44 6.70
CA ARG A 735 -3.70 8.22 5.91
C ARG A 735 -5.10 7.87 5.41
N GLN A 736 -6.14 8.37 6.09
CA GLN A 736 -7.50 8.26 5.56
C GLN A 736 -7.62 8.90 4.17
N GLY A 737 -7.32 10.19 4.08
CA GLY A 737 -7.53 10.90 2.84
C GLY A 737 -6.29 11.18 2.02
N ILE A 738 -5.24 10.37 2.17
CA ILE A 738 -4.10 10.53 1.27
C ILE A 738 -4.35 9.94 -0.12
N HIS A 739 -5.33 9.06 -0.28
CA HIS A 739 -5.56 8.49 -1.60
C HIS A 739 -6.32 9.41 -2.54
N LEU A 740 -6.90 10.49 -2.02
CA LEU A 740 -7.56 11.49 -2.85
C LEU A 740 -6.58 12.38 -3.61
N ARG A 741 -5.29 12.32 -3.27
CA ARG A 741 -4.29 13.16 -3.91
C ARG A 741 -3.96 12.72 -5.33
N ALA A 742 -4.38 11.52 -5.73
CA ALA A 742 -4.08 10.99 -7.06
C ALA A 742 -4.99 11.55 -8.15
N TYR A 743 -5.86 12.50 -7.82
CA TYR A 743 -6.68 13.20 -8.80
C TYR A 743 -5.97 14.39 -9.39
N ALA A 744 -4.75 14.69 -8.95
CA ALA A 744 -3.86 15.63 -9.58
C ALA A 744 -2.67 14.94 -10.23
N GLN A 745 -2.79 13.63 -10.47
CA GLN A 745 -1.76 12.77 -11.07
C GLN A 745 -0.44 12.81 -10.30
N THR A 746 -0.51 13.02 -8.99
CA THR A 746 0.65 12.94 -8.13
C THR A 746 0.85 11.49 -7.68
N ASN A 747 1.73 11.27 -6.71
CA ASN A 747 1.89 9.97 -6.12
C ASN A 747 1.46 10.06 -4.66
N PRO A 748 0.42 9.32 -4.24
CA PRO A 748 -0.05 9.45 -2.86
C PRO A 748 0.93 8.93 -1.83
N LEU A 749 1.69 7.89 -2.15
CA LEU A 749 2.74 7.42 -1.24
C LEU A 749 3.84 8.47 -1.07
N ARG A 750 4.20 9.14 -2.17
CA ARG A 750 5.22 10.19 -2.12
C ARG A 750 4.76 11.38 -1.29
N GLU A 751 3.53 11.84 -1.52
CA GLU A 751 3.00 12.95 -0.74
C GLU A 751 2.77 12.55 0.71
N TYR A 752 2.45 11.28 0.96
CA TYR A 752 2.31 10.75 2.30
C TYR A 752 3.64 10.79 3.05
N GLN A 753 4.72 10.39 2.38
CA GLN A 753 6.05 10.41 3.01
C GLN A 753 6.49 11.84 3.32
N MET A 754 6.27 12.77 2.39
CA MET A 754 6.70 14.15 2.63
C MET A 754 5.89 14.81 3.76
N GLU A 755 4.57 14.66 3.73
CA GLU A 755 3.77 15.31 4.76
C GLU A 755 3.91 14.60 6.11
N GLY A 756 4.21 13.30 6.10
CA GLY A 756 4.47 12.60 7.35
C GLY A 756 5.78 13.03 7.99
N PHE A 757 6.81 13.24 7.16
CA PHE A 757 8.06 13.80 7.69
C PHE A 757 7.86 15.21 8.22
N ALA A 758 7.03 16.01 7.54
CA ALA A 758 6.78 17.37 8.00
C ALA A 758 6.10 17.40 9.36
N MET A 759 5.03 16.61 9.52
CA MET A 759 4.38 16.62 10.84
C MET A 759 5.18 15.86 11.90
N PHE A 760 6.08 14.96 11.52
CA PHE A 760 6.99 14.37 12.49
C PHE A 760 7.97 15.40 13.03
N GLU A 761 8.49 16.26 12.16
CA GLU A 761 9.38 17.32 12.62
C GLU A 761 8.63 18.34 13.46
N HIS A 762 7.36 18.63 13.12
CA HIS A 762 6.58 19.52 13.98
C HIS A 762 6.23 18.87 15.31
N MET A 763 6.11 17.53 15.34
CA MET A 763 5.93 16.83 16.61
C MET A 763 7.15 17.00 17.50
N ILE A 764 8.34 16.81 16.94
CA ILE A 764 9.57 16.93 17.72
C ILE A 764 9.76 18.37 18.19
N GLU A 765 9.40 19.34 17.36
CA GLU A 765 9.45 20.74 17.80
C GLU A 765 8.48 21.02 18.94
N SER A 766 7.28 20.40 18.90
CA SER A 766 6.32 20.58 19.99
C SER A 766 6.80 19.91 21.28
N ILE A 767 7.43 18.73 21.16
CA ILE A 767 8.03 18.04 22.30
C ILE A 767 9.07 18.91 22.97
N GLU A 768 9.99 19.46 22.17
CA GLU A 768 11.09 20.27 22.71
C GLU A 768 10.58 21.57 23.34
N ASP A 769 9.64 22.25 22.67
CA ASP A 769 9.09 23.49 23.21
C ASP A 769 8.34 23.25 24.51
N GLU A 770 7.56 22.18 24.59
CA GLU A 770 6.75 21.93 25.76
C GLU A 770 7.59 21.42 26.93
N VAL A 771 8.65 20.64 26.67
CA VAL A 771 9.49 20.22 27.78
C VAL A 771 10.35 21.39 28.26
N ALA A 772 10.74 22.31 27.37
CA ALA A 772 11.47 23.50 27.82
C ALA A 772 10.59 24.38 28.69
N LYS A 773 9.32 24.55 28.29
CA LYS A 773 8.39 25.37 29.06
C LYS A 773 8.10 24.76 30.42
N PHE A 774 7.89 23.44 30.50
CA PHE A 774 7.59 22.86 31.81
C PHE A 774 8.81 22.69 32.70
N VAL A 775 10.01 22.54 32.14
CA VAL A 775 11.20 22.48 32.98
C VAL A 775 11.53 23.86 33.54
N MET A 776 11.56 24.88 32.68
CA MET A 776 11.92 26.20 33.17
C MET A 776 10.75 26.96 33.79
N LYS A 777 9.54 26.37 33.81
CA LYS A 777 8.46 26.98 34.57
C LYS A 777 8.63 26.71 36.06
N ALA A 778 8.63 25.44 36.45
CA ALA A 778 8.74 25.07 37.85
C ALA A 778 9.63 23.85 38.03
N PHE B 2 26.00 24.69 -6.77
CA PHE B 2 24.72 24.06 -6.46
C PHE B 2 24.79 23.29 -5.15
N ARG B 3 23.64 23.13 -4.51
CA ARG B 3 23.54 22.43 -3.23
C ARG B 3 22.77 21.12 -3.36
N THR B 4 21.69 21.12 -4.13
CA THR B 4 20.76 20.00 -4.16
C THR B 4 21.34 18.81 -4.91
N ILE B 5 21.96 19.05 -6.07
CA ILE B 5 22.58 17.95 -6.80
C ILE B 5 23.85 17.46 -6.10
N SER B 6 24.52 18.34 -5.34
CA SER B 6 25.66 17.92 -4.55
C SER B 6 25.23 17.05 -3.38
N ASN B 7 24.04 17.29 -2.83
CA ASN B 7 23.49 16.38 -1.84
C ASN B 7 23.00 15.09 -2.48
N PHE B 8 22.56 15.18 -3.75
CA PHE B 8 22.12 13.99 -4.49
C PHE B 8 23.29 13.04 -4.74
N MET B 9 24.45 13.57 -5.08
CA MET B 9 25.60 12.75 -5.46
C MET B 9 26.39 12.23 -4.25
N ARG B 10 25.83 12.30 -3.04
CA ARG B 10 26.44 11.68 -1.87
C ARG B 10 25.70 10.44 -1.40
N VAL B 11 24.40 10.35 -1.67
CA VAL B 11 23.61 9.19 -1.25
C VAL B 11 23.78 8.08 -2.27
N SER B 12 24.08 6.86 -1.80
CA SER B 12 24.44 5.77 -2.69
C SER B 12 23.25 5.29 -3.51
N ASP B 13 22.05 5.24 -2.91
CA ASP B 13 20.87 4.75 -3.62
C ASP B 13 20.44 5.70 -4.74
N ILE B 14 20.33 6.99 -4.42
CA ILE B 14 19.96 8.00 -5.40
C ILE B 14 21.03 8.13 -6.47
N ARG B 15 22.31 8.03 -6.07
CA ARG B 15 23.40 8.09 -7.04
C ARG B 15 23.38 6.90 -7.99
N ASN B 16 23.06 5.70 -7.47
CA ASN B 16 22.96 4.52 -8.33
C ASN B 16 21.77 4.62 -9.26
N LYS B 17 20.66 5.21 -8.80
CA LYS B 17 19.50 5.41 -9.65
C LYS B 17 19.79 6.41 -10.78
N ILE B 18 20.53 7.47 -10.47
CA ILE B 18 20.92 8.44 -11.50
C ILE B 18 21.87 7.82 -12.53
N ILE B 19 22.85 7.03 -12.05
CA ILE B 19 23.78 6.36 -12.96
C ILE B 19 23.04 5.36 -13.85
N PHE B 20 22.07 4.64 -13.29
CA PHE B 20 21.29 3.67 -14.07
C PHE B 20 20.41 4.37 -15.11
N THR B 21 19.79 5.49 -14.73
CA THR B 21 18.95 6.24 -15.66
C THR B 21 19.75 6.82 -16.81
N LEU B 22 20.89 7.44 -16.51
CA LEU B 22 21.73 8.00 -17.57
C LEU B 22 22.36 6.90 -18.43
N LEU B 23 22.64 5.74 -17.85
CA LEU B 23 23.16 4.62 -18.63
C LEU B 23 22.10 4.09 -19.59
N MET B 24 20.85 3.99 -19.14
CA MET B 24 19.78 3.56 -20.05
C MET B 24 19.48 4.62 -21.10
N LEU B 25 19.72 5.90 -20.82
CA LEU B 25 19.61 6.91 -21.87
C LEU B 25 20.76 6.82 -22.88
N ILE B 26 21.95 6.41 -22.44
CA ILE B 26 23.03 6.12 -23.38
C ILE B 26 22.66 4.92 -24.26
N VAL B 27 22.01 3.91 -23.67
CA VAL B 27 21.51 2.76 -24.43
C VAL B 27 20.45 3.21 -25.44
N PHE B 28 19.60 4.15 -25.03
CA PHE B 28 18.61 4.75 -25.93
C PHE B 28 19.26 5.47 -27.10
N ARG B 29 20.34 6.19 -26.86
CA ARG B 29 20.97 6.93 -27.96
C ARG B 29 21.73 6.01 -28.89
N ILE B 30 22.39 4.98 -28.36
CA ILE B 30 23.09 4.05 -29.25
C ILE B 30 22.12 3.13 -29.97
N GLY B 31 20.89 3.00 -29.47
CA GLY B 31 19.85 2.37 -30.26
C GLY B 31 19.23 3.31 -31.27
N THR B 32 19.25 4.61 -30.99
CA THR B 32 18.77 5.59 -31.97
C THR B 32 19.72 5.68 -33.16
N PHE B 33 21.03 5.70 -32.91
CA PHE B 33 22.03 5.76 -33.98
C PHE B 33 22.28 4.38 -34.60
N ILE B 34 21.22 3.78 -35.14
CA ILE B 34 21.35 2.60 -35.98
C ILE B 34 20.73 2.96 -37.33
N PRO B 35 21.51 3.47 -38.28
CA PRO B 35 20.96 3.80 -39.60
C PRO B 35 20.69 2.55 -40.40
N VAL B 36 19.95 2.76 -41.50
CA VAL B 36 19.50 1.79 -42.53
C VAL B 36 19.04 0.44 -41.95
N PRO B 37 17.85 0.38 -41.32
CA PRO B 37 17.32 -0.97 -40.98
C PRO B 37 16.64 -1.66 -42.16
N SER B 38 17.48 -2.17 -43.08
CA SER B 38 17.07 -2.87 -44.30
C SER B 38 16.14 -2.00 -45.16
N VAL B 39 16.52 -0.74 -45.32
CA VAL B 39 15.68 0.29 -45.92
C VAL B 39 16.57 1.08 -46.88
N ASN B 40 16.04 2.18 -47.45
CA ASN B 40 16.84 3.13 -48.23
C ASN B 40 18.06 3.63 -47.47
N THR B 41 19.12 3.93 -48.22
CA THR B 41 20.39 4.32 -47.60
C THR B 41 20.39 5.80 -47.20
N ASP B 42 20.26 6.69 -48.18
CA ASP B 42 20.31 8.13 -47.93
C ASP B 42 19.17 8.88 -48.60
N VAL B 43 18.09 8.17 -48.95
CA VAL B 43 16.94 8.81 -49.55
C VAL B 43 16.21 9.67 -48.51
N LEU B 44 16.29 9.28 -47.24
CA LEU B 44 15.74 10.10 -46.15
C LEU B 44 16.49 11.42 -45.97
N LYS B 45 17.75 11.50 -46.40
CA LYS B 45 18.50 12.73 -46.34
C LYS B 45 18.47 13.53 -47.64
N LEU B 46 18.34 12.87 -48.79
CA LEU B 46 18.34 13.55 -50.07
C LEU B 46 16.95 13.78 -50.66
N GLN B 47 15.89 13.32 -49.98
CA GLN B 47 14.53 13.49 -50.46
C GLN B 47 13.59 13.92 -49.33
N ASP B 48 14.13 14.58 -48.31
CA ASP B 48 13.33 14.96 -47.15
C ASP B 48 12.39 16.11 -47.48
N GLN B 49 12.96 17.25 -47.86
CA GLN B 49 12.16 18.43 -48.17
C GLN B 49 11.55 18.29 -49.57
N LEU B 50 10.38 18.92 -49.75
CA LEU B 50 9.66 18.91 -51.01
C LEU B 50 10.45 19.53 -52.16
N GLN B 65 11.98 14.00 -40.28
CA GLN B 65 13.31 13.73 -40.83
C GLN B 65 13.99 12.61 -40.05
N ASN B 66 13.47 12.32 -38.86
CA ASN B 66 14.01 11.27 -38.01
C ASN B 66 13.49 9.93 -38.51
N PHE B 67 14.40 9.08 -38.99
CA PHE B 67 14.03 7.75 -39.47
C PHE B 67 15.09 6.76 -39.02
N SER B 68 14.71 5.87 -38.11
CA SER B 68 15.60 4.86 -37.56
C SER B 68 14.72 3.70 -37.09
N ILE B 69 15.28 2.82 -36.25
CA ILE B 69 14.46 1.79 -35.62
C ILE B 69 13.56 2.35 -34.53
N PHE B 70 13.81 3.58 -34.08
CA PHE B 70 12.98 4.27 -33.11
C PHE B 70 12.18 5.40 -33.75
N ALA B 71 11.93 5.29 -35.06
CA ALA B 71 11.24 6.35 -35.77
C ALA B 71 9.77 6.44 -35.38
N MET B 72 9.18 5.33 -34.93
CA MET B 72 7.79 5.36 -34.49
C MET B 72 7.68 5.75 -33.02
N GLY B 73 8.59 5.27 -32.18
CA GLY B 73 8.59 5.65 -30.78
C GLY B 73 7.54 4.91 -29.96
N VAL B 74 7.13 5.53 -28.87
CA VAL B 74 6.09 5.00 -28.00
C VAL B 74 4.77 5.73 -28.21
N MET B 75 4.65 6.49 -29.30
CA MET B 75 3.35 7.06 -29.68
C MET B 75 2.23 6.03 -29.91
N PRO B 76 2.47 4.84 -30.50
CA PRO B 76 1.40 3.82 -30.44
C PRO B 76 1.04 3.38 -29.02
N TYR B 77 2.01 3.32 -28.10
CA TYR B 77 1.68 3.00 -26.71
C TYR B 77 0.81 4.08 -26.08
N ILE B 78 1.11 5.34 -26.39
CA ILE B 78 0.34 6.47 -25.88
C ILE B 78 -1.09 6.41 -26.40
N THR B 79 -1.26 6.30 -27.73
CA THR B 79 -2.62 6.34 -28.27
C THR B 79 -3.40 5.06 -27.98
N ALA B 80 -2.71 3.92 -27.81
CA ALA B 80 -3.41 2.70 -27.46
C ALA B 80 -3.87 2.73 -26.01
N SER B 81 -3.07 3.31 -25.11
CA SER B 81 -3.54 3.46 -23.74
C SER B 81 -4.63 4.52 -23.64
N ILE B 82 -4.65 5.50 -24.56
CA ILE B 82 -5.79 6.42 -24.65
C ILE B 82 -7.06 5.68 -25.06
N ILE B 83 -6.96 4.80 -26.05
CA ILE B 83 -8.13 4.03 -26.50
C ILE B 83 -8.61 3.07 -25.40
N VAL B 84 -7.67 2.50 -24.64
CA VAL B 84 -8.05 1.62 -23.52
C VAL B 84 -8.68 2.43 -22.38
N GLN B 85 -8.19 3.64 -22.13
CA GLN B 85 -8.80 4.52 -21.14
C GLN B 85 -10.20 4.97 -21.56
N LEU B 86 -10.44 5.09 -22.87
CA LEU B 86 -11.79 5.33 -23.34
C LEU B 86 -12.68 4.10 -23.25
N LEU B 87 -12.10 2.91 -23.41
CA LEU B 87 -12.88 1.68 -23.39
C LEU B 87 -13.07 1.08 -22.00
N GLN B 88 -12.44 1.63 -20.96
CA GLN B 88 -12.72 1.18 -19.59
C GLN B 88 -13.84 2.00 -18.95
N MET B 89 -14.93 2.11 -19.71
CA MET B 89 -16.14 2.80 -19.29
C MET B 89 -17.29 1.89 -19.69
N ASP B 90 -18.50 2.43 -19.72
CA ASP B 90 -19.69 1.67 -20.07
C ASP B 90 -19.77 1.23 -21.57
N VAL B 91 -18.74 1.45 -22.41
CA VAL B 91 -18.79 0.99 -23.79
C VAL B 91 -18.64 -0.53 -23.86
N VAL B 92 -17.51 -1.04 -23.39
CA VAL B 92 -17.24 -2.47 -23.38
C VAL B 92 -17.47 -2.98 -21.97
N PRO B 93 -18.50 -3.81 -21.73
CA PRO B 93 -18.75 -4.30 -20.36
C PRO B 93 -17.67 -5.24 -19.86
N LYS B 94 -16.95 -5.92 -20.75
CA LYS B 94 -15.84 -6.76 -20.33
C LYS B 94 -14.70 -5.92 -19.76
N PHE B 95 -14.39 -4.80 -20.41
CA PHE B 95 -13.35 -3.91 -19.88
C PHE B 95 -13.86 -3.16 -18.65
N ALA B 96 -15.17 -2.93 -18.58
CA ALA B 96 -15.75 -2.28 -17.40
C ALA B 96 -15.66 -3.18 -16.18
N GLU B 97 -15.93 -4.47 -16.33
CA GLU B 97 -15.78 -5.38 -15.20
C GLU B 97 -14.32 -5.71 -14.91
N TRP B 98 -13.43 -5.59 -15.91
CA TRP B 98 -11.99 -5.62 -15.60
C TRP B 98 -11.59 -4.44 -14.74
N SER B 99 -12.11 -3.25 -15.04
CA SER B 99 -11.76 -2.05 -14.29
C SER B 99 -12.38 -2.05 -12.90
N LYS B 100 -13.58 -2.61 -12.76
CA LYS B 100 -14.21 -2.70 -11.45
C LYS B 100 -13.81 -3.95 -10.68
N GLN B 101 -13.04 -4.86 -11.30
CA GLN B 101 -12.53 -6.03 -10.60
C GLN B 101 -11.14 -5.71 -10.06
N GLY B 102 -11.12 -4.82 -9.06
CA GLY B 102 -9.97 -4.47 -8.25
C GLY B 102 -8.67 -4.11 -8.95
N GLU B 103 -7.56 -4.39 -8.28
CA GLU B 103 -6.23 -4.29 -8.85
C GLU B 103 -5.80 -5.63 -9.46
N MET B 104 -6.71 -6.59 -9.54
CA MET B 104 -6.46 -7.89 -10.15
C MET B 104 -6.65 -7.84 -11.66
N GLY B 105 -7.69 -7.16 -12.14
CA GLY B 105 -7.98 -7.09 -13.56
C GLY B 105 -7.25 -6.00 -14.31
N ARG B 106 -6.56 -5.10 -13.61
CA ARG B 106 -5.79 -4.06 -14.28
C ARG B 106 -4.61 -4.64 -15.04
N ARG B 107 -4.05 -5.75 -14.55
CA ARG B 107 -2.97 -6.43 -15.27
C ARG B 107 -3.49 -7.02 -16.57
N LYS B 108 -4.70 -7.58 -16.55
CA LYS B 108 -5.31 -8.12 -17.76
C LYS B 108 -5.66 -7.01 -18.75
N LEU B 109 -6.10 -5.86 -18.23
CA LEU B 109 -6.36 -4.70 -19.07
C LEU B 109 -5.07 -4.16 -19.68
N ALA B 110 -3.97 -4.21 -18.92
CA ALA B 110 -2.68 -3.79 -19.45
C ALA B 110 -2.14 -4.78 -20.48
N GLN B 111 -2.47 -6.07 -20.33
CA GLN B 111 -2.11 -7.04 -21.36
C GLN B 111 -2.86 -6.78 -22.65
N PHE B 112 -4.16 -6.44 -22.55
CA PHE B 112 -4.91 -6.02 -23.73
C PHE B 112 -4.30 -4.76 -24.35
N THR B 113 -3.87 -3.82 -23.50
CA THR B 113 -3.22 -2.60 -23.97
C THR B 113 -1.94 -2.92 -24.74
N ARG B 114 -1.17 -3.90 -24.24
CA ARG B 114 0.08 -4.29 -24.90
C ARG B 114 -0.17 -4.93 -26.25
N TYR B 115 -1.11 -5.88 -26.33
CA TYR B 115 -1.34 -6.55 -27.61
C TYR B 115 -2.02 -5.64 -28.62
N PHE B 116 -2.94 -4.78 -28.15
CA PHE B 116 -3.52 -3.77 -29.03
C PHE B 116 -2.49 -2.77 -29.50
N THR B 117 -1.50 -2.46 -28.66
CA THR B 117 -0.40 -1.60 -29.07
C THR B 117 0.44 -2.25 -30.16
N ILE B 118 0.74 -3.55 -30.00
CA ILE B 118 1.55 -4.26 -30.99
C ILE B 118 0.86 -4.28 -32.34
N VAL B 119 -0.44 -4.58 -32.35
CA VAL B 119 -1.15 -4.63 -33.64
C VAL B 119 -1.36 -3.23 -34.22
N LEU B 120 -1.53 -2.21 -33.35
CA LEU B 120 -1.72 -0.85 -33.85
C LEU B 120 -0.43 -0.27 -34.42
N GLY B 121 0.70 -0.55 -33.78
CA GLY B 121 1.98 -0.15 -34.34
C GLY B 121 2.33 -0.92 -35.60
N PHE B 122 1.92 -2.19 -35.68
CA PHE B 122 2.10 -2.97 -36.90
C PHE B 122 1.29 -2.39 -38.06
N ILE B 123 0.15 -1.78 -37.78
CA ILE B 123 -0.59 -1.10 -38.83
C ILE B 123 0.03 0.25 -39.16
N GLN B 124 0.41 1.03 -38.14
CA GLN B 124 0.85 2.40 -38.35
C GLN B 124 2.23 2.49 -38.98
N ALA B 125 3.09 1.48 -38.77
CA ALA B 125 4.39 1.47 -39.44
C ALA B 125 4.22 1.24 -40.94
N LEU B 126 3.29 0.36 -41.32
CA LEU B 126 2.97 0.15 -42.73
C LEU B 126 2.34 1.40 -43.34
N GLY B 127 1.50 2.09 -42.57
CA GLY B 127 0.93 3.34 -43.05
C GLY B 127 1.97 4.43 -43.27
N MET B 128 2.94 4.53 -42.35
CA MET B 128 4.02 5.50 -42.50
C MET B 128 4.94 5.12 -43.67
N SER B 129 5.14 3.83 -43.91
CA SER B 129 5.95 3.40 -45.05
C SER B 129 5.24 3.70 -46.37
N TYR B 130 3.91 3.53 -46.41
CA TYR B 130 3.14 3.90 -47.59
C TYR B 130 3.18 5.40 -47.83
N GLY B 131 3.10 6.20 -46.77
CA GLY B 131 3.24 7.64 -46.92
C GLY B 131 4.62 8.05 -47.38
N PHE B 132 5.66 7.34 -46.92
CA PHE B 132 7.03 7.65 -47.33
C PHE B 132 7.27 7.32 -48.80
N ASN B 133 6.86 6.14 -49.25
CA ASN B 133 7.11 5.85 -50.67
C ASN B 133 6.04 6.43 -51.59
N ASN B 134 5.02 7.10 -51.05
CA ASN B 134 4.19 7.96 -51.89
C ASN B 134 4.75 9.37 -51.99
N LEU B 135 5.31 9.92 -50.91
CA LEU B 135 5.90 11.24 -50.98
C LEU B 135 7.28 11.24 -51.62
N ALA B 136 7.95 10.09 -51.67
CA ALA B 136 9.23 9.98 -52.34
C ALA B 136 9.10 9.45 -53.77
N GLY B 137 7.89 9.15 -54.22
CA GLY B 137 7.70 8.58 -55.54
C GLY B 137 8.10 7.15 -55.67
N GLY B 138 8.31 6.45 -54.56
CA GLY B 138 8.77 5.07 -54.57
C GLY B 138 10.24 4.90 -54.85
N MET B 139 11.00 5.98 -55.02
CA MET B 139 12.41 5.90 -55.38
C MET B 139 13.30 5.91 -54.13
N LEU B 140 13.05 4.94 -53.25
CA LEU B 140 13.87 4.77 -52.06
C LEU B 140 14.55 3.40 -52.03
N ILE B 141 13.82 2.32 -52.26
CA ILE B 141 14.40 0.99 -52.39
C ILE B 141 13.47 0.16 -53.25
N GLN B 142 14.02 -0.84 -53.93
CA GLN B 142 13.19 -1.79 -54.65
C GLN B 142 12.49 -2.73 -53.66
N ASN B 143 11.41 -3.34 -54.11
CA ASN B 143 10.62 -4.22 -53.26
C ASN B 143 10.52 -5.63 -53.84
N PRO B 144 10.97 -6.66 -53.12
CA PRO B 144 10.69 -8.03 -53.56
C PRO B 144 9.23 -8.42 -53.43
N GLY B 145 8.46 -7.70 -52.63
CA GLY B 145 7.04 -7.96 -52.45
C GLY B 145 6.51 -7.26 -51.21
N ILE B 146 5.57 -7.89 -50.52
CA ILE B 146 5.08 -7.36 -49.25
C ILE B 146 5.99 -7.74 -48.09
N GLY B 147 6.95 -8.65 -48.34
CA GLY B 147 7.82 -9.12 -47.28
C GLY B 147 8.80 -8.07 -46.78
N THR B 148 9.20 -7.15 -47.65
CA THR B 148 10.09 -6.07 -47.20
C THR B 148 9.35 -5.07 -46.31
N TYR B 149 8.07 -4.80 -46.61
CA TYR B 149 7.27 -3.94 -45.74
C TYR B 149 6.94 -4.66 -44.43
N LEU B 150 6.76 -5.97 -44.47
CA LEU B 150 6.57 -6.74 -43.25
C LEU B 150 7.84 -6.73 -42.41
N LEU B 151 9.02 -6.74 -43.05
CA LEU B 151 10.28 -6.65 -42.33
C LEU B 151 10.44 -5.29 -41.68
N ILE B 152 10.07 -4.22 -42.38
CA ILE B 152 10.09 -2.86 -41.81
C ILE B 152 9.14 -2.77 -40.61
N ALA B 153 7.96 -3.39 -40.73
CA ALA B 153 7.01 -3.38 -39.62
C ALA B 153 7.52 -4.16 -38.42
N VAL B 154 8.19 -5.30 -38.66
CA VAL B 154 8.78 -6.07 -37.57
C VAL B 154 9.90 -5.28 -36.89
N VAL B 155 10.72 -4.58 -37.67
CA VAL B 155 11.81 -3.79 -37.09
C VAL B 155 11.28 -2.63 -36.26
N LEU B 156 10.28 -1.91 -36.76
CA LEU B 156 9.73 -0.79 -35.99
C LEU B 156 8.94 -1.26 -34.76
N THR B 157 8.26 -2.42 -34.86
CA THR B 157 7.54 -2.93 -33.70
C THR B 157 8.51 -3.44 -32.63
N ALA B 158 9.61 -4.06 -33.05
CA ALA B 158 10.64 -4.48 -32.11
C ALA B 158 11.35 -3.28 -31.48
N GLY B 159 11.51 -2.19 -32.25
CA GLY B 159 12.05 -0.97 -31.65
C GLY B 159 11.13 -0.35 -30.64
N THR B 160 9.82 -0.37 -30.93
CA THR B 160 8.83 0.11 -29.96
C THR B 160 8.83 -0.73 -28.69
N ALA B 161 8.91 -2.05 -28.83
CA ALA B 161 8.98 -2.93 -27.66
C ALA B 161 10.29 -2.78 -26.91
N PHE B 162 11.37 -2.44 -27.60
CA PHE B 162 12.65 -2.21 -26.92
C PHE B 162 12.62 -0.90 -26.14
N LEU B 163 11.93 0.11 -26.68
CA LEU B 163 11.71 1.34 -25.93
C LEU B 163 10.83 1.10 -24.72
N MET B 164 9.85 0.20 -24.84
CA MET B 164 9.04 -0.19 -23.69
C MET B 164 9.86 -0.90 -22.64
N TRP B 165 10.81 -1.75 -23.06
CA TRP B 165 11.64 -2.45 -22.10
C TRP B 165 12.57 -1.49 -21.38
N LEU B 166 13.12 -0.51 -22.09
CA LEU B 166 13.93 0.53 -21.43
C LEU B 166 13.09 1.39 -20.48
N GLY B 167 11.86 1.71 -20.86
CA GLY B 167 10.97 2.45 -19.97
C GLY B 167 10.61 1.66 -18.73
N GLU B 168 10.44 0.35 -18.86
CA GLU B 168 10.15 -0.47 -17.70
C GLU B 168 11.36 -0.62 -16.80
N GLN B 169 12.57 -0.69 -17.39
CA GLN B 169 13.79 -0.71 -16.57
C GLN B 169 13.98 0.60 -15.82
N ILE B 170 13.66 1.73 -16.44
CA ILE B 170 13.83 3.02 -15.77
C ILE B 170 12.73 3.23 -14.72
N THR B 171 11.51 2.75 -14.96
CA THR B 171 10.51 2.86 -13.90
C THR B 171 10.66 1.80 -12.83
N ALA B 172 11.49 0.77 -13.05
CA ALA B 172 11.76 -0.21 -12.01
C ALA B 172 12.95 0.18 -11.14
N LYS B 173 14.13 0.35 -11.75
CA LYS B 173 15.35 0.60 -10.99
C LYS B 173 15.89 2.02 -11.12
N GLY B 174 15.38 2.81 -12.06
CA GLY B 174 15.85 4.17 -12.20
C GLY B 174 15.12 5.13 -11.27
N VAL B 175 14.60 6.22 -11.81
CA VAL B 175 14.02 7.28 -10.99
C VAL B 175 12.53 7.46 -11.29
N GLY B 176 11.86 6.38 -11.67
CA GLY B 176 10.45 6.43 -12.00
C GLY B 176 10.21 6.82 -13.44
N ASN B 177 8.92 6.80 -13.82
CA ASN B 177 8.26 7.25 -15.06
C ASN B 177 9.10 7.10 -16.33
N GLY B 178 9.49 5.85 -16.61
CA GLY B 178 10.49 5.60 -17.63
C GLY B 178 10.05 5.92 -19.05
N ILE B 179 8.76 5.73 -19.36
CA ILE B 179 8.25 6.08 -20.68
C ILE B 179 8.32 7.59 -20.88
N SER B 180 7.97 8.36 -19.84
CA SER B 180 8.07 9.81 -19.92
C SER B 180 9.52 10.27 -20.01
N ILE B 181 10.44 9.55 -19.38
CA ILE B 181 11.86 9.91 -19.51
C ILE B 181 12.38 9.58 -20.91
N ILE B 182 11.89 8.49 -21.53
CA ILE B 182 12.26 8.18 -22.91
C ILE B 182 11.73 9.25 -23.87
N ILE B 183 10.50 9.72 -23.64
CA ILE B 183 9.94 10.80 -24.47
C ILE B 183 10.73 12.10 -24.27
N PHE B 184 11.10 12.39 -23.02
CA PHE B 184 11.91 13.56 -22.72
C PHE B 184 13.29 13.49 -23.38
N ALA B 185 13.91 12.31 -23.36
CA ALA B 185 15.23 12.15 -23.95
C ALA B 185 15.17 12.22 -25.47
N GLY B 186 14.09 11.72 -26.07
CA GLY B 186 13.90 11.87 -27.50
C GLY B 186 13.64 13.32 -27.90
N ILE B 187 13.04 14.11 -27.01
CA ILE B 187 12.80 15.51 -27.31
C ILE B 187 14.08 16.33 -27.19
N VAL B 188 14.85 16.17 -26.10
CA VAL B 188 15.97 17.08 -25.86
C VAL B 188 17.25 16.59 -26.53
N SER B 189 17.15 15.59 -27.40
CA SER B 189 18.29 15.17 -28.18
C SER B 189 18.39 15.85 -29.54
N GLY B 190 17.39 16.67 -29.90
CA GLY B 190 17.41 17.35 -31.18
C GLY B 190 17.76 18.82 -31.05
N ILE B 191 17.55 19.36 -29.85
CA ILE B 191 17.94 20.74 -29.55
C ILE B 191 19.45 21.01 -29.63
N PRO B 192 20.40 20.05 -29.49
CA PRO B 192 21.77 20.40 -29.95
C PRO B 192 21.90 20.59 -31.45
N THR B 193 21.13 19.85 -32.26
CA THR B 193 21.13 20.12 -33.70
C THR B 193 20.47 21.46 -33.99
N ILE B 194 19.44 21.82 -33.22
CA ILE B 194 18.85 23.15 -33.32
C ILE B 194 19.87 24.23 -32.97
N LEU B 195 20.69 23.97 -31.95
CA LEU B 195 21.67 24.97 -31.52
C LEU B 195 22.83 25.11 -32.52
N ASN B 196 23.31 24.01 -33.11
CA ASN B 196 24.39 24.23 -34.06
C ASN B 196 23.88 24.71 -35.42
N GLN B 197 22.62 24.43 -35.78
CA GLN B 197 22.05 25.08 -36.95
C GLN B 197 21.83 26.57 -36.72
N ILE B 198 21.39 26.97 -35.53
CA ILE B 198 21.20 28.40 -35.29
C ILE B 198 22.54 29.11 -35.05
N TYR B 199 23.59 28.37 -34.66
CA TYR B 199 24.91 28.95 -34.57
C TYR B 199 25.56 29.08 -35.94
N ALA B 200 25.25 28.18 -36.87
CA ALA B 200 25.67 28.37 -38.25
C ALA B 200 24.87 29.48 -38.93
N GLN B 201 23.66 29.69 -38.45
CA GLN B 201 22.81 30.76 -38.95
C GLN B 201 23.44 32.04 -38.43
N GLN B 202 23.89 32.02 -37.18
CA GLN B 202 24.54 33.14 -36.52
C GLN B 202 25.94 32.86 -36.03
N LEU B 212 21.24 42.70 -33.55
CA LEU B 212 20.34 41.58 -33.72
C LEU B 212 21.02 40.28 -33.42
N ARG B 213 22.35 40.28 -33.48
CA ARG B 213 23.13 39.08 -33.19
C ARG B 213 22.93 38.70 -31.74
N ILE B 214 22.91 39.70 -30.86
CA ILE B 214 22.67 39.45 -29.46
C ILE B 214 21.31 40.02 -29.14
N VAL B 215 21.19 41.35 -29.18
CA VAL B 215 19.95 42.05 -28.83
C VAL B 215 18.60 41.46 -29.16
N ARG B 216 18.58 40.60 -30.15
CA ARG B 216 17.44 39.80 -30.59
C ARG B 216 17.42 38.44 -29.91
N LEU B 217 18.60 37.84 -29.73
CA LEU B 217 18.68 36.58 -28.98
C LEU B 217 18.37 36.78 -27.51
N LEU B 218 18.68 37.95 -26.96
CA LEU B 218 18.28 38.26 -25.58
C LEU B 218 16.76 38.38 -25.46
N LEU B 219 16.12 38.99 -26.47
CA LEU B 219 14.66 39.07 -26.51
C LEU B 219 14.05 37.68 -26.62
N VAL B 220 14.64 36.81 -27.45
CA VAL B 220 14.16 35.44 -27.60
C VAL B 220 14.32 34.66 -26.30
N ALA B 221 15.46 34.83 -25.61
CA ALA B 221 15.69 34.11 -24.36
C ALA B 221 14.77 34.60 -23.25
N LEU B 222 14.50 35.92 -23.21
CA LEU B 222 13.54 36.46 -22.25
C LEU B 222 12.14 35.93 -22.52
N ALA B 223 11.76 35.83 -23.80
CA ALA B 223 10.45 35.27 -24.15
C ALA B 223 10.35 33.80 -23.77
N VAL B 224 11.42 33.03 -23.97
CA VAL B 224 11.41 31.60 -23.64
C VAL B 224 11.32 31.41 -22.13
N VAL B 225 12.06 32.23 -21.35
CA VAL B 225 11.99 32.11 -19.89
C VAL B 225 10.63 32.56 -19.35
N ALA B 226 10.01 33.55 -19.99
CA ALA B 226 8.66 33.95 -19.59
C ALA B 226 7.64 32.87 -19.90
N VAL B 227 7.78 32.18 -21.03
CA VAL B 227 6.86 31.09 -21.33
C VAL B 227 7.12 29.89 -20.41
N ILE B 228 8.38 29.66 -20.02
CA ILE B 228 8.71 28.62 -19.05
C ILE B 228 8.04 28.88 -17.71
N VAL B 229 8.14 30.11 -17.20
CA VAL B 229 7.52 30.38 -15.89
C VAL B 229 6.00 30.43 -16.00
N GLY B 230 5.44 30.74 -17.18
CA GLY B 230 4.01 30.59 -17.36
C GLY B 230 3.56 29.14 -17.32
N VAL B 231 4.32 28.25 -17.97
CA VAL B 231 4.00 26.82 -17.95
C VAL B 231 4.14 26.24 -16.54
N ILE B 232 5.15 26.69 -15.78
CA ILE B 232 5.29 26.30 -14.39
C ILE B 232 4.08 26.75 -13.57
N TYR B 233 3.73 28.03 -13.70
CA TYR B 233 2.66 28.63 -12.92
C TYR B 233 1.30 28.06 -13.25
N ILE B 234 1.10 27.50 -14.44
CA ILE B 234 -0.16 26.83 -14.72
C ILE B 234 -0.13 25.35 -14.32
N GLN B 235 0.95 24.62 -14.61
CA GLN B 235 0.94 23.18 -14.34
C GLN B 235 1.03 22.85 -12.86
N GLN B 236 1.80 23.62 -12.09
CA GLN B 236 1.88 23.32 -10.66
C GLN B 236 0.84 24.12 -9.88
N ALA B 237 -0.41 24.08 -10.34
CA ALA B 237 -1.50 24.85 -9.75
C ALA B 237 -2.68 23.92 -9.51
N PHE B 238 -3.10 23.83 -8.25
CA PHE B 238 -4.14 22.89 -7.83
C PHE B 238 -5.30 23.66 -7.23
N ARG B 239 -6.51 23.22 -7.54
CA ARG B 239 -7.71 23.72 -6.87
C ARG B 239 -8.16 22.62 -5.93
N LYS B 240 -7.86 22.78 -4.65
CA LYS B 240 -8.14 21.77 -3.64
C LYS B 240 -9.54 21.97 -3.07
N ILE B 241 -10.29 20.88 -2.99
CA ILE B 241 -11.64 20.87 -2.45
C ILE B 241 -11.59 20.22 -1.08
N PRO B 242 -12.10 20.85 -0.03
CA PRO B 242 -11.97 20.27 1.32
C PRO B 242 -12.88 19.07 1.55
N ILE B 243 -12.30 17.88 1.51
CA ILE B 243 -13.01 16.67 1.86
C ILE B 243 -12.86 16.43 3.35
N GLN B 244 -13.99 16.29 4.05
CA GLN B 244 -13.98 15.96 5.47
C GLN B 244 -14.63 14.61 5.66
N TYR B 245 -13.86 13.65 6.17
CA TYR B 245 -14.49 12.39 6.56
C TYR B 245 -15.27 12.58 7.84
N ALA B 246 -16.30 11.76 8.00
CA ALA B 246 -17.14 11.89 9.20
C ALA B 246 -16.46 11.31 10.42
N LYS B 247 -15.39 10.52 10.24
CA LYS B 247 -14.80 9.66 11.27
C LYS B 247 -14.06 10.43 12.37
N ARG B 248 -14.12 11.74 12.41
CA ARG B 248 -13.55 12.50 13.52
C ARG B 248 -14.49 12.35 14.71
N LEU B 249 -14.10 11.50 15.67
CA LEU B 249 -14.97 11.17 16.79
C LEU B 249 -15.12 12.33 17.76
N GLU B 250 -14.09 13.15 17.90
CA GLU B 250 -14.07 14.23 18.88
C GLU B 250 -13.24 15.35 18.24
N GLY B 251 -12.75 16.28 19.06
CA GLY B 251 -11.71 17.19 18.65
C GLY B 251 -10.48 16.43 18.19
N ARG B 252 -9.80 15.75 19.13
CA ARG B 252 -8.67 14.84 18.93
C ARG B 252 -7.60 15.44 18.01
N ASN B 253 -6.81 16.37 18.58
CA ASN B 253 -5.89 17.41 18.07
C ASN B 253 -6.35 18.06 16.76
N PRO B 254 -7.40 18.91 16.82
CA PRO B 254 -7.78 19.67 15.62
C PRO B 254 -6.75 20.75 15.28
N VAL B 255 -6.02 20.54 14.19
CA VAL B 255 -4.99 21.49 13.78
C VAL B 255 -5.64 22.75 13.22
N GLY B 256 -6.81 22.61 12.60
CA GLY B 256 -7.49 23.73 11.97
C GLY B 256 -7.93 23.35 10.57
N GLY B 257 -7.39 24.02 9.56
CA GLY B 257 -7.56 23.55 8.21
C GLY B 257 -6.78 22.27 8.03
N HIS B 258 -7.50 21.15 7.95
CA HIS B 258 -6.85 19.85 7.96
C HIS B 258 -6.25 19.55 6.60
N SER B 259 -5.19 18.75 6.59
CA SER B 259 -4.46 18.44 5.36
C SER B 259 -5.01 17.20 4.67
N THR B 260 -6.33 17.17 4.46
CA THR B 260 -6.95 16.23 3.55
C THR B 260 -7.89 17.01 2.64
N HIS B 261 -7.81 16.72 1.34
CA HIS B 261 -8.52 17.47 0.31
C HIS B 261 -8.48 16.68 -0.98
N LEU B 262 -9.18 17.20 -1.98
CA LEU B 262 -9.23 16.59 -3.31
C LEU B 262 -8.60 17.58 -4.28
N PRO B 263 -7.33 17.43 -4.62
CA PRO B 263 -6.66 18.42 -5.47
C PRO B 263 -6.98 18.22 -6.95
N LEU B 264 -7.76 19.15 -7.50
CA LEU B 264 -8.02 19.15 -8.93
C LEU B 264 -6.98 20.00 -9.63
N LYS B 265 -6.37 19.45 -10.68
CA LYS B 265 -5.42 20.20 -11.48
C LYS B 265 -6.18 21.21 -12.34
N VAL B 266 -5.51 22.32 -12.69
CA VAL B 266 -6.13 23.33 -13.52
C VAL B 266 -6.34 22.81 -14.94
N ASN B 267 -5.34 22.10 -15.49
CA ASN B 267 -5.44 21.50 -16.82
C ASN B 267 -5.33 19.99 -16.65
N PRO B 268 -6.43 19.29 -16.45
CA PRO B 268 -6.35 17.84 -16.16
C PRO B 268 -6.04 17.00 -17.38
N ALA B 269 -6.20 17.52 -18.58
CA ALA B 269 -6.11 16.70 -19.78
C ALA B 269 -4.69 16.30 -20.13
N GLY B 270 -3.70 17.00 -19.62
CA GLY B 270 -2.31 16.69 -19.96
C GLY B 270 -1.88 17.39 -21.23
N VAL B 271 -1.50 16.62 -22.24
CA VAL B 271 -1.02 17.18 -23.49
C VAL B 271 -1.68 16.46 -24.66
N ILE B 272 -2.41 15.39 -24.35
CA ILE B 272 -3.25 14.60 -25.25
C ILE B 272 -4.15 15.38 -26.23
N PRO B 273 -4.82 16.49 -25.85
CA PRO B 273 -5.62 17.21 -26.85
C PRO B 273 -4.81 17.88 -27.95
N VAL B 274 -3.55 18.23 -27.70
CA VAL B 274 -2.67 18.67 -28.78
C VAL B 274 -2.50 17.57 -29.81
N ILE B 275 -2.33 16.33 -29.34
CA ILE B 275 -2.15 15.18 -30.23
C ILE B 275 -3.43 14.92 -31.00
N PHE B 276 -4.59 15.06 -30.36
CA PHE B 276 -5.87 14.86 -31.03
C PHE B 276 -6.11 15.90 -32.11
N ALA B 277 -5.82 17.17 -31.81
CA ALA B 277 -6.07 18.23 -32.79
C ALA B 277 -5.09 18.13 -33.96
N VAL B 278 -3.83 17.76 -33.69
CA VAL B 278 -2.86 17.56 -34.76
C VAL B 278 -3.26 16.40 -35.65
N SER B 279 -3.73 15.29 -35.04
CA SER B 279 -4.12 14.12 -35.82
C SER B 279 -5.35 14.39 -36.69
N PHE B 280 -6.37 15.02 -36.10
CA PHE B 280 -7.55 15.35 -36.89
C PHE B 280 -7.31 16.49 -37.88
N LEU B 281 -6.24 17.26 -37.71
CA LEU B 281 -5.97 18.31 -38.67
C LEU B 281 -5.07 17.85 -39.80
N ILE B 282 -4.25 16.80 -39.60
CA ILE B 282 -3.41 16.32 -40.69
C ILE B 282 -3.97 15.09 -41.39
N ALA B 283 -5.02 14.47 -40.86
CA ALA B 283 -5.61 13.34 -41.60
C ALA B 283 -6.36 13.70 -42.89
N PRO B 284 -7.13 14.80 -42.99
CA PRO B 284 -7.72 15.16 -44.31
C PRO B 284 -6.69 15.61 -45.34
N PRO B 285 -5.55 16.24 -44.97
CA PRO B 285 -4.46 16.32 -45.98
C PRO B 285 -3.91 14.97 -46.41
N THR B 286 -3.94 13.95 -45.55
CA THR B 286 -3.48 12.63 -45.97
C THR B 286 -4.45 12.01 -46.99
N ILE B 287 -5.76 12.10 -46.74
CA ILE B 287 -6.69 11.55 -47.72
C ILE B 287 -6.80 12.46 -48.95
N ALA B 288 -6.40 13.72 -48.86
CA ALA B 288 -6.30 14.56 -50.05
C ALA B 288 -5.07 14.21 -50.87
N SER B 289 -3.98 13.82 -50.20
CA SER B 289 -2.80 13.35 -50.92
C SER B 289 -3.03 11.99 -51.56
N PHE B 290 -3.92 11.18 -50.97
CA PHE B 290 -4.21 9.87 -51.55
C PHE B 290 -5.00 10.00 -52.85
N PHE B 291 -5.92 10.98 -52.92
CA PHE B 291 -6.75 11.13 -54.10
C PHE B 291 -6.08 11.92 -55.22
N GLY B 292 -4.87 12.42 -55.02
CA GLY B 292 -4.18 13.16 -56.05
C GLY B 292 -4.56 14.64 -56.07
N THR B 293 -4.19 15.28 -57.16
CA THR B 293 -4.41 16.72 -57.32
C THR B 293 -5.84 16.97 -57.75
N ASN B 294 -6.53 17.85 -57.01
CA ASN B 294 -7.90 18.20 -57.29
C ASN B 294 -8.17 19.59 -56.74
N ASP B 295 -9.28 20.19 -57.19
CA ASP B 295 -9.68 21.51 -56.70
C ASP B 295 -10.04 21.44 -55.22
N VAL B 296 -10.79 20.43 -54.81
CA VAL B 296 -11.12 20.27 -53.40
C VAL B 296 -9.89 19.85 -52.60
N THR B 297 -8.93 19.19 -53.25
CA THR B 297 -7.65 18.86 -52.59
C THR B 297 -6.86 20.11 -52.26
N LEU B 298 -6.70 21.00 -53.24
CA LEU B 298 -6.00 22.26 -52.99
C LEU B 298 -6.78 23.16 -52.02
N TRP B 299 -8.12 23.12 -52.08
CA TRP B 299 -8.93 23.88 -51.14
C TRP B 299 -8.76 23.39 -49.70
N ILE B 300 -8.75 22.07 -49.50
CA ILE B 300 -8.62 21.56 -48.15
C ILE B 300 -7.17 21.69 -47.65
N ARG B 301 -6.18 21.74 -48.56
CA ARG B 301 -4.82 22.05 -48.13
C ARG B 301 -4.68 23.51 -47.73
N ARG B 302 -5.39 24.41 -48.42
CA ARG B 302 -5.33 25.82 -48.04
C ARG B 302 -6.13 26.11 -46.77
N THR B 303 -7.22 25.38 -46.53
CA THR B 303 -8.03 25.61 -45.35
C THR B 303 -7.57 24.83 -44.12
N PHE B 304 -6.73 23.82 -44.30
CA PHE B 304 -6.07 23.13 -43.19
C PHE B 304 -4.58 23.45 -43.18
N ASP B 305 -4.25 24.73 -43.40
CA ASP B 305 -2.87 25.14 -43.60
C ASP B 305 -2.06 25.13 -42.30
N TYR B 306 -2.75 25.33 -41.15
CA TYR B 306 -2.24 25.31 -39.77
C TYR B 306 -1.36 26.53 -39.45
N THR B 307 -1.04 27.33 -40.46
CA THR B 307 -0.35 28.61 -40.28
C THR B 307 -1.27 29.79 -40.56
N HIS B 308 -2.13 29.65 -41.59
CA HIS B 308 -3.15 30.66 -41.86
C HIS B 308 -4.21 30.64 -40.77
N PRO B 309 -4.90 31.77 -40.53
CA PRO B 309 -5.91 31.80 -39.47
C PRO B 309 -7.14 30.93 -39.74
N VAL B 310 -7.42 30.60 -41.00
CA VAL B 310 -8.57 29.78 -41.34
C VAL B 310 -8.40 28.36 -40.79
N GLY B 311 -7.19 27.84 -40.80
CA GLY B 311 -6.91 26.55 -40.20
C GLY B 311 -6.58 26.65 -38.73
N MET B 312 -6.04 27.82 -38.33
CA MET B 312 -5.65 28.00 -36.93
C MET B 312 -6.87 28.09 -36.03
N THR B 313 -7.97 28.68 -36.51
CA THR B 313 -9.19 28.72 -35.72
C THR B 313 -9.79 27.33 -35.54
N ILE B 314 -9.68 26.49 -36.58
CA ILE B 314 -10.10 25.10 -36.49
C ILE B 314 -9.23 24.33 -35.50
N TYR B 315 -7.93 24.61 -35.49
CA TYR B 315 -7.02 23.96 -34.56
C TYR B 315 -7.32 24.36 -33.12
N VAL B 316 -7.62 25.64 -32.89
CA VAL B 316 -7.95 26.12 -31.54
C VAL B 316 -9.27 25.54 -31.05
N VAL B 317 -10.29 25.48 -31.93
CA VAL B 317 -11.57 24.97 -31.47
C VAL B 317 -11.53 23.46 -31.25
N LEU B 318 -10.68 22.74 -32.00
CA LEU B 318 -10.49 21.33 -31.70
C LEU B 318 -9.70 21.12 -30.41
N ILE B 319 -8.73 22.00 -30.13
CA ILE B 319 -8.03 21.99 -28.84
C ILE B 319 -9.02 22.15 -27.68
N ILE B 320 -9.92 23.12 -27.79
CA ILE B 320 -10.82 23.42 -26.68
C ILE B 320 -11.85 22.30 -26.49
N ALA B 321 -12.45 21.82 -27.60
CA ALA B 321 -13.46 20.77 -27.50
C ALA B 321 -12.87 19.46 -27.00
N PHE B 322 -11.71 19.06 -27.51
CA PHE B 322 -11.14 17.81 -27.03
C PHE B 322 -10.47 17.93 -25.69
N THR B 323 -10.13 19.14 -25.21
CA THR B 323 -9.63 19.18 -23.85
C THR B 323 -10.77 19.20 -22.84
N TYR B 324 -11.96 19.71 -23.20
CA TYR B 324 -13.14 19.46 -22.36
C TYR B 324 -13.48 17.98 -22.31
N PHE B 325 -13.42 17.30 -23.46
CA PHE B 325 -13.75 15.88 -23.51
C PHE B 325 -12.75 15.04 -22.71
N TYR B 326 -11.46 15.20 -22.96
CA TYR B 326 -10.50 14.37 -22.25
C TYR B 326 -10.32 14.79 -20.80
N ALA B 327 -10.65 16.04 -20.45
CA ALA B 327 -10.69 16.40 -19.04
C ALA B 327 -11.83 15.71 -18.31
N PHE B 328 -12.98 15.56 -18.98
CA PHE B 328 -14.06 14.82 -18.33
C PHE B 328 -13.82 13.33 -18.31
N VAL B 329 -13.04 12.80 -19.26
CA VAL B 329 -12.64 11.40 -19.17
C VAL B 329 -11.62 11.18 -18.07
N GLN B 330 -10.67 12.11 -17.92
CA GLN B 330 -9.60 11.96 -16.94
C GLN B 330 -10.12 12.18 -15.53
N VAL B 331 -10.63 13.37 -15.25
CA VAL B 331 -11.34 13.64 -14.00
C VAL B 331 -12.80 13.30 -14.26
N ASN B 332 -13.27 12.21 -13.68
CA ASN B 332 -14.60 11.68 -13.98
C ASN B 332 -15.50 11.94 -12.79
N PRO B 333 -16.42 12.91 -12.87
CA PRO B 333 -17.20 13.30 -11.69
C PRO B 333 -18.20 12.24 -11.21
N GLU B 334 -18.65 11.36 -12.10
CA GLU B 334 -19.55 10.27 -11.70
C GLU B 334 -18.83 9.30 -10.76
N GLN B 335 -17.69 8.78 -11.21
CA GLN B 335 -16.94 7.82 -10.39
C GLN B 335 -16.31 8.49 -9.19
N MET B 336 -15.99 9.79 -9.29
CA MET B 336 -15.47 10.53 -8.14
C MET B 336 -16.52 10.70 -7.06
N ALA B 337 -17.74 11.10 -7.45
CA ALA B 337 -18.80 11.25 -6.47
C ALA B 337 -19.23 9.92 -5.88
N ASP B 338 -19.20 8.85 -6.69
CA ASP B 338 -19.53 7.53 -6.17
C ASP B 338 -18.46 7.02 -5.21
N ASN B 339 -17.19 7.29 -5.51
CA ASN B 339 -16.11 6.88 -4.61
C ASN B 339 -16.15 7.66 -3.30
N LEU B 340 -16.47 8.96 -3.37
CA LEU B 340 -16.63 9.74 -2.16
C LEU B 340 -17.84 9.29 -1.36
N LYS B 341 -18.90 8.82 -2.01
CA LYS B 341 -20.04 8.31 -1.26
C LYS B 341 -19.73 6.98 -0.60
N LYS B 342 -18.97 6.12 -1.28
CA LYS B 342 -18.63 4.81 -0.70
C LYS B 342 -17.63 4.95 0.45
N GLN B 343 -16.66 5.84 0.31
CA GLN B 343 -15.66 5.97 1.38
C GLN B 343 -16.15 6.78 2.56
N GLY B 344 -17.26 7.50 2.44
CA GLY B 344 -17.74 8.36 3.50
C GLY B 344 -17.35 9.82 3.35
N GLY B 345 -16.50 10.15 2.39
CA GLY B 345 -16.06 11.51 2.21
C GLY B 345 -17.11 12.44 1.63
N TYR B 346 -17.40 13.50 2.34
CA TYR B 346 -18.33 14.50 1.84
C TYR B 346 -17.67 15.86 1.84
N ILE B 347 -18.29 16.78 1.11
CA ILE B 347 -17.89 18.18 1.10
C ILE B 347 -18.82 18.86 2.09
N PRO B 348 -18.33 19.77 2.94
CA PRO B 348 -19.20 20.42 3.92
C PRO B 348 -20.30 21.26 3.29
N GLY B 349 -21.54 20.79 3.44
CA GLY B 349 -22.69 21.39 2.82
C GLY B 349 -23.20 20.65 1.61
N ILE B 350 -22.47 19.64 1.13
CA ILE B 350 -22.79 18.97 -0.13
C ILE B 350 -23.03 17.49 0.16
N ARG B 351 -24.20 16.99 -0.25
CA ARG B 351 -24.54 15.59 -0.05
C ARG B 351 -23.67 14.69 -0.95
N PRO B 352 -23.43 13.44 -0.54
CA PRO B 352 -22.45 12.61 -1.25
C PRO B 352 -22.95 11.96 -2.54
N GLY B 353 -24.26 11.90 -2.78
CA GLY B 353 -24.73 11.12 -3.90
C GLY B 353 -24.62 11.77 -5.27
N LYS B 354 -25.35 12.86 -5.47
CA LYS B 354 -25.44 13.50 -6.77
C LYS B 354 -25.15 14.99 -6.72
N ASN B 355 -25.37 15.65 -5.58
CA ASN B 355 -24.94 17.04 -5.42
C ASN B 355 -23.43 17.16 -5.45
N THR B 356 -22.71 16.11 -5.02
CA THR B 356 -21.26 16.11 -5.13
C THR B 356 -20.82 16.01 -6.59
N GLN B 357 -21.51 15.20 -7.39
CA GLN B 357 -21.22 15.13 -8.82
C GLN B 357 -21.49 16.47 -9.51
N GLU B 358 -22.61 17.12 -9.18
CA GLU B 358 -22.93 18.41 -9.79
C GLU B 358 -21.93 19.49 -9.35
N TYR B 359 -21.53 19.48 -8.08
CA TYR B 359 -20.59 20.47 -7.56
C TYR B 359 -19.21 20.30 -8.20
N VAL B 360 -18.72 19.06 -8.28
CA VAL B 360 -17.42 18.80 -8.88
C VAL B 360 -17.43 19.12 -10.37
N THR B 361 -18.52 18.80 -11.08
CA THR B 361 -18.52 19.09 -12.50
C THR B 361 -18.71 20.57 -12.80
N ARG B 362 -19.35 21.34 -11.91
CA ARG B 362 -19.41 22.78 -12.16
C ARG B 362 -18.24 23.53 -11.52
N ILE B 363 -17.34 22.82 -10.83
CA ILE B 363 -15.99 23.35 -10.61
C ILE B 363 -15.10 23.07 -11.83
N LEU B 364 -15.24 21.88 -12.40
CA LEU B 364 -14.37 21.47 -13.48
C LEU B 364 -14.71 22.20 -14.79
N TYR B 365 -15.98 22.58 -14.97
CA TYR B 365 -16.37 23.54 -16.01
C TYR B 365 -15.56 24.81 -15.96
N ARG B 366 -15.29 25.32 -14.75
CA ARG B 366 -14.61 26.60 -14.61
C ARG B 366 -13.10 26.44 -14.70
N LEU B 367 -12.56 25.29 -14.29
CA LEU B 367 -11.12 25.11 -14.36
C LEU B 367 -10.64 24.76 -15.77
N THR B 368 -11.39 23.93 -16.49
CA THR B 368 -10.89 23.49 -17.78
C THR B 368 -11.06 24.52 -18.88
N LEU B 369 -11.79 25.62 -18.65
CA LEU B 369 -11.74 26.75 -19.57
C LEU B 369 -10.38 27.42 -19.55
N VAL B 370 -9.83 27.63 -18.35
CA VAL B 370 -8.48 28.19 -18.21
C VAL B 370 -7.45 27.22 -18.75
N GLY B 371 -7.63 25.92 -18.47
CA GLY B 371 -6.74 24.92 -19.05
C GLY B 371 -6.81 24.87 -20.56
N SER B 372 -8.00 25.07 -21.13
CA SER B 372 -8.21 25.09 -22.56
C SER B 372 -7.49 26.26 -23.21
N LEU B 373 -7.67 27.46 -22.66
CA LEU B 373 -7.08 28.65 -23.26
C LEU B 373 -5.55 28.63 -23.11
N PHE B 374 -5.04 28.12 -21.98
CA PHE B 374 -3.60 27.99 -21.81
C PHE B 374 -3.00 27.00 -22.81
N LEU B 375 -3.63 25.82 -22.97
CA LEU B 375 -3.05 24.82 -23.85
C LEU B 375 -3.24 25.20 -25.31
N ALA B 376 -4.28 25.96 -25.64
CA ALA B 376 -4.42 26.50 -26.99
C ALA B 376 -3.36 27.56 -27.28
N PHE B 377 -3.03 28.40 -26.29
CA PHE B 377 -1.99 29.40 -26.45
C PHE B 377 -0.62 28.75 -26.67
N ILE B 378 -0.29 27.73 -25.87
CA ILE B 378 0.99 27.06 -26.04
C ILE B 378 1.00 26.21 -27.31
N ALA B 379 -0.17 25.77 -27.79
CA ALA B 379 -0.21 25.04 -29.05
C ALA B 379 -0.02 25.94 -30.26
N VAL B 380 -0.56 27.16 -30.24
CA VAL B 380 -0.35 28.09 -31.35
C VAL B 380 0.87 28.98 -31.16
N LEU B 381 1.60 28.80 -30.05
CA LEU B 381 2.85 29.52 -29.84
C LEU B 381 3.93 29.32 -30.91
N PRO B 382 4.26 28.10 -31.39
CA PRO B 382 5.45 28.00 -32.28
C PRO B 382 5.29 28.65 -33.64
N VAL B 383 4.07 28.69 -34.20
CA VAL B 383 3.92 29.30 -35.52
C VAL B 383 4.06 30.83 -35.43
N PHE B 384 3.50 31.44 -34.38
CA PHE B 384 3.71 32.88 -34.18
C PHE B 384 5.15 33.18 -33.78
N PHE B 385 5.79 32.25 -33.06
CA PHE B 385 7.17 32.44 -32.63
C PHE B 385 8.11 32.44 -33.83
N VAL B 386 7.94 31.48 -34.75
CA VAL B 386 8.78 31.44 -35.94
C VAL B 386 8.46 32.60 -36.87
N ASN B 387 7.17 32.92 -37.06
CA ASN B 387 6.80 33.99 -37.97
C ASN B 387 7.17 35.38 -37.47
N PHE B 388 7.36 35.56 -36.16
CA PHE B 388 7.76 36.86 -35.63
C PHE B 388 9.18 36.87 -35.09
N ALA B 389 9.91 35.76 -35.19
CA ALA B 389 11.34 35.75 -34.89
C ALA B 389 12.19 35.65 -36.14
N ASN B 390 11.85 34.72 -37.05
CA ASN B 390 12.35 34.56 -38.42
C ASN B 390 13.81 34.08 -38.48
N LEU B 391 14.52 34.01 -37.37
CA LEU B 391 15.91 33.56 -37.37
C LEU B 391 16.04 32.03 -37.36
N PRO B 392 15.29 31.24 -36.59
CA PRO B 392 15.38 29.78 -36.78
C PRO B 392 14.45 29.31 -37.88
N PRO B 393 14.90 28.36 -38.71
CA PRO B 393 14.04 27.86 -39.79
C PRO B 393 12.93 26.92 -39.32
N SER B 394 13.25 25.97 -38.43
CA SER B 394 12.30 24.93 -38.07
C SER B 394 12.36 24.58 -36.59
N ALA B 395 12.66 25.54 -35.73
CA ALA B 395 12.77 25.30 -34.29
C ALA B 395 11.41 25.53 -33.64
N GLN B 396 10.76 24.45 -33.21
CA GLN B 396 9.51 24.54 -32.47
C GLN B 396 9.84 24.60 -30.99
N ILE B 397 9.71 25.80 -30.40
CA ILE B 397 9.99 25.97 -28.98
C ILE B 397 8.79 25.54 -28.14
N GLY B 398 7.61 26.07 -28.44
CA GLY B 398 6.41 25.73 -27.71
C GLY B 398 5.80 24.41 -28.15
N GLY B 399 4.48 24.34 -28.08
CA GLY B 399 3.77 23.14 -28.47
C GLY B 399 3.72 22.09 -27.39
N THR B 400 3.85 20.82 -27.77
CA THR B 400 3.76 19.74 -26.81
C THR B 400 5.07 19.50 -26.06
N SER B 401 6.21 19.70 -26.72
CA SER B 401 7.50 19.28 -26.18
C SER B 401 7.89 20.13 -24.97
N LEU B 402 7.41 21.36 -24.92
CA LEU B 402 7.65 22.23 -23.77
C LEU B 402 6.98 21.65 -22.52
N LEU B 403 5.71 21.26 -22.65
CA LEU B 403 4.98 20.65 -21.54
C LEU B 403 5.61 19.33 -21.13
N ILE B 404 6.13 18.56 -22.09
CA ILE B 404 6.77 17.28 -21.76
C ILE B 404 8.04 17.50 -20.96
N VAL B 405 8.89 18.45 -21.40
CA VAL B 405 10.15 18.75 -20.70
C VAL B 405 9.87 19.24 -19.28
N VAL B 406 8.92 20.16 -19.14
CA VAL B 406 8.58 20.73 -17.83
C VAL B 406 8.04 19.65 -16.89
N GLY B 407 7.11 18.83 -17.38
CA GLY B 407 6.51 17.81 -16.52
C GLY B 407 7.49 16.74 -16.08
N VAL B 408 8.33 16.25 -17.00
CA VAL B 408 9.27 15.19 -16.65
C VAL B 408 10.35 15.72 -15.71
N ALA B 409 10.82 16.95 -15.93
CA ALA B 409 11.85 17.53 -15.07
C ALA B 409 11.34 17.74 -13.65
N LEU B 410 10.15 18.35 -13.51
CA LEU B 410 9.61 18.59 -12.18
C LEU B 410 9.26 17.31 -11.45
N GLU B 411 8.74 16.31 -12.17
CA GLU B 411 8.34 15.07 -11.50
C GLU B 411 9.57 14.27 -11.05
N THR B 412 10.63 14.26 -11.87
CA THR B 412 11.84 13.55 -11.49
C THR B 412 12.52 14.22 -10.29
N MET B 413 12.56 15.55 -10.27
CA MET B 413 13.21 16.23 -9.15
C MET B 413 12.39 16.13 -7.86
N LYS B 414 11.05 16.11 -7.97
CA LYS B 414 10.24 15.85 -6.77
C LYS B 414 10.44 14.42 -6.26
N GLN B 415 10.63 13.46 -7.17
CA GLN B 415 10.90 12.09 -6.76
C GLN B 415 12.23 11.98 -6.01
N LEU B 416 13.28 12.65 -6.50
CA LEU B 416 14.57 12.59 -5.80
C LEU B 416 14.55 13.33 -4.46
N GLU B 417 13.86 14.48 -4.40
CA GLU B 417 13.72 15.18 -3.13
C GLU B 417 12.93 14.36 -2.11
N SER B 418 11.95 13.59 -2.56
CA SER B 418 11.24 12.71 -1.64
C SER B 418 12.10 11.53 -1.19
N GLN B 419 12.96 11.01 -2.09
CA GLN B 419 13.86 9.94 -1.69
C GLN B 419 14.91 10.40 -0.68
N LEU B 420 15.25 11.69 -0.67
CA LEU B 420 16.14 12.18 0.39
C LEU B 420 15.39 12.53 1.68
N VAL B 421 14.17 13.08 1.55
CA VAL B 421 13.43 13.48 2.74
C VAL B 421 12.87 12.26 3.46
N LYS B 422 12.84 11.10 2.80
CA LYS B 422 12.65 9.84 3.53
C LYS B 422 13.84 9.54 4.43
N ARG B 423 15.05 9.96 4.04
CA ARG B 423 16.23 9.56 4.79
C ARG B 423 16.48 10.47 5.99
N HIS B 424 16.28 11.78 5.83
CA HIS B 424 16.82 12.73 6.81
C HIS B 424 15.98 12.87 8.09
N TYR B 425 15.75 11.75 8.79
CA TYR B 425 15.11 11.78 10.10
C TYR B 425 16.11 12.17 11.19
N ARG B 426 15.69 13.07 12.09
CA ARG B 426 16.59 13.69 13.05
C ARG B 426 16.46 13.12 14.46
N GLY B 427 15.29 13.25 15.09
CA GLY B 427 15.13 12.89 16.49
C GLY B 427 15.17 14.12 17.39
N PHE B 428 15.09 13.88 18.70
CA PHE B 428 15.02 14.97 19.66
C PHE B 428 16.10 14.91 20.74
N ILE B 429 17.07 14.00 20.64
CA ILE B 429 18.02 13.83 21.74
C ILE B 429 19.23 14.74 21.64
N LYS B 430 19.71 15.01 20.43
CA LYS B 430 20.90 15.82 20.13
C LYS B 430 22.16 15.40 20.91
N GLN C 2 -28.25 36.91 -18.22
CA GLN C 2 -27.12 36.79 -19.14
C GLN C 2 -26.21 35.64 -18.74
N ARG C 3 -26.00 34.70 -19.66
CA ARG C 3 -25.17 33.53 -19.36
C ARG C 3 -23.69 33.88 -19.42
N VAL C 4 -23.29 34.71 -20.39
CA VAL C 4 -21.87 34.90 -20.69
C VAL C 4 -21.19 35.71 -19.60
N THR C 5 -21.80 36.83 -19.20
CA THR C 5 -21.22 37.70 -18.19
C THR C 5 -21.20 37.02 -16.82
N ASN C 6 -22.28 36.32 -16.47
CA ASN C 6 -22.34 35.63 -15.19
C ASN C 6 -21.37 34.45 -15.14
N PHE C 7 -21.23 33.73 -16.26
CA PHE C 7 -20.27 32.64 -16.33
C PHE C 7 -18.83 33.14 -16.22
N PHE C 8 -18.52 34.27 -16.87
CA PHE C 8 -17.17 34.80 -16.77
C PHE C 8 -16.88 35.38 -15.40
N LYS C 9 -17.90 35.92 -14.73
CA LYS C 9 -17.74 36.33 -13.33
C LYS C 9 -17.48 35.12 -12.44
N GLU C 10 -18.17 34.00 -12.70
CA GLU C 10 -17.90 32.77 -11.94
C GLU C 10 -16.50 32.25 -12.19
N VAL C 11 -16.01 32.35 -13.43
CA VAL C 11 -14.65 31.88 -13.73
C VAL C 11 -13.61 32.76 -13.04
N VAL C 12 -13.75 34.08 -13.13
CA VAL C 12 -12.77 34.98 -12.54
C VAL C 12 -12.88 34.99 -11.01
N ARG C 13 -14.02 34.58 -10.45
CA ARG C 13 -14.13 34.41 -9.01
C ARG C 13 -13.51 33.08 -8.57
N GLU C 14 -13.66 32.04 -9.38
CA GLU C 14 -13.12 30.73 -9.06
C GLU C 14 -11.61 30.69 -9.19
N LEU C 15 -11.02 31.56 -10.03
CA LEU C 15 -9.57 31.61 -10.16
C LEU C 15 -8.87 32.24 -8.95
N LYS C 16 -9.60 32.74 -7.97
CA LYS C 16 -9.01 33.23 -6.74
C LYS C 16 -8.88 32.14 -5.68
N LYS C 17 -9.33 30.91 -5.97
CA LYS C 17 -9.33 29.82 -5.01
C LYS C 17 -8.48 28.65 -5.50
N VAL C 18 -7.41 28.93 -6.24
CA VAL C 18 -6.49 27.93 -6.74
C VAL C 18 -5.17 28.10 -6.03
N SER C 19 -4.54 26.99 -5.62
CA SER C 19 -3.26 27.04 -4.93
C SER C 19 -2.15 27.31 -5.94
N TRP C 20 -1.94 28.60 -6.23
CA TRP C 20 -0.89 29.00 -7.16
C TRP C 20 0.47 28.87 -6.49
N PRO C 21 1.54 28.68 -7.27
CA PRO C 21 2.89 28.74 -6.67
C PRO C 21 3.26 30.16 -6.33
N ASN C 22 4.00 30.32 -5.24
CA ASN C 22 4.52 31.62 -4.85
C ASN C 22 5.86 31.85 -5.53
N ARG C 23 6.52 32.97 -5.19
CA ARG C 23 7.64 33.46 -6.00
C ARG C 23 8.89 32.61 -5.81
N LYS C 24 9.17 32.18 -4.58
CA LYS C 24 10.40 31.42 -4.34
C LYS C 24 10.29 29.99 -4.89
N GLU C 25 9.11 29.37 -4.79
CA GLU C 25 8.90 28.08 -5.44
C GLU C 25 8.88 28.21 -6.95
N LEU C 26 8.41 29.35 -7.46
CA LEU C 26 8.40 29.59 -8.90
C LEU C 26 9.81 29.72 -9.46
N VAL C 27 10.68 30.48 -8.77
CA VAL C 27 12.05 30.65 -9.27
C VAL C 27 12.85 29.38 -9.03
N ASN C 28 12.54 28.60 -7.98
CA ASN C 28 13.21 27.32 -7.79
C ASN C 28 12.81 26.33 -8.87
N TYR C 29 11.54 26.30 -9.24
CA TYR C 29 11.07 25.39 -10.30
C TYR C 29 11.65 25.78 -11.65
N THR C 30 11.70 27.08 -11.97
CA THR C 30 12.25 27.43 -13.27
C THR C 30 13.78 27.27 -13.31
N ALA C 31 14.45 27.38 -12.16
CA ALA C 31 15.87 27.05 -12.12
C ALA C 31 16.10 25.57 -12.31
N VAL C 32 15.23 24.74 -11.73
CA VAL C 32 15.27 23.29 -11.94
C VAL C 32 15.07 22.95 -13.41
N VAL C 33 14.08 23.57 -14.07
CA VAL C 33 13.76 23.26 -15.46
C VAL C 33 14.90 23.70 -16.39
N LEU C 34 15.41 24.93 -16.19
CA LEU C 34 16.50 25.42 -17.03
C LEU C 34 17.79 24.63 -16.82
N ALA C 35 18.09 24.26 -15.57
CA ALA C 35 19.30 23.48 -15.30
C ALA C 35 19.19 22.08 -15.87
N THR C 36 18.02 21.46 -15.80
CA THR C 36 17.82 20.13 -16.35
C THR C 36 17.93 20.14 -17.86
N VAL C 37 17.30 21.11 -18.53
CA VAL C 37 17.36 21.12 -19.99
C VAL C 37 18.76 21.51 -20.48
N ALA C 38 19.49 22.35 -19.73
CA ALA C 38 20.84 22.70 -20.13
C ALA C 38 21.81 21.54 -19.94
N PHE C 39 21.68 20.82 -18.81
CA PHE C 39 22.51 19.65 -18.56
C PHE C 39 22.25 18.55 -19.57
N PHE C 40 21.00 18.38 -19.99
CA PHE C 40 20.75 17.36 -21.00
C PHE C 40 21.12 17.78 -22.42
N THR C 41 21.09 19.09 -22.74
CA THR C 41 21.68 19.54 -24.01
C THR C 41 23.17 19.23 -24.06
N VAL C 42 23.89 19.54 -22.97
CA VAL C 42 25.32 19.24 -22.91
C VAL C 42 25.57 17.74 -22.96
N PHE C 43 24.74 16.96 -22.25
CA PHE C 43 24.92 15.52 -22.14
C PHE C 43 24.68 14.83 -23.49
N PHE C 44 23.56 15.12 -24.15
CA PHE C 44 23.31 14.52 -25.45
C PHE C 44 24.20 15.10 -26.54
N ALA C 45 24.75 16.31 -26.37
CA ALA C 45 25.72 16.81 -27.34
C ALA C 45 27.04 16.06 -27.24
N VAL C 46 27.49 15.77 -26.00
CA VAL C 46 28.69 14.97 -25.80
C VAL C 46 28.49 13.56 -26.35
N ILE C 47 27.31 12.96 -26.12
CA ILE C 47 27.07 11.62 -26.63
C ILE C 47 26.91 11.63 -28.16
N ASP C 48 26.37 12.71 -28.72
CA ASP C 48 26.28 12.83 -30.18
C ASP C 48 27.66 12.92 -30.81
N LEU C 49 28.56 13.72 -30.21
CA LEU C 49 29.93 13.81 -30.70
C LEU C 49 30.68 12.50 -30.52
N GLY C 50 30.42 11.78 -29.43
CA GLY C 50 31.10 10.52 -29.20
C GLY C 50 30.66 9.42 -30.14
N ILE C 51 29.36 9.32 -30.40
CA ILE C 51 28.86 8.33 -31.36
C ILE C 51 29.25 8.73 -32.78
N SER C 52 29.37 10.04 -33.06
CA SER C 52 29.87 10.47 -34.36
C SER C 52 31.33 10.07 -34.56
N GLN C 53 32.17 10.23 -33.53
CA GLN C 53 33.55 9.78 -33.61
C GLN C 53 33.63 8.25 -33.72
N LEU C 54 32.74 7.53 -33.04
CA LEU C 54 32.78 6.07 -33.09
C LEU C 54 32.35 5.55 -34.45
N ILE C 55 31.33 6.16 -35.06
CA ILE C 55 30.91 5.74 -36.39
C ILE C 55 31.86 6.26 -37.47
N ARG C 56 32.65 7.30 -37.16
CA ARG C 56 33.69 7.73 -38.08
C ARG C 56 34.88 6.78 -38.04
N LEU C 57 35.23 6.28 -36.86
CA LEU C 57 36.38 5.39 -36.73
C LEU C 57 36.05 3.98 -37.18
N VAL C 58 35.00 3.38 -36.61
CA VAL C 58 34.73 1.96 -36.86
C VAL C 58 34.04 1.77 -38.21
N PHE C 59 33.05 2.62 -38.51
CA PHE C 59 32.12 2.55 -39.66
C PHE C 59 31.68 1.14 -40.09
N ALA D 2 -22.36 10.72 -23.87
CA ALA D 2 -23.37 9.67 -23.79
C ALA D 2 -22.83 8.35 -24.32
N LYS D 3 -23.70 7.34 -24.36
CA LYS D 3 -23.29 6.01 -24.79
C LYS D 3 -23.02 5.95 -26.28
N LYS D 4 -23.77 6.69 -27.09
CA LYS D 4 -23.46 6.80 -28.51
C LYS D 4 -22.23 7.68 -28.72
N THR D 5 -22.08 8.71 -27.89
CA THR D 5 -20.99 9.67 -28.04
C THR D 5 -19.63 9.03 -27.75
N ALA D 6 -19.56 8.19 -26.72
CA ALA D 6 -18.29 7.57 -26.35
C ALA D 6 -17.81 6.57 -27.39
N ILE D 7 -18.72 5.76 -27.94
CA ILE D 7 -18.32 4.83 -28.98
C ILE D 7 -18.04 5.56 -30.30
N ALA D 8 -18.72 6.70 -30.54
CA ALA D 8 -18.43 7.48 -31.74
C ALA D 8 -17.03 8.09 -31.69
N ILE D 9 -16.65 8.62 -30.52
CA ILE D 9 -15.31 9.18 -30.36
C ILE D 9 -14.25 8.07 -30.39
N ALA D 10 -14.55 6.90 -29.79
CA ALA D 10 -13.60 5.79 -29.81
C ALA D 10 -13.40 5.21 -31.21
N VAL D 11 -14.43 5.28 -32.06
CA VAL D 11 -14.24 4.91 -33.46
C VAL D 11 -13.48 5.99 -34.22
N ALA D 12 -13.84 7.27 -34.01
CA ALA D 12 -13.30 8.35 -34.82
C ALA D 12 -11.82 8.60 -34.57
N LEU D 13 -11.40 8.52 -33.29
CA LEU D 13 -10.00 8.76 -32.96
C LEU D 13 -9.10 7.66 -33.52
N ALA D 14 -9.50 6.39 -33.36
CA ALA D 14 -8.71 5.29 -33.89
C ALA D 14 -8.71 5.29 -35.42
N GLY D 15 -9.83 5.64 -36.04
CA GLY D 15 -9.89 5.66 -37.49
C GLY D 15 -9.04 6.75 -38.10
N PHE D 16 -9.12 7.97 -37.56
CA PHE D 16 -8.29 9.03 -38.11
C PHE D 16 -6.84 8.94 -37.66
N ALA D 17 -6.54 8.23 -36.57
CA ALA D 17 -5.15 7.92 -36.28
C ALA D 17 -4.59 6.88 -37.25
N THR D 18 -5.43 5.92 -37.66
CA THR D 18 -5.04 4.98 -38.71
C THR D 18 -4.84 5.70 -40.05
N VAL D 19 -5.65 6.73 -40.31
CA VAL D 19 -5.47 7.55 -41.52
C VAL D 19 -4.16 8.34 -41.45
N ALA D 20 -3.98 9.11 -40.37
CA ALA D 20 -2.81 9.97 -40.19
C ALA D 20 -1.63 9.23 -39.55
N SER D 21 -1.58 7.90 -39.68
CA SER D 21 -0.37 7.13 -39.39
C SER D 21 0.86 7.71 -40.09
N TYR D 22 0.70 8.17 -41.33
CA TYR D 22 1.71 9.06 -41.90
C TYR D 22 1.57 10.41 -41.22
N ALA D 23 2.37 10.63 -40.18
CA ALA D 23 2.28 11.83 -39.37
C ALA D 23 3.59 12.62 -39.47
N GLN D 24 3.57 13.80 -38.85
CA GLN D 24 4.69 14.76 -38.83
C GLN D 24 5.12 15.14 -40.24
N TYR D 25 4.19 15.73 -40.99
CA TYR D 25 4.48 16.17 -42.34
C TYR D 25 5.36 17.42 -42.33
N GLU D 26 5.12 18.33 -41.40
CA GLU D 26 5.92 19.55 -41.29
C GLU D 26 6.23 19.94 -39.86
N ASP D 27 5.86 19.12 -38.88
CA ASP D 27 5.99 19.47 -37.47
C ASP D 27 6.46 18.24 -36.70
N GLY D 28 6.33 18.29 -35.37
CA GLY D 28 6.67 17.16 -34.53
C GLY D 28 5.87 17.14 -33.24
N CYS D 29 5.33 15.98 -32.88
CA CYS D 29 4.51 15.83 -31.69
C CYS D 29 4.82 14.50 -31.02
N SER D 30 4.88 14.51 -29.69
CA SER D 30 5.27 13.33 -28.93
C SER D 30 4.15 12.78 -28.05
N GLY D 31 3.60 13.59 -27.14
CA GLY D 31 2.54 13.13 -26.26
C GLY D 31 3.07 12.44 -25.02
N GLU D 32 2.16 12.27 -24.05
CA GLU D 32 2.47 11.68 -22.75
C GLU D 32 1.19 11.15 -22.16
N LEU D 33 1.29 10.22 -21.22
CA LEU D 33 0.12 9.78 -20.47
C LEU D 33 0.48 9.72 -18.99
N GLU D 34 -0.28 10.44 -18.17
CA GLU D 34 -0.13 10.39 -16.72
C GLU D 34 -1.28 9.61 -16.09
N SER D 48 -12.30 -4.93 10.60
CA SER D 48 -12.34 -3.60 11.19
C SER D 48 -11.59 -3.57 12.52
N GLY D 49 -10.56 -2.74 12.55
CA GLY D 49 -9.61 -2.65 13.65
C GLY D 49 -10.05 -2.50 15.05
N TYR D 50 -9.55 -3.34 15.94
CA TYR D 50 -9.92 -3.23 17.33
C TYR D 50 -8.71 -3.17 18.23
N TYR D 51 -8.89 -2.66 19.40
CA TYR D 51 -7.77 -2.36 20.27
C TYR D 51 -7.85 -3.18 21.55
N TYR D 52 -6.76 -3.25 22.28
CA TYR D 52 -6.67 -3.90 23.57
C TYR D 52 -6.50 -2.77 24.54
N TYR D 53 -7.26 -2.72 25.60
CA TYR D 53 -7.20 -1.59 26.52
C TYR D 53 -6.04 -1.54 27.51
N SER D 54 -5.69 -0.35 27.97
CA SER D 54 -4.69 0.02 29.01
C SER D 54 -3.26 0.16 28.63
N GLY D 55 -2.44 0.82 29.44
CA GLY D 55 -1.06 0.97 29.06
C GLY D 55 -0.10 1.14 30.21
MG MG E . 0.68 -27.79 15.08
BE BEF F . 0.07 -28.87 11.56
F1 BEF F . -1.28 -29.57 11.22
F2 BEF F . 0.70 -28.20 10.29
F3 BEF F . -0.21 -27.83 12.68
PB ADP G . 1.41 -30.74 13.20
O1B ADP G . 0.31 -30.31 12.28
O2B ADP G . 1.47 -29.90 14.43
O3B ADP G . 2.67 -31.10 12.53
PA ADP G . 1.44 -32.62 15.24
O1A ADP G . 2.90 -32.68 15.36
O2A ADP G . 0.63 -31.91 16.26
O3A ADP G . 1.00 -32.15 13.79
O5' ADP G . 0.93 -34.10 15.28
C5' ADP G . 1.56 -35.11 14.54
C4' ADP G . 1.29 -36.37 15.30
O4' ADP G . 2.33 -37.29 15.00
C3' ADP G . 1.39 -36.14 16.78
O3' ADP G . 0.33 -36.83 17.41
C2' ADP G . 2.63 -36.78 17.27
O2' ADP G . 2.28 -37.50 18.43
C1' ADP G . 2.98 -37.74 16.18
N9 ADP G . 4.43 -37.72 15.92
C8 ADP G . 5.14 -36.66 15.58
N7 ADP G . 6.44 -36.99 15.40
C5 ADP G . 6.54 -38.29 15.63
C6 ADP G . 7.62 -39.27 15.63
N6 ADP G . 8.86 -38.89 15.34
N1 ADP G . 7.33 -40.54 15.92
C2 ADP G . 6.08 -40.91 16.22
N3 ADP G . 5.05 -40.07 16.24
C4 ADP G . 5.22 -38.77 15.97
#